data_2CWY
# 
_entry.id   2CWY 
# 
_audit_conform.dict_name       mmcif_pdbx.dic 
_audit_conform.dict_version    5.398 
_audit_conform.dict_location   http://mmcif.pdb.org/dictionaries/ascii/mmcif_pdbx.dic 
# 
loop_
_database_2.database_id 
_database_2.database_code 
_database_2.pdbx_database_accession 
_database_2.pdbx_DOI 
PDB   2CWY         pdb_00002cwy 10.2210/pdb2cwy/pdb 
RCSB  RCSB024719   ?            ?                   
WWPDB D_1000024719 ?            ?                   
# 
loop_
_pdbx_audit_revision_history.ordinal 
_pdbx_audit_revision_history.data_content_type 
_pdbx_audit_revision_history.major_revision 
_pdbx_audit_revision_history.minor_revision 
_pdbx_audit_revision_history.revision_date 
1 'Structure model' 1 0 2005-12-27 
2 'Structure model' 1 1 2008-04-30 
3 'Structure model' 1 2 2011-07-13 
4 'Structure model' 1 3 2024-11-13 
# 
_pdbx_audit_revision_details.ordinal             1 
_pdbx_audit_revision_details.revision_ordinal    1 
_pdbx_audit_revision_details.data_content_type   'Structure model' 
_pdbx_audit_revision_details.provider            repository 
_pdbx_audit_revision_details.type                'Initial release' 
_pdbx_audit_revision_details.description         ? 
_pdbx_audit_revision_details.details             ? 
# 
loop_
_pdbx_audit_revision_group.ordinal 
_pdbx_audit_revision_group.revision_ordinal 
_pdbx_audit_revision_group.data_content_type 
_pdbx_audit_revision_group.group 
1 2 'Structure model' 'Version format compliance' 
2 3 'Structure model' 'Source and taxonomy'       
3 3 'Structure model' 'Version format compliance' 
4 4 'Structure model' 'Data collection'           
5 4 'Structure model' 'Database references'       
6 4 'Structure model' 'Derived calculations'      
7 4 'Structure model' 'Structure summary'         
# 
loop_
_pdbx_audit_revision_category.ordinal 
_pdbx_audit_revision_category.revision_ordinal 
_pdbx_audit_revision_category.data_content_type 
_pdbx_audit_revision_category.category 
1 4 'Structure model' chem_comp_atom            
2 4 'Structure model' chem_comp_bond            
3 4 'Structure model' database_2                
4 4 'Structure model' pdbx_entry_details        
5 4 'Structure model' pdbx_modification_feature 
6 4 'Structure model' struct_conn               
7 4 'Structure model' struct_ref_seq_dif        
# 
loop_
_pdbx_audit_revision_item.ordinal 
_pdbx_audit_revision_item.revision_ordinal 
_pdbx_audit_revision_item.data_content_type 
_pdbx_audit_revision_item.item 
1 4 'Structure model' '_database_2.pdbx_DOI'                
2 4 'Structure model' '_database_2.pdbx_database_accession' 
3 4 'Structure model' '_struct_conn.pdbx_leaving_atom_flag' 
4 4 'Structure model' '_struct_ref_seq_dif.details'         
# 
_pdbx_database_status.status_code                     REL 
_pdbx_database_status.entry_id                        2CWY 
_pdbx_database_status.recvd_initial_deposition_date   2005-06-27 
_pdbx_database_status.deposit_site                    PDBJ 
_pdbx_database_status.process_site                    PDBJ 
_pdbx_database_status.status_code_sf                  REL 
_pdbx_database_status.status_code_mr                  ? 
_pdbx_database_status.SG_entry                        Y 
_pdbx_database_status.pdb_format_compatible           Y 
_pdbx_database_status.status_code_cs                  ? 
_pdbx_database_status.status_code_nmr_data            ? 
_pdbx_database_status.methods_development_category    ? 
# 
_pdbx_database_related.db_name        TargetDB 
_pdbx_database_related.db_id          ttk003001478.1 
_pdbx_database_related.details        . 
_pdbx_database_related.content_type   unspecified 
# 
loop_
_audit_author.name 
_audit_author.pdbx_ordinal 
'Kishishita, S.'                                         1 
'Murayama, K.'                                           2 
'Shirouzu, M.'                                           3 
'Yokoyama, S.'                                           4 
'RIKEN Structural Genomics/Proteomics Initiative (RSGI)' 5 
# 
_citation.id                        primary 
_citation.title                     'Crystal structure of conserved hypothetical protein, TTHA0068 from Thermus thermophilus HB8' 
_citation.journal_abbrev            'To be Published' 
_citation.journal_volume            ? 
_citation.page_first                ? 
_citation.page_last                 ? 
_citation.year                      ? 
_citation.journal_id_ASTM           ? 
_citation.country                   ? 
_citation.journal_id_ISSN           ? 
_citation.journal_id_CSD            0353 
_citation.book_publisher            ? 
_citation.pdbx_database_id_PubMed   ? 
_citation.pdbx_database_id_DOI      ? 
# 
loop_
_citation_author.citation_id 
_citation_author.name 
_citation_author.ordinal 
_citation_author.identifier_ORCID 
primary 'Kishishita, S.' 1 ? 
primary 'Murayama, K.'   2 ? 
primary 'Shirouzu, M.'   3 ? 
primary 'Yokoyama, S.'   4 ? 
# 
loop_
_entity.id 
_entity.type 
_entity.src_method 
_entity.pdbx_description 
_entity.formula_weight 
_entity.pdbx_number_of_molecules 
_entity.pdbx_ec 
_entity.pdbx_mutation 
_entity.pdbx_fragment 
_entity.details 
1 polymer man 'hypothetical protein TTHA0068' 11052.597 1   ? ? ? ? 
2 water   nat water                           18.015    107 ? ? ? ? 
# 
_entity_poly.entity_id                      1 
_entity_poly.type                           'polypeptide(L)' 
_entity_poly.nstd_linkage                   no 
_entity_poly.nstd_monomer                   yes 
_entity_poly.pdbx_seq_one_letter_code       
;(MSE)VPDWEEVLGLWRAGRYYEVHEVLEPYWLKATGEERRLLQGVILLAAALHQRRLGRPGLRNLRKAEARLEGLPCPL
(MSE)GLDWRSLLQEARRRLGA
;
_entity_poly.pdbx_seq_one_letter_code_can   
;MVPDWEEVLGLWRAGRYYEVHEVLEPYWLKATGEERRLLQGVILLAAALHQRRLGRPGLRNLRKAEARLEGLPCPLMGLD
WRSLLQEARRRLGA
;
_entity_poly.pdbx_strand_id                 A 
_entity_poly.pdbx_target_identifier         ttk003001478.1 
# 
_pdbx_entity_nonpoly.entity_id   2 
_pdbx_entity_nonpoly.name        water 
_pdbx_entity_nonpoly.comp_id     HOH 
# 
loop_
_entity_poly_seq.entity_id 
_entity_poly_seq.num 
_entity_poly_seq.mon_id 
_entity_poly_seq.hetero 
1 1  MSE n 
1 2  VAL n 
1 3  PRO n 
1 4  ASP n 
1 5  TRP n 
1 6  GLU n 
1 7  GLU n 
1 8  VAL n 
1 9  LEU n 
1 10 GLY n 
1 11 LEU n 
1 12 TRP n 
1 13 ARG n 
1 14 ALA n 
1 15 GLY n 
1 16 ARG n 
1 17 TYR n 
1 18 TYR n 
1 19 GLU n 
1 20 VAL n 
1 21 HIS n 
1 22 GLU n 
1 23 VAL n 
1 24 LEU n 
1 25 GLU n 
1 26 PRO n 
1 27 TYR n 
1 28 TRP n 
1 29 LEU n 
1 30 LYS n 
1 31 ALA n 
1 32 THR n 
1 33 GLY n 
1 34 GLU n 
1 35 GLU n 
1 36 ARG n 
1 37 ARG n 
1 38 LEU n 
1 39 LEU n 
1 40 GLN n 
1 41 GLY n 
1 42 VAL n 
1 43 ILE n 
1 44 LEU n 
1 45 LEU n 
1 46 ALA n 
1 47 ALA n 
1 48 ALA n 
1 49 LEU n 
1 50 HIS n 
1 51 GLN n 
1 52 ARG n 
1 53 ARG n 
1 54 LEU n 
1 55 GLY n 
1 56 ARG n 
1 57 PRO n 
1 58 GLY n 
1 59 LEU n 
1 60 ARG n 
1 61 ASN n 
1 62 LEU n 
1 63 ARG n 
1 64 LYS n 
1 65 ALA n 
1 66 GLU n 
1 67 ALA n 
1 68 ARG n 
1 69 LEU n 
1 70 GLU n 
1 71 GLY n 
1 72 LEU n 
1 73 PRO n 
1 74 CYS n 
1 75 PRO n 
1 76 LEU n 
1 77 MSE n 
1 78 GLY n 
1 79 LEU n 
1 80 ASP n 
1 81 TRP n 
1 82 ARG n 
1 83 SER n 
1 84 LEU n 
1 85 LEU n 
1 86 GLN n 
1 87 GLU n 
1 88 ALA n 
1 89 ARG n 
1 90 ARG n 
1 91 ARG n 
1 92 LEU n 
1 93 GLY n 
1 94 ALA n 
# 
_entity_src_gen.entity_id                          1 
_entity_src_gen.pdbx_src_id                        1 
_entity_src_gen.pdbx_alt_source_flag               sample 
_entity_src_gen.pdbx_seq_type                      ? 
_entity_src_gen.pdbx_beg_seq_num                   ? 
_entity_src_gen.pdbx_end_seq_num                   ? 
_entity_src_gen.gene_src_common_name               ? 
_entity_src_gen.gene_src_genus                     Thermus 
_entity_src_gen.pdbx_gene_src_gene                 ? 
_entity_src_gen.gene_src_species                   'Thermus thermophilus' 
_entity_src_gen.gene_src_strain                    HB8 
_entity_src_gen.gene_src_tissue                    ? 
_entity_src_gen.gene_src_tissue_fraction           ? 
_entity_src_gen.gene_src_details                   ? 
_entity_src_gen.pdbx_gene_src_fragment             ? 
_entity_src_gen.pdbx_gene_src_scientific_name      'Thermus thermophilus' 
_entity_src_gen.pdbx_gene_src_ncbi_taxonomy_id     300852 
_entity_src_gen.pdbx_gene_src_variant              ? 
_entity_src_gen.pdbx_gene_src_cell_line            ? 
_entity_src_gen.pdbx_gene_src_atcc                 ? 
_entity_src_gen.pdbx_gene_src_organ                ? 
_entity_src_gen.pdbx_gene_src_organelle            ? 
_entity_src_gen.pdbx_gene_src_cell                 ? 
_entity_src_gen.pdbx_gene_src_cellular_location    ? 
_entity_src_gen.host_org_common_name               ? 
_entity_src_gen.pdbx_host_org_scientific_name      'Escherichia coli' 
_entity_src_gen.pdbx_host_org_ncbi_taxonomy_id     562 
_entity_src_gen.host_org_genus                     Escherichia 
_entity_src_gen.pdbx_host_org_gene                 ? 
_entity_src_gen.pdbx_host_org_organ                ? 
_entity_src_gen.host_org_species                   ? 
_entity_src_gen.pdbx_host_org_tissue               ? 
_entity_src_gen.pdbx_host_org_tissue_fraction      ? 
_entity_src_gen.pdbx_host_org_strain               'B834(DE3)' 
_entity_src_gen.pdbx_host_org_variant              ? 
_entity_src_gen.pdbx_host_org_cell_line            ? 
_entity_src_gen.pdbx_host_org_atcc                 ? 
_entity_src_gen.pdbx_host_org_culture_collection   ? 
_entity_src_gen.pdbx_host_org_cell                 ? 
_entity_src_gen.pdbx_host_org_organelle            ? 
_entity_src_gen.pdbx_host_org_cellular_location    ? 
_entity_src_gen.pdbx_host_org_vector_type          Plasmid 
_entity_src_gen.pdbx_host_org_vector               ? 
_entity_src_gen.host_org_details                   ? 
_entity_src_gen.expression_system_id               ? 
_entity_src_gen.plasmid_name                       pET11 
_entity_src_gen.plasmid_details                    ? 
_entity_src_gen.pdbx_description                   ? 
# 
loop_
_chem_comp.id 
_chem_comp.type 
_chem_comp.mon_nstd_flag 
_chem_comp.name 
_chem_comp.pdbx_synonyms 
_chem_comp.formula 
_chem_comp.formula_weight 
ALA 'L-peptide linking' y ALANINE          ? 'C3 H7 N O2'     89.093  
ARG 'L-peptide linking' y ARGININE         ? 'C6 H15 N4 O2 1' 175.209 
ASN 'L-peptide linking' y ASPARAGINE       ? 'C4 H8 N2 O3'    132.118 
ASP 'L-peptide linking' y 'ASPARTIC ACID'  ? 'C4 H7 N O4'     133.103 
CYS 'L-peptide linking' y CYSTEINE         ? 'C3 H7 N O2 S'   121.158 
GLN 'L-peptide linking' y GLUTAMINE        ? 'C5 H10 N2 O3'   146.144 
GLU 'L-peptide linking' y 'GLUTAMIC ACID'  ? 'C5 H9 N O4'     147.129 
GLY 'peptide linking'   y GLYCINE          ? 'C2 H5 N O2'     75.067  
HIS 'L-peptide linking' y HISTIDINE        ? 'C6 H10 N3 O2 1' 156.162 
HOH non-polymer         . WATER            ? 'H2 O'           18.015  
ILE 'L-peptide linking' y ISOLEUCINE       ? 'C6 H13 N O2'    131.173 
LEU 'L-peptide linking' y LEUCINE          ? 'C6 H13 N O2'    131.173 
LYS 'L-peptide linking' y LYSINE           ? 'C6 H15 N2 O2 1' 147.195 
MET 'L-peptide linking' y METHIONINE       ? 'C5 H11 N O2 S'  149.211 
MSE 'L-peptide linking' n SELENOMETHIONINE ? 'C5 H11 N O2 Se' 196.106 
PRO 'L-peptide linking' y PROLINE          ? 'C5 H9 N O2'     115.130 
SER 'L-peptide linking' y SERINE           ? 'C3 H7 N O3'     105.093 
THR 'L-peptide linking' y THREONINE        ? 'C4 H9 N O3'     119.119 
TRP 'L-peptide linking' y TRYPTOPHAN       ? 'C11 H12 N2 O2'  204.225 
TYR 'L-peptide linking' y TYROSINE         ? 'C9 H11 N O3'    181.189 
VAL 'L-peptide linking' y VALINE           ? 'C5 H11 N O2'    117.146 
# 
loop_
_pdbx_poly_seq_scheme.asym_id 
_pdbx_poly_seq_scheme.entity_id 
_pdbx_poly_seq_scheme.seq_id 
_pdbx_poly_seq_scheme.mon_id 
_pdbx_poly_seq_scheme.ndb_seq_num 
_pdbx_poly_seq_scheme.pdb_seq_num 
_pdbx_poly_seq_scheme.auth_seq_num 
_pdbx_poly_seq_scheme.pdb_mon_id 
_pdbx_poly_seq_scheme.auth_mon_id 
_pdbx_poly_seq_scheme.pdb_strand_id 
_pdbx_poly_seq_scheme.pdb_ins_code 
_pdbx_poly_seq_scheme.hetero 
A 1 1  MSE 1  1  1  MSE MSE A . n 
A 1 2  VAL 2  2  2  VAL VAL A . n 
A 1 3  PRO 3  3  3  PRO PRO A . n 
A 1 4  ASP 4  4  4  ASP ASP A . n 
A 1 5  TRP 5  5  5  TRP TRP A . n 
A 1 6  GLU 6  6  6  GLU GLU A . n 
A 1 7  GLU 7  7  7  GLU GLU A . n 
A 1 8  VAL 8  8  8  VAL VAL A . n 
A 1 9  LEU 9  9  9  LEU LEU A . n 
A 1 10 GLY 10 10 10 GLY GLY A . n 
A 1 11 LEU 11 11 11 LEU LEU A . n 
A 1 12 TRP 12 12 12 TRP TRP A . n 
A 1 13 ARG 13 13 13 ARG ARG A . n 
A 1 14 ALA 14 14 14 ALA ALA A . n 
A 1 15 GLY 15 15 15 GLY GLY A . n 
A 1 16 ARG 16 16 16 ARG ARG A . n 
A 1 17 TYR 17 17 17 TYR TYR A . n 
A 1 18 TYR 18 18 18 TYR TYR A . n 
A 1 19 GLU 19 19 19 GLU GLU A . n 
A 1 20 VAL 20 20 20 VAL VAL A . n 
A 1 21 HIS 21 21 21 HIS HIS A . n 
A 1 22 GLU 22 22 22 GLU GLU A . n 
A 1 23 VAL 23 23 23 VAL VAL A . n 
A 1 24 LEU 24 24 24 LEU LEU A . n 
A 1 25 GLU 25 25 25 GLU GLU A . n 
A 1 26 PRO 26 26 26 PRO PRO A . n 
A 1 27 TYR 27 27 27 TYR TYR A . n 
A 1 28 TRP 28 28 28 TRP TRP A . n 
A 1 29 LEU 29 29 29 LEU LEU A . n 
A 1 30 LYS 30 30 30 LYS LYS A . n 
A 1 31 ALA 31 31 31 ALA ALA A . n 
A 1 32 THR 32 32 32 THR THR A . n 
A 1 33 GLY 33 33 33 GLY GLY A . n 
A 1 34 GLU 34 34 34 GLU GLU A . n 
A 1 35 GLU 35 35 35 GLU GLU A . n 
A 1 36 ARG 36 36 36 ARG ARG A . n 
A 1 37 ARG 37 37 37 ARG ARG A . n 
A 1 38 LEU 38 38 38 LEU LEU A . n 
A 1 39 LEU 39 39 39 LEU LEU A . n 
A 1 40 GLN 40 40 40 GLN GLN A . n 
A 1 41 GLY 41 41 41 GLY GLY A . n 
A 1 42 VAL 42 42 42 VAL VAL A . n 
A 1 43 ILE 43 43 43 ILE ILE A . n 
A 1 44 LEU 44 44 44 LEU LEU A . n 
A 1 45 LEU 45 45 45 LEU LEU A . n 
A 1 46 ALA 46 46 46 ALA ALA A . n 
A 1 47 ALA 47 47 47 ALA ALA A . n 
A 1 48 ALA 48 48 48 ALA ALA A . n 
A 1 49 LEU 49 49 49 LEU LEU A . n 
A 1 50 HIS 50 50 50 HIS HIS A . n 
A 1 51 GLN 51 51 51 GLN GLN A . n 
A 1 52 ARG 52 52 52 ARG ARG A . n 
A 1 53 ARG 53 53 53 ARG ARG A . n 
A 1 54 LEU 54 54 54 LEU LEU A . n 
A 1 55 GLY 55 55 55 GLY GLY A . n 
A 1 56 ARG 56 56 56 ARG ARG A . n 
A 1 57 PRO 57 57 57 PRO PRO A . n 
A 1 58 GLY 58 58 58 GLY GLY A . n 
A 1 59 LEU 59 59 59 LEU LEU A . n 
A 1 60 ARG 60 60 60 ARG ARG A . n 
A 1 61 ASN 61 61 61 ASN ASN A . n 
A 1 62 LEU 62 62 62 LEU LEU A . n 
A 1 63 ARG 63 63 63 ARG ARG A . n 
A 1 64 LYS 64 64 64 LYS LYS A . n 
A 1 65 ALA 65 65 65 ALA ALA A . n 
A 1 66 GLU 66 66 66 GLU GLU A . n 
A 1 67 ALA 67 67 67 ALA ALA A . n 
A 1 68 ARG 68 68 68 ARG ARG A . n 
A 1 69 LEU 69 69 69 LEU LEU A . n 
A 1 70 GLU 70 70 70 GLU GLU A . n 
A 1 71 GLY 71 71 71 GLY GLY A . n 
A 1 72 LEU 72 72 72 LEU LEU A . n 
A 1 73 PRO 73 73 73 PRO PRO A . n 
A 1 74 CYS 74 74 74 CYS CYS A . n 
A 1 75 PRO 75 75 75 PRO PRO A . n 
A 1 76 LEU 76 76 76 LEU LEU A . n 
A 1 77 MSE 77 77 77 MSE MSE A . n 
A 1 78 GLY 78 78 78 GLY GLY A . n 
A 1 79 LEU 79 79 79 LEU LEU A . n 
A 1 80 ASP 80 80 80 ASP ASP A . n 
A 1 81 TRP 81 81 81 TRP TRP A . n 
A 1 82 ARG 82 82 82 ARG ARG A . n 
A 1 83 SER 83 83 83 SER SER A . n 
A 1 84 LEU 84 84 84 LEU LEU A . n 
A 1 85 LEU 85 85 85 LEU LEU A . n 
A 1 86 GLN 86 86 86 GLN GLN A . n 
A 1 87 GLU 87 87 87 GLU GLU A . n 
A 1 88 ALA 88 88 88 ALA ALA A . n 
A 1 89 ARG 89 89 89 ARG ARG A . n 
A 1 90 ARG 90 90 90 ARG ARG A . n 
A 1 91 ARG 91 91 91 ARG ARG A . n 
A 1 92 LEU 92 92 92 LEU LEU A . n 
A 1 93 GLY 93 93 93 GLY GLY A . n 
A 1 94 ALA 94 94 94 ALA ALA A . n 
# 
loop_
_pdbx_nonpoly_scheme.asym_id 
_pdbx_nonpoly_scheme.entity_id 
_pdbx_nonpoly_scheme.mon_id 
_pdbx_nonpoly_scheme.ndb_seq_num 
_pdbx_nonpoly_scheme.pdb_seq_num 
_pdbx_nonpoly_scheme.auth_seq_num 
_pdbx_nonpoly_scheme.pdb_mon_id 
_pdbx_nonpoly_scheme.auth_mon_id 
_pdbx_nonpoly_scheme.pdb_strand_id 
_pdbx_nonpoly_scheme.pdb_ins_code 
B 2 HOH 1   95  2   HOH TIP A . 
B 2 HOH 2   96  4   HOH TIP A . 
B 2 HOH 3   97  5   HOH TIP A . 
B 2 HOH 4   98  6   HOH TIP A . 
B 2 HOH 5   99  7   HOH TIP A . 
B 2 HOH 6   100 8   HOH TIP A . 
B 2 HOH 7   101 9   HOH TIP A . 
B 2 HOH 8   102 14  HOH TIP A . 
B 2 HOH 9   103 16  HOH TIP A . 
B 2 HOH 10  104 17  HOH TIP A . 
B 2 HOH 11  105 18  HOH TIP A . 
B 2 HOH 12  106 19  HOH TIP A . 
B 2 HOH 13  107 20  HOH TIP A . 
B 2 HOH 14  108 21  HOH TIP A . 
B 2 HOH 15  109 22  HOH TIP A . 
B 2 HOH 16  110 23  HOH TIP A . 
B 2 HOH 17  111 24  HOH TIP A . 
B 2 HOH 18  112 25  HOH TIP A . 
B 2 HOH 19  113 26  HOH TIP A . 
B 2 HOH 20  114 27  HOH TIP A . 
B 2 HOH 21  115 28  HOH TIP A . 
B 2 HOH 22  116 29  HOH TIP A . 
B 2 HOH 23  117 30  HOH TIP A . 
B 2 HOH 24  118 31  HOH TIP A . 
B 2 HOH 25  119 32  HOH TIP A . 
B 2 HOH 26  120 33  HOH TIP A . 
B 2 HOH 27  121 34  HOH TIP A . 
B 2 HOH 28  122 35  HOH TIP A . 
B 2 HOH 29  123 36  HOH TIP A . 
B 2 HOH 30  124 38  HOH TIP A . 
B 2 HOH 31  125 39  HOH TIP A . 
B 2 HOH 32  126 40  HOH TIP A . 
B 2 HOH 33  127 41  HOH TIP A . 
B 2 HOH 34  128 42  HOH TIP A . 
B 2 HOH 35  129 44  HOH TIP A . 
B 2 HOH 36  130 45  HOH TIP A . 
B 2 HOH 37  131 46  HOH TIP A . 
B 2 HOH 38  132 48  HOH TIP A . 
B 2 HOH 39  133 49  HOH TIP A . 
B 2 HOH 40  134 50  HOH TIP A . 
B 2 HOH 41  135 51  HOH TIP A . 
B 2 HOH 42  136 52  HOH TIP A . 
B 2 HOH 43  137 53  HOH TIP A . 
B 2 HOH 44  138 54  HOH TIP A . 
B 2 HOH 45  139 55  HOH TIP A . 
B 2 HOH 46  140 56  HOH TIP A . 
B 2 HOH 47  141 57  HOH TIP A . 
B 2 HOH 48  142 58  HOH TIP A . 
B 2 HOH 49  143 60  HOH TIP A . 
B 2 HOH 50  144 62  HOH TIP A . 
B 2 HOH 51  145 64  HOH TIP A . 
B 2 HOH 52  146 67  HOH TIP A . 
B 2 HOH 53  147 68  HOH TIP A . 
B 2 HOH 54  148 69  HOH TIP A . 
B 2 HOH 55  149 70  HOH TIP A . 
B 2 HOH 56  150 71  HOH TIP A . 
B 2 HOH 57  151 72  HOH TIP A . 
B 2 HOH 58  152 73  HOH TIP A . 
B 2 HOH 59  153 74  HOH TIP A . 
B 2 HOH 60  154 75  HOH TIP A . 
B 2 HOH 61  155 76  HOH TIP A . 
B 2 HOH 62  156 77  HOH TIP A . 
B 2 HOH 63  157 78  HOH TIP A . 
B 2 HOH 64  158 79  HOH TIP A . 
B 2 HOH 65  159 80  HOH TIP A . 
B 2 HOH 66  160 81  HOH TIP A . 
B 2 HOH 67  161 82  HOH TIP A . 
B 2 HOH 68  162 83  HOH TIP A . 
B 2 HOH 69  163 84  HOH TIP A . 
B 2 HOH 70  164 85  HOH TIP A . 
B 2 HOH 71  165 86  HOH TIP A . 
B 2 HOH 72  166 87  HOH TIP A . 
B 2 HOH 73  167 88  HOH TIP A . 
B 2 HOH 74  168 89  HOH TIP A . 
B 2 HOH 75  169 90  HOH TIP A . 
B 2 HOH 76  170 91  HOH TIP A . 
B 2 HOH 77  171 93  HOH TIP A . 
B 2 HOH 78  172 94  HOH TIP A . 
B 2 HOH 79  173 95  HOH TIP A . 
B 2 HOH 80  174 96  HOH TIP A . 
B 2 HOH 81  175 97  HOH TIP A . 
B 2 HOH 82  176 98  HOH TIP A . 
B 2 HOH 83  177 99  HOH TIP A . 
B 2 HOH 84  178 100 HOH TIP A . 
B 2 HOH 85  179 101 HOH TIP A . 
B 2 HOH 86  180 102 HOH TIP A . 
B 2 HOH 87  181 103 HOH TIP A . 
B 2 HOH 88  182 104 HOH TIP A . 
B 2 HOH 89  183 105 HOH TIP A . 
B 2 HOH 90  184 106 HOH TIP A . 
B 2 HOH 91  185 107 HOH TIP A . 
B 2 HOH 92  186 108 HOH TIP A . 
B 2 HOH 93  187 109 HOH TIP A . 
B 2 HOH 94  188 110 HOH TIP A . 
B 2 HOH 95  189 111 HOH TIP A . 
B 2 HOH 96  190 112 HOH TIP A . 
B 2 HOH 97  191 113 HOH TIP A . 
B 2 HOH 98  192 114 HOH TIP A . 
B 2 HOH 99  193 115 HOH TIP A . 
B 2 HOH 100 194 116 HOH TIP A . 
B 2 HOH 101 195 117 HOH TIP A . 
B 2 HOH 102 196 118 HOH TIP A . 
B 2 HOH 103 197 119 HOH TIP A . 
B 2 HOH 104 198 120 HOH TIP A . 
B 2 HOH 105 199 121 HOH TIP A . 
B 2 HOH 106 200 122 HOH TIP A . 
B 2 HOH 107 201 123 HOH TIP A . 
# 
loop_
_software.name 
_software.classification 
_software.version 
_software.citation_id 
_software.pdbx_ordinal 
CNS       refinement       1.1 ? 1 
HKL-2000  'data reduction' .   ? 2 
SCALEPACK 'data scaling'   .   ? 3 
SOLVE     phasing          .   ? 4 
# 
_cell.entry_id           2CWY 
_cell.length_a           36.232 
_cell.length_b           41.135 
_cell.length_c           54.034 
_cell.angle_alpha        90.00 
_cell.angle_beta         90.00 
_cell.angle_gamma        90.00 
_cell.Z_PDB              4 
_cell.pdbx_unique_axis   ? 
# 
_symmetry.entry_id                         2CWY 
_symmetry.space_group_name_H-M             'P 21 21 21' 
_symmetry.pdbx_full_space_group_name_H-M   ? 
_symmetry.cell_setting                     ? 
_symmetry.Int_Tables_number                19 
_symmetry.space_group_name_Hall            ? 
# 
_exptl.entry_id          2CWY 
_exptl.method            'X-RAY DIFFRACTION' 
_exptl.crystals_number   1 
# 
_exptl_crystal.id                    1 
_exptl_crystal.density_meas          ? 
_exptl_crystal.density_Matthews      1.8 
_exptl_crystal.density_percent_sol   32.6 
_exptl_crystal.description           ? 
_exptl_crystal.F_000                 ? 
_exptl_crystal.preparation           ? 
# 
_exptl_crystal_grow.crystal_id      1 
_exptl_crystal_grow.method          'oil batch' 
_exptl_crystal_grow.temp            293 
_exptl_crystal_grow.temp_details    ? 
_exptl_crystal_grow.pH              7.5 
_exptl_crystal_grow.pdbx_details    'PEG8000, Ethylene Glycol, pH 7.5, oil batch, temperature 293K' 
_exptl_crystal_grow.pdbx_pH_range   . 
# 
_diffrn.id                     1 
_diffrn.ambient_temp           100 
_diffrn.ambient_temp_details   ? 
_diffrn.crystal_id             1 
# 
_diffrn_detector.diffrn_id              1 
_diffrn_detector.detector               CCD 
_diffrn_detector.type                   'RIGAKU JUPITER 210' 
_diffrn_detector.pdbx_collection_date   2005-05-27 
_diffrn_detector.details                mirrors 
# 
_diffrn_radiation.diffrn_id                        1 
_diffrn_radiation.wavelength_id                    1 
_diffrn_radiation.pdbx_monochromatic_or_laue_m_l   M 
_diffrn_radiation.monochromator                    silicon 
_diffrn_radiation.pdbx_diffrn_protocol             MAD 
_diffrn_radiation.pdbx_scattering_type             x-ray 
# 
loop_
_diffrn_radiation_wavelength.id 
_diffrn_radiation_wavelength.wavelength 
_diffrn_radiation_wavelength.wt 
1 0.979148 1.0 
2 0.979457 1.0 
3 0.964    1.0 
# 
_diffrn_source.diffrn_id                   1 
_diffrn_source.source                      SYNCHROTRON 
_diffrn_source.type                        'SPRING-8 BEAMLINE BL26B1' 
_diffrn_source.pdbx_synchrotron_site       SPring-8 
_diffrn_source.pdbx_synchrotron_beamline   BL26B1 
_diffrn_source.pdbx_wavelength             ? 
_diffrn_source.pdbx_wavelength_list        '0.979148, 0.979457, 0.964' 
# 
_reflns.entry_id                     2CWY 
_reflns.observed_criterion_sigma_I   -3 
_reflns.observed_criterion_sigma_F   ? 
_reflns.d_resolution_low             50 
_reflns.d_resolution_high            1.85 
_reflns.number_obs                   7279 
_reflns.number_all                   ? 
_reflns.percent_possible_obs         99.3 
_reflns.pdbx_Rmerge_I_obs            ? 
_reflns.pdbx_Rsym_value              0.098 
_reflns.pdbx_netI_over_sigmaI        14.2 
_reflns.B_iso_Wilson_estimate        13.3 
_reflns.pdbx_redundancy              5.6 
_reflns.R_free_details               ? 
_reflns.limit_h_max                  ? 
_reflns.limit_h_min                  ? 
_reflns.limit_k_max                  ? 
_reflns.limit_k_min                  ? 
_reflns.limit_l_max                  ? 
_reflns.limit_l_min                  ? 
_reflns.observed_criterion_F_max     ? 
_reflns.observed_criterion_F_min     ? 
_reflns.pdbx_chi_squared             ? 
_reflns.pdbx_scaling_rejects         ? 
_reflns.pdbx_ordinal                 1 
_reflns.pdbx_diffrn_id               1 
# 
_reflns_shell.d_res_high             1.85 
_reflns_shell.d_res_low              1.92 
_reflns_shell.percent_possible_all   94.3 
_reflns_shell.Rmerge_I_obs           ? 
_reflns_shell.pdbx_Rsym_value        0.19 
_reflns_shell.meanI_over_sigI_obs    7.52 
_reflns_shell.pdbx_redundancy        ? 
_reflns_shell.percent_possible_obs   ? 
_reflns_shell.number_unique_all      ? 
_reflns_shell.number_measured_all    ? 
_reflns_shell.number_measured_obs    ? 
_reflns_shell.number_unique_obs      ? 
_reflns_shell.pdbx_chi_squared       ? 
_reflns_shell.pdbx_ordinal           1 
_reflns_shell.pdbx_diffrn_id         1 
# 
_refine.entry_id                                 2CWY 
_refine.ls_number_reflns_obs                     7279 
_refine.ls_number_reflns_all                     ? 
_refine.pdbx_ls_sigma_I                          ? 
_refine.pdbx_ls_sigma_F                          0.0 
_refine.pdbx_data_cutoff_high_absF               497428.66 
_refine.pdbx_data_cutoff_low_absF                0.000000 
_refine.pdbx_data_cutoff_high_rms_absF           ? 
_refine.ls_d_res_low                             32.73 
_refine.ls_d_res_high                            1.85 
_refine.ls_percent_reflns_obs                    98.2 
_refine.ls_R_factor_obs                          0.178 
_refine.ls_R_factor_all                          ? 
_refine.ls_R_factor_R_work                       0.178 
_refine.ls_R_factor_R_free                       0.214 
_refine.ls_R_factor_R_free_error                 0.008 
_refine.ls_R_factor_R_free_error_details         ? 
_refine.ls_percent_reflns_R_free                 5.1 
_refine.ls_number_reflns_R_free                  667 
_refine.ls_number_parameters                     ? 
_refine.ls_number_restraints                     ? 
_refine.occupancy_min                            ? 
_refine.occupancy_max                            ? 
_refine.correlation_coeff_Fo_to_Fc               ? 
_refine.correlation_coeff_Fo_to_Fc_free          ? 
_refine.B_iso_mean                               15.6 
_refine.aniso_B[1][1]                            -2.12 
_refine.aniso_B[2][2]                            2.03 
_refine.aniso_B[3][3]                            0.09 
_refine.aniso_B[1][2]                            0.00 
_refine.aniso_B[1][3]                            0.00 
_refine.aniso_B[2][3]                            0.00 
_refine.solvent_model_details                    'FLAT MODEL' 
_refine.solvent_model_param_ksol                 0.362983 
_refine.solvent_model_param_bsol                 48.0585 
_refine.pdbx_solvent_vdw_probe_radii             ? 
_refine.pdbx_solvent_ion_probe_radii             ? 
_refine.pdbx_solvent_shrinkage_radii             ? 
_refine.pdbx_ls_cross_valid_method               THROUGHOUT 
_refine.details                                  ? 
_refine.pdbx_starting_model                      ? 
_refine.pdbx_method_to_determine_struct          MAD 
_refine.pdbx_isotropic_thermal_model             RESTRAINED 
_refine.pdbx_stereochemistry_target_values       ? 
_refine.pdbx_stereochem_target_val_spec_case     ? 
_refine.pdbx_R_Free_selection_details            RANDOM 
_refine.pdbx_overall_ESU_R                       ? 
_refine.pdbx_overall_ESU_R_Free                  ? 
_refine.overall_SU_ML                            ? 
_refine.overall_SU_B                             ? 
_refine.ls_redundancy_reflns_obs                 ? 
_refine.B_iso_min                                ? 
_refine.B_iso_max                                ? 
_refine.overall_SU_R_Cruickshank_DPI             ? 
_refine.overall_SU_R_free                        ? 
_refine.ls_wR_factor_R_free                      ? 
_refine.ls_wR_factor_R_work                      ? 
_refine.overall_FOM_free_R_set                   ? 
_refine.overall_FOM_work_R_set                   ? 
_refine.pdbx_refine_id                           'X-RAY DIFFRACTION' 
_refine.pdbx_diffrn_id                           1 
_refine.pdbx_TLS_residual_ADP_flag               ? 
_refine.pdbx_overall_phase_error                 ? 
_refine.pdbx_overall_SU_R_free_Cruickshank_DPI   ? 
_refine.pdbx_overall_SU_R_Blow_DPI               ? 
_refine.pdbx_overall_SU_R_free_Blow_DPI          ? 
# 
_refine_analyze.entry_id                        2CWY 
_refine_analyze.Luzzati_coordinate_error_obs    0.18 
_refine_analyze.Luzzati_sigma_a_obs             0.05 
_refine_analyze.Luzzati_d_res_low_obs           5.00 
_refine_analyze.Luzzati_coordinate_error_free   0.23 
_refine_analyze.Luzzati_sigma_a_free            0.11 
_refine_analyze.Luzzati_d_res_low_free          ? 
_refine_analyze.number_disordered_residues      ? 
_refine_analyze.occupancy_sum_hydrogen          ? 
_refine_analyze.occupancy_sum_non_hydrogen      ? 
_refine_analyze.pdbx_Luzzati_d_res_high_obs     ? 
_refine_analyze.pdbx_refine_id                  'X-RAY DIFFRACTION' 
# 
_refine_hist.pdbx_refine_id                   'X-RAY DIFFRACTION' 
_refine_hist.cycle_id                         LAST 
_refine_hist.pdbx_number_atoms_protein        772 
_refine_hist.pdbx_number_atoms_nucleic_acid   0 
_refine_hist.pdbx_number_atoms_ligand         0 
_refine_hist.number_atoms_solvent             107 
_refine_hist.number_atoms_total               879 
_refine_hist.d_res_high                       1.85 
_refine_hist.d_res_low                        32.73 
# 
loop_
_refine_ls_restr.type 
_refine_ls_restr.dev_ideal 
_refine_ls_restr.dev_ideal_target 
_refine_ls_restr.weight 
_refine_ls_restr.number 
_refine_ls_restr.pdbx_refine_id 
_refine_ls_restr.pdbx_restraint_function 
c_bond_d                0.007 ? ? ? 'X-RAY DIFFRACTION' ? 
c_bond_d_na             ?     ? ? ? 'X-RAY DIFFRACTION' ? 
c_bond_d_prot           ?     ? ? ? 'X-RAY DIFFRACTION' ? 
c_angle_d               ?     ? ? ? 'X-RAY DIFFRACTION' ? 
c_angle_d_na            ?     ? ? ? 'X-RAY DIFFRACTION' ? 
c_angle_d_prot          ?     ? ? ? 'X-RAY DIFFRACTION' ? 
c_angle_deg             1.3   ? ? ? 'X-RAY DIFFRACTION' ? 
c_angle_deg_na          ?     ? ? ? 'X-RAY DIFFRACTION' ? 
c_angle_deg_prot        ?     ? ? ? 'X-RAY DIFFRACTION' ? 
c_dihedral_angle_d      18.2  ? ? ? 'X-RAY DIFFRACTION' ? 
c_dihedral_angle_d_na   ?     ? ? ? 'X-RAY DIFFRACTION' ? 
c_dihedral_angle_d_prot ?     ? ? ? 'X-RAY DIFFRACTION' ? 
c_improper_angle_d      0.84  ? ? ? 'X-RAY DIFFRACTION' ? 
c_improper_angle_d_na   ?     ? ? ? 'X-RAY DIFFRACTION' ? 
c_improper_angle_d_prot ?     ? ? ? 'X-RAY DIFFRACTION' ? 
c_mcbond_it             ?     ? ? ? 'X-RAY DIFFRACTION' ? 
c_mcangle_it            ?     ? ? ? 'X-RAY DIFFRACTION' ? 
c_scbond_it             ?     ? ? ? 'X-RAY DIFFRACTION' ? 
c_scangle_it            ?     ? ? ? 'X-RAY DIFFRACTION' ? 
# 
_refine_ls_shell.pdbx_total_number_of_bins_used   6 
_refine_ls_shell.d_res_high                       1.85 
_refine_ls_shell.d_res_low                        1.97 
_refine_ls_shell.number_reflns_R_work             2015 
_refine_ls_shell.R_factor_R_work                  0.182 
_refine_ls_shell.percent_reflns_obs               96.2 
_refine_ls_shell.R_factor_R_free                  0.224 
_refine_ls_shell.R_factor_R_free_error            0.020 
_refine_ls_shell.percent_reflns_R_free            5.9 
_refine_ls_shell.number_reflns_R_free             127 
_refine_ls_shell.number_reflns_obs                ? 
_refine_ls_shell.redundancy_reflns_obs            ? 
_refine_ls_shell.number_reflns_all                ? 
_refine_ls_shell.R_factor_all                     ? 
_refine_ls_shell.pdbx_refine_id                   'X-RAY DIFFRACTION' 
# 
loop_
_pdbx_xplor_file.serial_no 
_pdbx_xplor_file.param_file 
_pdbx_xplor_file.topol_file 
_pdbx_xplor_file.pdbx_refine_id 
1 protein_rep.param protein.top 'X-RAY DIFFRACTION' 
2 water_rep.param   water.top   'X-RAY DIFFRACTION' 
# 
_struct.entry_id                  2CWY 
_struct.title                     'Crystal structure of conserved hypothetical protein, TTHA0068 from Thermus thermophilus HB8' 
_struct.pdbx_model_details        ? 
_struct.pdbx_CASP_flag            ? 
_struct.pdbx_model_type_details   ? 
# 
_struct_keywords.entry_id        2CWY 
_struct_keywords.pdbx_keywords   'Structural Genomics, unknown function' 
_struct_keywords.text            
;Structural Genomics, conserved hypothetical protein, NPPSFA, National Project on Protein Structural and Functional Analyses, RIKEN Structural Genomics/Proteomics Initiative, RSGI, unknown function
;
# 
loop_
_struct_asym.id 
_struct_asym.pdbx_blank_PDB_chainid_flag 
_struct_asym.pdbx_modified 
_struct_asym.entity_id 
_struct_asym.details 
A N N 1 ? 
B N N 2 ? 
# 
_struct_ref.id                         1 
_struct_ref.db_name                    UNP 
_struct_ref.db_code                    Q5SM75_THET8 
_struct_ref.entity_id                  1 
_struct_ref.pdbx_seq_one_letter_code   
;MVPDWEEVLGLWRAGRYYEVHEVLEPYWLKATGEERRLLQGVILLAAALHQRRLGRPGLRNLRKAEARLEGLPCPLMGLD
WRSLLQEARRRLGA
;
_struct_ref.pdbx_align_begin           1 
_struct_ref.pdbx_db_accession          Q5SM75 
_struct_ref.pdbx_db_isoform            ? 
# 
_struct_ref_seq.align_id                      1 
_struct_ref_seq.ref_id                        1 
_struct_ref_seq.pdbx_PDB_id_code              2CWY 
_struct_ref_seq.pdbx_strand_id                A 
_struct_ref_seq.seq_align_beg                 1 
_struct_ref_seq.pdbx_seq_align_beg_ins_code   ? 
_struct_ref_seq.seq_align_end                 94 
_struct_ref_seq.pdbx_seq_align_end_ins_code   ? 
_struct_ref_seq.pdbx_db_accession             Q5SM75 
_struct_ref_seq.db_align_beg                  1 
_struct_ref_seq.pdbx_db_align_beg_ins_code    ? 
_struct_ref_seq.db_align_end                  94 
_struct_ref_seq.pdbx_db_align_end_ins_code    ? 
_struct_ref_seq.pdbx_auth_seq_align_beg       1 
_struct_ref_seq.pdbx_auth_seq_align_end       94 
# 
loop_
_struct_ref_seq_dif.align_id 
_struct_ref_seq_dif.pdbx_pdb_id_code 
_struct_ref_seq_dif.mon_id 
_struct_ref_seq_dif.pdbx_pdb_strand_id 
_struct_ref_seq_dif.seq_num 
_struct_ref_seq_dif.pdbx_pdb_ins_code 
_struct_ref_seq_dif.pdbx_seq_db_name 
_struct_ref_seq_dif.pdbx_seq_db_accession_code 
_struct_ref_seq_dif.db_mon_id 
_struct_ref_seq_dif.pdbx_seq_db_seq_num 
_struct_ref_seq_dif.details 
_struct_ref_seq_dif.pdbx_auth_seq_num 
_struct_ref_seq_dif.pdbx_ordinal 
1 2CWY MSE A 1  ? UNP Q5SM75 MET 1  'modified residue' 1  1 
1 2CWY MSE A 77 ? UNP Q5SM75 MET 77 'modified residue' 77 2 
# 
_pdbx_struct_assembly.id                   1 
_pdbx_struct_assembly.details              author_defined_assembly 
_pdbx_struct_assembly.method_details       ? 
_pdbx_struct_assembly.oligomeric_details   monomeric 
_pdbx_struct_assembly.oligomeric_count     1 
# 
_pdbx_struct_assembly_gen.assembly_id       1 
_pdbx_struct_assembly_gen.oper_expression   1 
_pdbx_struct_assembly_gen.asym_id_list      A,B 
# 
_pdbx_struct_oper_list.id                   1 
_pdbx_struct_oper_list.type                 'identity operation' 
_pdbx_struct_oper_list.name                 1_555 
_pdbx_struct_oper_list.symmetry_operation   x,y,z 
_pdbx_struct_oper_list.matrix[1][1]         1.0000000000 
_pdbx_struct_oper_list.matrix[1][2]         0.0000000000 
_pdbx_struct_oper_list.matrix[1][3]         0.0000000000 
_pdbx_struct_oper_list.vector[1]            0.0000000000 
_pdbx_struct_oper_list.matrix[2][1]         0.0000000000 
_pdbx_struct_oper_list.matrix[2][2]         1.0000000000 
_pdbx_struct_oper_list.matrix[2][3]         0.0000000000 
_pdbx_struct_oper_list.vector[2]            0.0000000000 
_pdbx_struct_oper_list.matrix[3][1]         0.0000000000 
_pdbx_struct_oper_list.matrix[3][2]         0.0000000000 
_pdbx_struct_oper_list.matrix[3][3]         1.0000000000 
_pdbx_struct_oper_list.vector[3]            0.0000000000 
# 
_struct_biol.id                    1 
_struct_biol.pdbx_parent_biol_id   ? 
_struct_biol.details               ? 
# 
loop_
_struct_conf.conf_type_id 
_struct_conf.id 
_struct_conf.pdbx_PDB_helix_id 
_struct_conf.beg_label_comp_id 
_struct_conf.beg_label_asym_id 
_struct_conf.beg_label_seq_id 
_struct_conf.pdbx_beg_PDB_ins_code 
_struct_conf.end_label_comp_id 
_struct_conf.end_label_asym_id 
_struct_conf.end_label_seq_id 
_struct_conf.pdbx_end_PDB_ins_code 
_struct_conf.beg_auth_comp_id 
_struct_conf.beg_auth_asym_id 
_struct_conf.beg_auth_seq_id 
_struct_conf.end_auth_comp_id 
_struct_conf.end_auth_asym_id 
_struct_conf.end_auth_seq_id 
_struct_conf.pdbx_PDB_helix_class 
_struct_conf.details 
_struct_conf.pdbx_PDB_helix_length 
HELX_P HELX_P1 1 ASP A 4  ? ALA A 14 ? ASP A 4  ALA A 14 1 ? 11 
HELX_P HELX_P2 2 ARG A 16 ? ALA A 31 ? ARG A 16 ALA A 31 1 ? 16 
HELX_P HELX_P3 3 THR A 32 ? LEU A 54 ? THR A 32 LEU A 54 1 ? 23 
HELX_P HELX_P4 4 GLY A 58 ? GLU A 70 ? GLY A 58 GLU A 70 1 ? 13 
HELX_P HELX_P5 5 ASP A 80 ? GLY A 93 ? ASP A 80 GLY A 93 1 ? 14 
# 
_struct_conf_type.id          HELX_P 
_struct_conf_type.criteria    ? 
_struct_conf_type.reference   ? 
# 
loop_
_struct_conn.id 
_struct_conn.conn_type_id 
_struct_conn.pdbx_leaving_atom_flag 
_struct_conn.pdbx_PDB_id 
_struct_conn.ptnr1_label_asym_id 
_struct_conn.ptnr1_label_comp_id 
_struct_conn.ptnr1_label_seq_id 
_struct_conn.ptnr1_label_atom_id 
_struct_conn.pdbx_ptnr1_label_alt_id 
_struct_conn.pdbx_ptnr1_PDB_ins_code 
_struct_conn.pdbx_ptnr1_standard_comp_id 
_struct_conn.ptnr1_symmetry 
_struct_conn.ptnr2_label_asym_id 
_struct_conn.ptnr2_label_comp_id 
_struct_conn.ptnr2_label_seq_id 
_struct_conn.ptnr2_label_atom_id 
_struct_conn.pdbx_ptnr2_label_alt_id 
_struct_conn.pdbx_ptnr2_PDB_ins_code 
_struct_conn.ptnr1_auth_asym_id 
_struct_conn.ptnr1_auth_comp_id 
_struct_conn.ptnr1_auth_seq_id 
_struct_conn.ptnr2_auth_asym_id 
_struct_conn.ptnr2_auth_comp_id 
_struct_conn.ptnr2_auth_seq_id 
_struct_conn.ptnr2_symmetry 
_struct_conn.pdbx_ptnr3_label_atom_id 
_struct_conn.pdbx_ptnr3_label_seq_id 
_struct_conn.pdbx_ptnr3_label_comp_id 
_struct_conn.pdbx_ptnr3_label_asym_id 
_struct_conn.pdbx_ptnr3_label_alt_id 
_struct_conn.pdbx_ptnr3_PDB_ins_code 
_struct_conn.details 
_struct_conn.pdbx_dist_value 
_struct_conn.pdbx_value_order 
_struct_conn.pdbx_role 
covale1 covale both ? A MSE 1  C ? ? ? 1_555 A VAL 2  N ? ? A MSE 1  A VAL 2  1_555 ? ? ? ? ? ? ? 1.325 ? ? 
covale2 covale both ? A LEU 76 C ? ? ? 1_555 A MSE 77 N ? ? A LEU 76 A MSE 77 1_555 ? ? ? ? ? ? ? 1.330 ? ? 
covale3 covale both ? A MSE 77 C ? ? ? 1_555 A GLY 78 N ? ? A MSE 77 A GLY 78 1_555 ? ? ? ? ? ? ? 1.332 ? ? 
# 
_struct_conn_type.id          covale 
_struct_conn_type.criteria    ? 
_struct_conn_type.reference   ? 
# 
loop_
_pdbx_modification_feature.ordinal 
_pdbx_modification_feature.label_comp_id 
_pdbx_modification_feature.label_asym_id 
_pdbx_modification_feature.label_seq_id 
_pdbx_modification_feature.label_alt_id 
_pdbx_modification_feature.modified_residue_label_comp_id 
_pdbx_modification_feature.modified_residue_label_asym_id 
_pdbx_modification_feature.modified_residue_label_seq_id 
_pdbx_modification_feature.modified_residue_label_alt_id 
_pdbx_modification_feature.auth_comp_id 
_pdbx_modification_feature.auth_asym_id 
_pdbx_modification_feature.auth_seq_id 
_pdbx_modification_feature.PDB_ins_code 
_pdbx_modification_feature.symmetry 
_pdbx_modification_feature.modified_residue_auth_comp_id 
_pdbx_modification_feature.modified_residue_auth_asym_id 
_pdbx_modification_feature.modified_residue_auth_seq_id 
_pdbx_modification_feature.modified_residue_PDB_ins_code 
_pdbx_modification_feature.modified_residue_symmetry 
_pdbx_modification_feature.comp_id_linking_atom 
_pdbx_modification_feature.modified_residue_id_linking_atom 
_pdbx_modification_feature.modified_residue_id 
_pdbx_modification_feature.ref_pcm_id 
_pdbx_modification_feature.ref_comp_id 
_pdbx_modification_feature.type 
_pdbx_modification_feature.category 
1 MSE A 1  ? . . . . MSE A 1  ? 1_555 . . . . . . . MET 1 MSE Selenomethionine 'Named protein modification' 
2 MSE A 77 ? . . . . MSE A 77 ? 1_555 . . . . . . . MET 1 MSE Selenomethionine 'Named protein modification' 
# 
_struct_mon_prot_cis.pdbx_id                1 
_struct_mon_prot_cis.label_comp_id          CYS 
_struct_mon_prot_cis.label_seq_id           74 
_struct_mon_prot_cis.label_asym_id          A 
_struct_mon_prot_cis.label_alt_id           . 
_struct_mon_prot_cis.pdbx_PDB_ins_code      ? 
_struct_mon_prot_cis.auth_comp_id           CYS 
_struct_mon_prot_cis.auth_seq_id            74 
_struct_mon_prot_cis.auth_asym_id           A 
_struct_mon_prot_cis.pdbx_label_comp_id_2   PRO 
_struct_mon_prot_cis.pdbx_label_seq_id_2    75 
_struct_mon_prot_cis.pdbx_label_asym_id_2   A 
_struct_mon_prot_cis.pdbx_PDB_ins_code_2    ? 
_struct_mon_prot_cis.pdbx_auth_comp_id_2    PRO 
_struct_mon_prot_cis.pdbx_auth_seq_id_2     75 
_struct_mon_prot_cis.pdbx_auth_asym_id_2    A 
_struct_mon_prot_cis.pdbx_PDB_model_num     1 
_struct_mon_prot_cis.pdbx_omega_angle       -0.03 
# 
_pdbx_entry_details.entry_id                   2CWY 
_pdbx_entry_details.compound_details           ? 
_pdbx_entry_details.source_details             ? 
_pdbx_entry_details.nonpolymer_details         ? 
_pdbx_entry_details.sequence_details           ? 
_pdbx_entry_details.has_ligand_of_interest     ? 
_pdbx_entry_details.has_protein_modification   Y 
# 
_pdbx_SG_project.id                    1 
_pdbx_SG_project.project_name          'NPPSFA, National Project on Protein Structural and Functional Analyses' 
_pdbx_SG_project.full_name_of_center   'RIKEN Structural Genomics/Proteomics Initiative' 
_pdbx_SG_project.initial_of_center     RSGI 
# 
loop_
_pdbx_struct_mod_residue.id 
_pdbx_struct_mod_residue.label_asym_id 
_pdbx_struct_mod_residue.label_comp_id 
_pdbx_struct_mod_residue.label_seq_id 
_pdbx_struct_mod_residue.auth_asym_id 
_pdbx_struct_mod_residue.auth_comp_id 
_pdbx_struct_mod_residue.auth_seq_id 
_pdbx_struct_mod_residue.PDB_ins_code 
_pdbx_struct_mod_residue.parent_comp_id 
_pdbx_struct_mod_residue.details 
1 A MSE 1  A MSE 1  ? MET SELENOMETHIONINE 
2 A MSE 77 A MSE 77 ? MET SELENOMETHIONINE 
# 
loop_
_chem_comp_atom.comp_id 
_chem_comp_atom.atom_id 
_chem_comp_atom.type_symbol 
_chem_comp_atom.pdbx_aromatic_flag 
_chem_comp_atom.pdbx_stereo_config 
_chem_comp_atom.pdbx_ordinal 
ALA N    N  N N 1   
ALA CA   C  N S 2   
ALA C    C  N N 3   
ALA O    O  N N 4   
ALA CB   C  N N 5   
ALA OXT  O  N N 6   
ALA H    H  N N 7   
ALA H2   H  N N 8   
ALA HA   H  N N 9   
ALA HB1  H  N N 10  
ALA HB2  H  N N 11  
ALA HB3  H  N N 12  
ALA HXT  H  N N 13  
ARG N    N  N N 14  
ARG CA   C  N S 15  
ARG C    C  N N 16  
ARG O    O  N N 17  
ARG CB   C  N N 18  
ARG CG   C  N N 19  
ARG CD   C  N N 20  
ARG NE   N  N N 21  
ARG CZ   C  N N 22  
ARG NH1  N  N N 23  
ARG NH2  N  N N 24  
ARG OXT  O  N N 25  
ARG H    H  N N 26  
ARG H2   H  N N 27  
ARG HA   H  N N 28  
ARG HB2  H  N N 29  
ARG HB3  H  N N 30  
ARG HG2  H  N N 31  
ARG HG3  H  N N 32  
ARG HD2  H  N N 33  
ARG HD3  H  N N 34  
ARG HE   H  N N 35  
ARG HH11 H  N N 36  
ARG HH12 H  N N 37  
ARG HH21 H  N N 38  
ARG HH22 H  N N 39  
ARG HXT  H  N N 40  
ASN N    N  N N 41  
ASN CA   C  N S 42  
ASN C    C  N N 43  
ASN O    O  N N 44  
ASN CB   C  N N 45  
ASN CG   C  N N 46  
ASN OD1  O  N N 47  
ASN ND2  N  N N 48  
ASN OXT  O  N N 49  
ASN H    H  N N 50  
ASN H2   H  N N 51  
ASN HA   H  N N 52  
ASN HB2  H  N N 53  
ASN HB3  H  N N 54  
ASN HD21 H  N N 55  
ASN HD22 H  N N 56  
ASN HXT  H  N N 57  
ASP N    N  N N 58  
ASP CA   C  N S 59  
ASP C    C  N N 60  
ASP O    O  N N 61  
ASP CB   C  N N 62  
ASP CG   C  N N 63  
ASP OD1  O  N N 64  
ASP OD2  O  N N 65  
ASP OXT  O  N N 66  
ASP H    H  N N 67  
ASP H2   H  N N 68  
ASP HA   H  N N 69  
ASP HB2  H  N N 70  
ASP HB3  H  N N 71  
ASP HD2  H  N N 72  
ASP HXT  H  N N 73  
CYS N    N  N N 74  
CYS CA   C  N R 75  
CYS C    C  N N 76  
CYS O    O  N N 77  
CYS CB   C  N N 78  
CYS SG   S  N N 79  
CYS OXT  O  N N 80  
CYS H    H  N N 81  
CYS H2   H  N N 82  
CYS HA   H  N N 83  
CYS HB2  H  N N 84  
CYS HB3  H  N N 85  
CYS HG   H  N N 86  
CYS HXT  H  N N 87  
GLN N    N  N N 88  
GLN CA   C  N S 89  
GLN C    C  N N 90  
GLN O    O  N N 91  
GLN CB   C  N N 92  
GLN CG   C  N N 93  
GLN CD   C  N N 94  
GLN OE1  O  N N 95  
GLN NE2  N  N N 96  
GLN OXT  O  N N 97  
GLN H    H  N N 98  
GLN H2   H  N N 99  
GLN HA   H  N N 100 
GLN HB2  H  N N 101 
GLN HB3  H  N N 102 
GLN HG2  H  N N 103 
GLN HG3  H  N N 104 
GLN HE21 H  N N 105 
GLN HE22 H  N N 106 
GLN HXT  H  N N 107 
GLU N    N  N N 108 
GLU CA   C  N S 109 
GLU C    C  N N 110 
GLU O    O  N N 111 
GLU CB   C  N N 112 
GLU CG   C  N N 113 
GLU CD   C  N N 114 
GLU OE1  O  N N 115 
GLU OE2  O  N N 116 
GLU OXT  O  N N 117 
GLU H    H  N N 118 
GLU H2   H  N N 119 
GLU HA   H  N N 120 
GLU HB2  H  N N 121 
GLU HB3  H  N N 122 
GLU HG2  H  N N 123 
GLU HG3  H  N N 124 
GLU HE2  H  N N 125 
GLU HXT  H  N N 126 
GLY N    N  N N 127 
GLY CA   C  N N 128 
GLY C    C  N N 129 
GLY O    O  N N 130 
GLY OXT  O  N N 131 
GLY H    H  N N 132 
GLY H2   H  N N 133 
GLY HA2  H  N N 134 
GLY HA3  H  N N 135 
GLY HXT  H  N N 136 
HIS N    N  N N 137 
HIS CA   C  N S 138 
HIS C    C  N N 139 
HIS O    O  N N 140 
HIS CB   C  N N 141 
HIS CG   C  Y N 142 
HIS ND1  N  Y N 143 
HIS CD2  C  Y N 144 
HIS CE1  C  Y N 145 
HIS NE2  N  Y N 146 
HIS OXT  O  N N 147 
HIS H    H  N N 148 
HIS H2   H  N N 149 
HIS HA   H  N N 150 
HIS HB2  H  N N 151 
HIS HB3  H  N N 152 
HIS HD1  H  N N 153 
HIS HD2  H  N N 154 
HIS HE1  H  N N 155 
HIS HE2  H  N N 156 
HIS HXT  H  N N 157 
HOH O    O  N N 158 
HOH H1   H  N N 159 
HOH H2   H  N N 160 
ILE N    N  N N 161 
ILE CA   C  N S 162 
ILE C    C  N N 163 
ILE O    O  N N 164 
ILE CB   C  N S 165 
ILE CG1  C  N N 166 
ILE CG2  C  N N 167 
ILE CD1  C  N N 168 
ILE OXT  O  N N 169 
ILE H    H  N N 170 
ILE H2   H  N N 171 
ILE HA   H  N N 172 
ILE HB   H  N N 173 
ILE HG12 H  N N 174 
ILE HG13 H  N N 175 
ILE HG21 H  N N 176 
ILE HG22 H  N N 177 
ILE HG23 H  N N 178 
ILE HD11 H  N N 179 
ILE HD12 H  N N 180 
ILE HD13 H  N N 181 
ILE HXT  H  N N 182 
LEU N    N  N N 183 
LEU CA   C  N S 184 
LEU C    C  N N 185 
LEU O    O  N N 186 
LEU CB   C  N N 187 
LEU CG   C  N N 188 
LEU CD1  C  N N 189 
LEU CD2  C  N N 190 
LEU OXT  O  N N 191 
LEU H    H  N N 192 
LEU H2   H  N N 193 
LEU HA   H  N N 194 
LEU HB2  H  N N 195 
LEU HB3  H  N N 196 
LEU HG   H  N N 197 
LEU HD11 H  N N 198 
LEU HD12 H  N N 199 
LEU HD13 H  N N 200 
LEU HD21 H  N N 201 
LEU HD22 H  N N 202 
LEU HD23 H  N N 203 
LEU HXT  H  N N 204 
LYS N    N  N N 205 
LYS CA   C  N S 206 
LYS C    C  N N 207 
LYS O    O  N N 208 
LYS CB   C  N N 209 
LYS CG   C  N N 210 
LYS CD   C  N N 211 
LYS CE   C  N N 212 
LYS NZ   N  N N 213 
LYS OXT  O  N N 214 
LYS H    H  N N 215 
LYS H2   H  N N 216 
LYS HA   H  N N 217 
LYS HB2  H  N N 218 
LYS HB3  H  N N 219 
LYS HG2  H  N N 220 
LYS HG3  H  N N 221 
LYS HD2  H  N N 222 
LYS HD3  H  N N 223 
LYS HE2  H  N N 224 
LYS HE3  H  N N 225 
LYS HZ1  H  N N 226 
LYS HZ2  H  N N 227 
LYS HZ3  H  N N 228 
LYS HXT  H  N N 229 
MET N    N  N N 230 
MET CA   C  N S 231 
MET C    C  N N 232 
MET O    O  N N 233 
MET CB   C  N N 234 
MET CG   C  N N 235 
MET SD   S  N N 236 
MET CE   C  N N 237 
MET OXT  O  N N 238 
MET H    H  N N 239 
MET H2   H  N N 240 
MET HA   H  N N 241 
MET HB2  H  N N 242 
MET HB3  H  N N 243 
MET HG2  H  N N 244 
MET HG3  H  N N 245 
MET HE1  H  N N 246 
MET HE2  H  N N 247 
MET HE3  H  N N 248 
MET HXT  H  N N 249 
MSE N    N  N N 250 
MSE CA   C  N S 251 
MSE C    C  N N 252 
MSE O    O  N N 253 
MSE OXT  O  N N 254 
MSE CB   C  N N 255 
MSE CG   C  N N 256 
MSE SE   SE N N 257 
MSE CE   C  N N 258 
MSE H    H  N N 259 
MSE H2   H  N N 260 
MSE HA   H  N N 261 
MSE HXT  H  N N 262 
MSE HB2  H  N N 263 
MSE HB3  H  N N 264 
MSE HG2  H  N N 265 
MSE HG3  H  N N 266 
MSE HE1  H  N N 267 
MSE HE2  H  N N 268 
MSE HE3  H  N N 269 
PRO N    N  N N 270 
PRO CA   C  N S 271 
PRO C    C  N N 272 
PRO O    O  N N 273 
PRO CB   C  N N 274 
PRO CG   C  N N 275 
PRO CD   C  N N 276 
PRO OXT  O  N N 277 
PRO H    H  N N 278 
PRO HA   H  N N 279 
PRO HB2  H  N N 280 
PRO HB3  H  N N 281 
PRO HG2  H  N N 282 
PRO HG3  H  N N 283 
PRO HD2  H  N N 284 
PRO HD3  H  N N 285 
PRO HXT  H  N N 286 
SER N    N  N N 287 
SER CA   C  N S 288 
SER C    C  N N 289 
SER O    O  N N 290 
SER CB   C  N N 291 
SER OG   O  N N 292 
SER OXT  O  N N 293 
SER H    H  N N 294 
SER H2   H  N N 295 
SER HA   H  N N 296 
SER HB2  H  N N 297 
SER HB3  H  N N 298 
SER HG   H  N N 299 
SER HXT  H  N N 300 
THR N    N  N N 301 
THR CA   C  N S 302 
THR C    C  N N 303 
THR O    O  N N 304 
THR CB   C  N R 305 
THR OG1  O  N N 306 
THR CG2  C  N N 307 
THR OXT  O  N N 308 
THR H    H  N N 309 
THR H2   H  N N 310 
THR HA   H  N N 311 
THR HB   H  N N 312 
THR HG1  H  N N 313 
THR HG21 H  N N 314 
THR HG22 H  N N 315 
THR HG23 H  N N 316 
THR HXT  H  N N 317 
TRP N    N  N N 318 
TRP CA   C  N S 319 
TRP C    C  N N 320 
TRP O    O  N N 321 
TRP CB   C  N N 322 
TRP CG   C  Y N 323 
TRP CD1  C  Y N 324 
TRP CD2  C  Y N 325 
TRP NE1  N  Y N 326 
TRP CE2  C  Y N 327 
TRP CE3  C  Y N 328 
TRP CZ2  C  Y N 329 
TRP CZ3  C  Y N 330 
TRP CH2  C  Y N 331 
TRP OXT  O  N N 332 
TRP H    H  N N 333 
TRP H2   H  N N 334 
TRP HA   H  N N 335 
TRP HB2  H  N N 336 
TRP HB3  H  N N 337 
TRP HD1  H  N N 338 
TRP HE1  H  N N 339 
TRP HE3  H  N N 340 
TRP HZ2  H  N N 341 
TRP HZ3  H  N N 342 
TRP HH2  H  N N 343 
TRP HXT  H  N N 344 
TYR N    N  N N 345 
TYR CA   C  N S 346 
TYR C    C  N N 347 
TYR O    O  N N 348 
TYR CB   C  N N 349 
TYR CG   C  Y N 350 
TYR CD1  C  Y N 351 
TYR CD2  C  Y N 352 
TYR CE1  C  Y N 353 
TYR CE2  C  Y N 354 
TYR CZ   C  Y N 355 
TYR OH   O  N N 356 
TYR OXT  O  N N 357 
TYR H    H  N N 358 
TYR H2   H  N N 359 
TYR HA   H  N N 360 
TYR HB2  H  N N 361 
TYR HB3  H  N N 362 
TYR HD1  H  N N 363 
TYR HD2  H  N N 364 
TYR HE1  H  N N 365 
TYR HE2  H  N N 366 
TYR HH   H  N N 367 
TYR HXT  H  N N 368 
VAL N    N  N N 369 
VAL CA   C  N S 370 
VAL C    C  N N 371 
VAL O    O  N N 372 
VAL CB   C  N N 373 
VAL CG1  C  N N 374 
VAL CG2  C  N N 375 
VAL OXT  O  N N 376 
VAL H    H  N N 377 
VAL H2   H  N N 378 
VAL HA   H  N N 379 
VAL HB   H  N N 380 
VAL HG11 H  N N 381 
VAL HG12 H  N N 382 
VAL HG13 H  N N 383 
VAL HG21 H  N N 384 
VAL HG22 H  N N 385 
VAL HG23 H  N N 386 
VAL HXT  H  N N 387 
# 
loop_
_chem_comp_bond.comp_id 
_chem_comp_bond.atom_id_1 
_chem_comp_bond.atom_id_2 
_chem_comp_bond.value_order 
_chem_comp_bond.pdbx_aromatic_flag 
_chem_comp_bond.pdbx_stereo_config 
_chem_comp_bond.pdbx_ordinal 
ALA N   CA   sing N N 1   
ALA N   H    sing N N 2   
ALA N   H2   sing N N 3   
ALA CA  C    sing N N 4   
ALA CA  CB   sing N N 5   
ALA CA  HA   sing N N 6   
ALA C   O    doub N N 7   
ALA C   OXT  sing N N 8   
ALA CB  HB1  sing N N 9   
ALA CB  HB2  sing N N 10  
ALA CB  HB3  sing N N 11  
ALA OXT HXT  sing N N 12  
ARG N   CA   sing N N 13  
ARG N   H    sing N N 14  
ARG N   H2   sing N N 15  
ARG CA  C    sing N N 16  
ARG CA  CB   sing N N 17  
ARG CA  HA   sing N N 18  
ARG C   O    doub N N 19  
ARG C   OXT  sing N N 20  
ARG CB  CG   sing N N 21  
ARG CB  HB2  sing N N 22  
ARG CB  HB3  sing N N 23  
ARG CG  CD   sing N N 24  
ARG CG  HG2  sing N N 25  
ARG CG  HG3  sing N N 26  
ARG CD  NE   sing N N 27  
ARG CD  HD2  sing N N 28  
ARG CD  HD3  sing N N 29  
ARG NE  CZ   sing N N 30  
ARG NE  HE   sing N N 31  
ARG CZ  NH1  sing N N 32  
ARG CZ  NH2  doub N N 33  
ARG NH1 HH11 sing N N 34  
ARG NH1 HH12 sing N N 35  
ARG NH2 HH21 sing N N 36  
ARG NH2 HH22 sing N N 37  
ARG OXT HXT  sing N N 38  
ASN N   CA   sing N N 39  
ASN N   H    sing N N 40  
ASN N   H2   sing N N 41  
ASN CA  C    sing N N 42  
ASN CA  CB   sing N N 43  
ASN CA  HA   sing N N 44  
ASN C   O    doub N N 45  
ASN C   OXT  sing N N 46  
ASN CB  CG   sing N N 47  
ASN CB  HB2  sing N N 48  
ASN CB  HB3  sing N N 49  
ASN CG  OD1  doub N N 50  
ASN CG  ND2  sing N N 51  
ASN ND2 HD21 sing N N 52  
ASN ND2 HD22 sing N N 53  
ASN OXT HXT  sing N N 54  
ASP N   CA   sing N N 55  
ASP N   H    sing N N 56  
ASP N   H2   sing N N 57  
ASP CA  C    sing N N 58  
ASP CA  CB   sing N N 59  
ASP CA  HA   sing N N 60  
ASP C   O    doub N N 61  
ASP C   OXT  sing N N 62  
ASP CB  CG   sing N N 63  
ASP CB  HB2  sing N N 64  
ASP CB  HB3  sing N N 65  
ASP CG  OD1  doub N N 66  
ASP CG  OD2  sing N N 67  
ASP OD2 HD2  sing N N 68  
ASP OXT HXT  sing N N 69  
CYS N   CA   sing N N 70  
CYS N   H    sing N N 71  
CYS N   H2   sing N N 72  
CYS CA  C    sing N N 73  
CYS CA  CB   sing N N 74  
CYS CA  HA   sing N N 75  
CYS C   O    doub N N 76  
CYS C   OXT  sing N N 77  
CYS CB  SG   sing N N 78  
CYS CB  HB2  sing N N 79  
CYS CB  HB3  sing N N 80  
CYS SG  HG   sing N N 81  
CYS OXT HXT  sing N N 82  
GLN N   CA   sing N N 83  
GLN N   H    sing N N 84  
GLN N   H2   sing N N 85  
GLN CA  C    sing N N 86  
GLN CA  CB   sing N N 87  
GLN CA  HA   sing N N 88  
GLN C   O    doub N N 89  
GLN C   OXT  sing N N 90  
GLN CB  CG   sing N N 91  
GLN CB  HB2  sing N N 92  
GLN CB  HB3  sing N N 93  
GLN CG  CD   sing N N 94  
GLN CG  HG2  sing N N 95  
GLN CG  HG3  sing N N 96  
GLN CD  OE1  doub N N 97  
GLN CD  NE2  sing N N 98  
GLN NE2 HE21 sing N N 99  
GLN NE2 HE22 sing N N 100 
GLN OXT HXT  sing N N 101 
GLU N   CA   sing N N 102 
GLU N   H    sing N N 103 
GLU N   H2   sing N N 104 
GLU CA  C    sing N N 105 
GLU CA  CB   sing N N 106 
GLU CA  HA   sing N N 107 
GLU C   O    doub N N 108 
GLU C   OXT  sing N N 109 
GLU CB  CG   sing N N 110 
GLU CB  HB2  sing N N 111 
GLU CB  HB3  sing N N 112 
GLU CG  CD   sing N N 113 
GLU CG  HG2  sing N N 114 
GLU CG  HG3  sing N N 115 
GLU CD  OE1  doub N N 116 
GLU CD  OE2  sing N N 117 
GLU OE2 HE2  sing N N 118 
GLU OXT HXT  sing N N 119 
GLY N   CA   sing N N 120 
GLY N   H    sing N N 121 
GLY N   H2   sing N N 122 
GLY CA  C    sing N N 123 
GLY CA  HA2  sing N N 124 
GLY CA  HA3  sing N N 125 
GLY C   O    doub N N 126 
GLY C   OXT  sing N N 127 
GLY OXT HXT  sing N N 128 
HIS N   CA   sing N N 129 
HIS N   H    sing N N 130 
HIS N   H2   sing N N 131 
HIS CA  C    sing N N 132 
HIS CA  CB   sing N N 133 
HIS CA  HA   sing N N 134 
HIS C   O    doub N N 135 
HIS C   OXT  sing N N 136 
HIS CB  CG   sing N N 137 
HIS CB  HB2  sing N N 138 
HIS CB  HB3  sing N N 139 
HIS CG  ND1  sing Y N 140 
HIS CG  CD2  doub Y N 141 
HIS ND1 CE1  doub Y N 142 
HIS ND1 HD1  sing N N 143 
HIS CD2 NE2  sing Y N 144 
HIS CD2 HD2  sing N N 145 
HIS CE1 NE2  sing Y N 146 
HIS CE1 HE1  sing N N 147 
HIS NE2 HE2  sing N N 148 
HIS OXT HXT  sing N N 149 
HOH O   H1   sing N N 150 
HOH O   H2   sing N N 151 
ILE N   CA   sing N N 152 
ILE N   H    sing N N 153 
ILE N   H2   sing N N 154 
ILE CA  C    sing N N 155 
ILE CA  CB   sing N N 156 
ILE CA  HA   sing N N 157 
ILE C   O    doub N N 158 
ILE C   OXT  sing N N 159 
ILE CB  CG1  sing N N 160 
ILE CB  CG2  sing N N 161 
ILE CB  HB   sing N N 162 
ILE CG1 CD1  sing N N 163 
ILE CG1 HG12 sing N N 164 
ILE CG1 HG13 sing N N 165 
ILE CG2 HG21 sing N N 166 
ILE CG2 HG22 sing N N 167 
ILE CG2 HG23 sing N N 168 
ILE CD1 HD11 sing N N 169 
ILE CD1 HD12 sing N N 170 
ILE CD1 HD13 sing N N 171 
ILE OXT HXT  sing N N 172 
LEU N   CA   sing N N 173 
LEU N   H    sing N N 174 
LEU N   H2   sing N N 175 
LEU CA  C    sing N N 176 
LEU CA  CB   sing N N 177 
LEU CA  HA   sing N N 178 
LEU C   O    doub N N 179 
LEU C   OXT  sing N N 180 
LEU CB  CG   sing N N 181 
LEU CB  HB2  sing N N 182 
LEU CB  HB3  sing N N 183 
LEU CG  CD1  sing N N 184 
LEU CG  CD2  sing N N 185 
LEU CG  HG   sing N N 186 
LEU CD1 HD11 sing N N 187 
LEU CD1 HD12 sing N N 188 
LEU CD1 HD13 sing N N 189 
LEU CD2 HD21 sing N N 190 
LEU CD2 HD22 sing N N 191 
LEU CD2 HD23 sing N N 192 
LEU OXT HXT  sing N N 193 
LYS N   CA   sing N N 194 
LYS N   H    sing N N 195 
LYS N   H2   sing N N 196 
LYS CA  C    sing N N 197 
LYS CA  CB   sing N N 198 
LYS CA  HA   sing N N 199 
LYS C   O    doub N N 200 
LYS C   OXT  sing N N 201 
LYS CB  CG   sing N N 202 
LYS CB  HB2  sing N N 203 
LYS CB  HB3  sing N N 204 
LYS CG  CD   sing N N 205 
LYS CG  HG2  sing N N 206 
LYS CG  HG3  sing N N 207 
LYS CD  CE   sing N N 208 
LYS CD  HD2  sing N N 209 
LYS CD  HD3  sing N N 210 
LYS CE  NZ   sing N N 211 
LYS CE  HE2  sing N N 212 
LYS CE  HE3  sing N N 213 
LYS NZ  HZ1  sing N N 214 
LYS NZ  HZ2  sing N N 215 
LYS NZ  HZ3  sing N N 216 
LYS OXT HXT  sing N N 217 
MET N   CA   sing N N 218 
MET N   H    sing N N 219 
MET N   H2   sing N N 220 
MET CA  C    sing N N 221 
MET CA  CB   sing N N 222 
MET CA  HA   sing N N 223 
MET C   O    doub N N 224 
MET C   OXT  sing N N 225 
MET CB  CG   sing N N 226 
MET CB  HB2  sing N N 227 
MET CB  HB3  sing N N 228 
MET CG  SD   sing N N 229 
MET CG  HG2  sing N N 230 
MET CG  HG3  sing N N 231 
MET SD  CE   sing N N 232 
MET CE  HE1  sing N N 233 
MET CE  HE2  sing N N 234 
MET CE  HE3  sing N N 235 
MET OXT HXT  sing N N 236 
MSE N   CA   sing N N 237 
MSE N   H    sing N N 238 
MSE N   H2   sing N N 239 
MSE CA  C    sing N N 240 
MSE CA  CB   sing N N 241 
MSE CA  HA   sing N N 242 
MSE C   O    doub N N 243 
MSE C   OXT  sing N N 244 
MSE OXT HXT  sing N N 245 
MSE CB  CG   sing N N 246 
MSE CB  HB2  sing N N 247 
MSE CB  HB3  sing N N 248 
MSE CG  SE   sing N N 249 
MSE CG  HG2  sing N N 250 
MSE CG  HG3  sing N N 251 
MSE SE  CE   sing N N 252 
MSE CE  HE1  sing N N 253 
MSE CE  HE2  sing N N 254 
MSE CE  HE3  sing N N 255 
PRO N   CA   sing N N 256 
PRO N   CD   sing N N 257 
PRO N   H    sing N N 258 
PRO CA  C    sing N N 259 
PRO CA  CB   sing N N 260 
PRO CA  HA   sing N N 261 
PRO C   O    doub N N 262 
PRO C   OXT  sing N N 263 
PRO CB  CG   sing N N 264 
PRO CB  HB2  sing N N 265 
PRO CB  HB3  sing N N 266 
PRO CG  CD   sing N N 267 
PRO CG  HG2  sing N N 268 
PRO CG  HG3  sing N N 269 
PRO CD  HD2  sing N N 270 
PRO CD  HD3  sing N N 271 
PRO OXT HXT  sing N N 272 
SER N   CA   sing N N 273 
SER N   H    sing N N 274 
SER N   H2   sing N N 275 
SER CA  C    sing N N 276 
SER CA  CB   sing N N 277 
SER CA  HA   sing N N 278 
SER C   O    doub N N 279 
SER C   OXT  sing N N 280 
SER CB  OG   sing N N 281 
SER CB  HB2  sing N N 282 
SER CB  HB3  sing N N 283 
SER OG  HG   sing N N 284 
SER OXT HXT  sing N N 285 
THR N   CA   sing N N 286 
THR N   H    sing N N 287 
THR N   H2   sing N N 288 
THR CA  C    sing N N 289 
THR CA  CB   sing N N 290 
THR CA  HA   sing N N 291 
THR C   O    doub N N 292 
THR C   OXT  sing N N 293 
THR CB  OG1  sing N N 294 
THR CB  CG2  sing N N 295 
THR CB  HB   sing N N 296 
THR OG1 HG1  sing N N 297 
THR CG2 HG21 sing N N 298 
THR CG2 HG22 sing N N 299 
THR CG2 HG23 sing N N 300 
THR OXT HXT  sing N N 301 
TRP N   CA   sing N N 302 
TRP N   H    sing N N 303 
TRP N   H2   sing N N 304 
TRP CA  C    sing N N 305 
TRP CA  CB   sing N N 306 
TRP CA  HA   sing N N 307 
TRP C   O    doub N N 308 
TRP C   OXT  sing N N 309 
TRP CB  CG   sing N N 310 
TRP CB  HB2  sing N N 311 
TRP CB  HB3  sing N N 312 
TRP CG  CD1  doub Y N 313 
TRP CG  CD2  sing Y N 314 
TRP CD1 NE1  sing Y N 315 
TRP CD1 HD1  sing N N 316 
TRP CD2 CE2  doub Y N 317 
TRP CD2 CE3  sing Y N 318 
TRP NE1 CE2  sing Y N 319 
TRP NE1 HE1  sing N N 320 
TRP CE2 CZ2  sing Y N 321 
TRP CE3 CZ3  doub Y N 322 
TRP CE3 HE3  sing N N 323 
TRP CZ2 CH2  doub Y N 324 
TRP CZ2 HZ2  sing N N 325 
TRP CZ3 CH2  sing Y N 326 
TRP CZ3 HZ3  sing N N 327 
TRP CH2 HH2  sing N N 328 
TRP OXT HXT  sing N N 329 
TYR N   CA   sing N N 330 
TYR N   H    sing N N 331 
TYR N   H2   sing N N 332 
TYR CA  C    sing N N 333 
TYR CA  CB   sing N N 334 
TYR CA  HA   sing N N 335 
TYR C   O    doub N N 336 
TYR C   OXT  sing N N 337 
TYR CB  CG   sing N N 338 
TYR CB  HB2  sing N N 339 
TYR CB  HB3  sing N N 340 
TYR CG  CD1  doub Y N 341 
TYR CG  CD2  sing Y N 342 
TYR CD1 CE1  sing Y N 343 
TYR CD1 HD1  sing N N 344 
TYR CD2 CE2  doub Y N 345 
TYR CD2 HD2  sing N N 346 
TYR CE1 CZ   doub Y N 347 
TYR CE1 HE1  sing N N 348 
TYR CE2 CZ   sing Y N 349 
TYR CE2 HE2  sing N N 350 
TYR CZ  OH   sing N N 351 
TYR OH  HH   sing N N 352 
TYR OXT HXT  sing N N 353 
VAL N   CA   sing N N 354 
VAL N   H    sing N N 355 
VAL N   H2   sing N N 356 
VAL CA  C    sing N N 357 
VAL CA  CB   sing N N 358 
VAL CA  HA   sing N N 359 
VAL C   O    doub N N 360 
VAL C   OXT  sing N N 361 
VAL CB  CG1  sing N N 362 
VAL CB  CG2  sing N N 363 
VAL CB  HB   sing N N 364 
VAL CG1 HG11 sing N N 365 
VAL CG1 HG12 sing N N 366 
VAL CG1 HG13 sing N N 367 
VAL CG2 HG21 sing N N 368 
VAL CG2 HG22 sing N N 369 
VAL CG2 HG23 sing N N 370 
VAL OXT HXT  sing N N 371 
# 
_atom_sites.entry_id                    2CWY 
_atom_sites.fract_transf_matrix[1][1]   0.00111368 
_atom_sites.fract_transf_matrix[1][2]   -0.02142640 
_atom_sites.fract_transf_matrix[1][3]   -0.01736171 
_atom_sites.fract_transf_matrix[2][1]   -0.02129566 
_atom_sites.fract_transf_matrix[2][2]   0.00669341 
_atom_sites.fract_transf_matrix[2][3]   -0.00962649 
_atom_sites.fract_transf_matrix[3][1]   0.00889470 
_atom_sites.fract_transf_matrix[3][2]   0.01049396 
_atom_sites.fract_transf_matrix[3][3]   -0.01238023 
_atom_sites.fract_transf_vector[1]      0.758579 
_atom_sites.fract_transf_vector[2]      0.744330 
_atom_sites.fract_transf_vector[3]      0.227988 
# 
loop_
_atom_type.symbol 
C  
N  
O  
S  
SE 
# 
loop_
_atom_site.group_PDB 
_atom_site.id 
_atom_site.type_symbol 
_atom_site.label_atom_id 
_atom_site.label_alt_id 
_atom_site.label_comp_id 
_atom_site.label_asym_id 
_atom_site.label_entity_id 
_atom_site.label_seq_id 
_atom_site.pdbx_PDB_ins_code 
_atom_site.Cartn_x 
_atom_site.Cartn_y 
_atom_site.Cartn_z 
_atom_site.occupancy 
_atom_site.B_iso_or_equiv 
_atom_site.pdbx_formal_charge 
_atom_site.auth_seq_id 
_atom_site.auth_comp_id 
_atom_site.auth_asym_id 
_atom_site.auth_atom_id 
_atom_site.pdbx_PDB_model_num 
HETATM 1   N  N   . MSE A 1 1  ? 7.793   3.374   16.994  1.00 27.30 ? 1   MSE A N   1 
HETATM 2   C  CA  . MSE A 1 1  ? 8.047   3.858   15.612  1.00 26.48 ? 1   MSE A CA  1 
HETATM 3   C  C   . MSE A 1 1  ? 7.093   3.287   14.570  1.00 24.98 ? 1   MSE A C   1 
HETATM 4   O  O   . MSE A 1 1  ? 6.899   2.074   14.470  1.00 25.26 ? 1   MSE A O   1 
HETATM 5   C  CB  . MSE A 1 1  ? 9.468   3.519   15.182  1.00 31.99 ? 1   MSE A CB  1 
HETATM 6   C  CG  . MSE A 1 1  ? 10.550  4.426   15.717  1.00 32.27 ? 1   MSE A CG  1 
HETATM 7   SE SE  . MSE A 1 1  ? 12.210  3.757   15.014  1.00 47.17 ? 1   MSE A SE  1 
HETATM 8   C  CE  . MSE A 1 1  ? 12.204  2.053   15.948  1.00 42.83 ? 1   MSE A CE  1 
ATOM   9   N  N   . VAL A 1 2  ? 6.504   4.182   13.791  1.00 21.00 ? 2   VAL A N   1 
ATOM   10  C  CA  . VAL A 1 2  ? 5.597   3.803   12.726  1.00 18.86 ? 2   VAL A CA  1 
ATOM   11  C  C   . VAL A 1 2  ? 6.035   4.647   11.544  1.00 15.79 ? 2   VAL A C   1 
ATOM   12  O  O   . VAL A 1 2  ? 6.745   5.636   11.718  1.00 16.54 ? 2   VAL A O   1 
ATOM   13  C  CB  . VAL A 1 2  ? 4.143   4.103   13.101  1.00 18.76 ? 2   VAL A CB  1 
ATOM   14  C  CG1 . VAL A 1 2  ? 3.756   3.275   14.326  1.00 23.40 ? 2   VAL A CG1 1 
ATOM   15  C  CG2 . VAL A 1 2  ? 3.962   5.578   13.381  1.00 18.49 ? 2   VAL A CG2 1 
ATOM   16  N  N   . PRO A 1 3  ? 5.625   4.277   10.329  1.00 14.10 ? 3   PRO A N   1 
ATOM   17  C  CA  . PRO A 1 3  ? 6.028   5.051   9.149   1.00 12.23 ? 3   PRO A CA  1 
ATOM   18  C  C   . PRO A 1 3  ? 5.725   6.552   9.213   1.00 12.01 ? 3   PRO A C   1 
ATOM   19  O  O   . PRO A 1 3  ? 4.749   6.963   9.829   1.00 11.44 ? 3   PRO A O   1 
ATOM   20  C  CB  . PRO A 1 3  ? 5.236   4.387   8.012   1.00 12.91 ? 3   PRO A CB  1 
ATOM   21  C  CG  . PRO A 1 3  ? 4.971   2.999   8.513   1.00 13.72 ? 3   PRO A CG  1 
ATOM   22  C  CD  . PRO A 1 3  ? 4.649   3.233   9.967   1.00 12.82 ? 3   PRO A CD  1 
ATOM   23  N  N   . ASP A 1 4  ? 6.579   7.363   8.591   1.00 10.61 ? 4   ASP A N   1 
ATOM   24  C  CA  . ASP A 1 4  ? 6.321   8.797   8.473   1.00 10.59 ? 4   ASP A CA  1 
ATOM   25  C  C   . ASP A 1 4  ? 5.625   8.784   7.107   1.00 9.93  ? 4   ASP A C   1 
ATOM   26  O  O   . ASP A 1 4  ? 6.287   8.729   6.074   1.00 9.10  ? 4   ASP A O   1 
ATOM   27  C  CB  . ASP A 1 4  ? 7.618   9.608   8.364   1.00 13.77 ? 4   ASP A CB  1 
ATOM   28  C  CG  . ASP A 1 4  ? 7.361   11.077  8.054   1.00 15.20 ? 4   ASP A CG  1 
ATOM   29  O  OD1 . ASP A 1 4  ? 6.372   11.386  7.352   1.00 17.15 ? 4   ASP A OD1 1 
ATOM   30  O  OD2 . ASP A 1 4  ? 8.150   11.931  8.500   1.00 16.81 ? 4   ASP A OD2 1 
ATOM   31  N  N   . TRP A 1 5  ? 4.295   8.809   7.100   1.00 10.06 ? 5   TRP A N   1 
ATOM   32  C  CA  . TRP A 1 5  ? 3.562   8.729   5.842   1.00 10.26 ? 5   TRP A CA  1 
ATOM   33  C  C   . TRP A 1 5  ? 3.843   9.865   4.858   1.00 12.16 ? 5   TRP A C   1 
ATOM   34  O  O   . TRP A 1 5  ? 3.665   9.703   3.653   1.00 12.69 ? 5   TRP A O   1 
ATOM   35  C  CB  . TRP A 1 5  ? 2.056   8.573   6.128   1.00 9.24  ? 5   TRP A CB  1 
ATOM   36  C  CG  . TRP A 1 5  ? 1.705   7.261   6.804   1.00 10.43 ? 5   TRP A CG  1 
ATOM   37  C  CD1 . TRP A 1 5  ? 1.183   7.086   8.059   1.00 11.26 ? 5   TRP A CD1 1 
ATOM   38  C  CD2 . TRP A 1 5  ? 1.823   5.943   6.236   1.00 9.89  ? 5   TRP A CD2 1 
ATOM   39  N  NE1 . TRP A 1 5  ? 0.965   5.743   8.300   1.00 12.24 ? 5   TRP A NE1 1 
ATOM   40  C  CE2 . TRP A 1 5  ? 1.351   5.025   7.199   1.00 10.71 ? 5   TRP A CE2 1 
ATOM   41  C  CE3 . TRP A 1 5  ? 2.278   5.455   5.003   1.00 11.04 ? 5   TRP A CE3 1 
ATOM   42  C  CZ2 . TRP A 1 5  ? 1.320   3.636   6.965   1.00 12.04 ? 5   TRP A CZ2 1 
ATOM   43  C  CZ3 . TRP A 1 5  ? 2.242   4.071   4.769   1.00 10.17 ? 5   TRP A CZ3 1 
ATOM   44  C  CH2 . TRP A 1 5  ? 1.767   3.185   5.749   1.00 9.97  ? 5   TRP A CH2 1 
ATOM   45  N  N   . GLU A 1 6  ? 4.302   11.009  5.353   1.00 12.22 ? 6   GLU A N   1 
ATOM   46  C  CA  . GLU A 1 6  ? 4.622   12.103  4.452   1.00 13.05 ? 6   GLU A CA  1 
ATOM   47  C  C   . GLU A 1 6  ? 5.776   11.646  3.563   1.00 11.58 ? 6   GLU A C   1 
ATOM   48  O  O   . GLU A 1 6  ? 5.773   11.866  2.359   1.00 11.49 ? 6   GLU A O   1 
ATOM   49  C  CB  . GLU A 1 6  ? 5.012   13.353  5.241   1.00 16.66 ? 6   GLU A CB  1 
ATOM   50  C  CG  . GLU A 1 6  ? 4.915   14.647  4.431   1.00 24.77 ? 6   GLU A CG  1 
ATOM   51  C  CD  . GLU A 1 6  ? 3.633   14.742  3.587   1.00 28.06 ? 6   GLU A CD  1 
ATOM   52  O  OE1 . GLU A 1 6  ? 2.593   14.155  3.975   1.00 33.06 ? 6   GLU A OE1 1 
ATOM   53  O  OE2 . GLU A 1 6  ? 3.664   15.421  2.536   1.00 30.46 ? 6   GLU A OE2 1 
ATOM   54  N  N   . GLU A 1 7  ? 6.763   10.992  4.162   1.00 12.27 ? 7   GLU A N   1 
ATOM   55  C  CA  . GLU A 1 7  ? 7.902   10.483  3.404   1.00 11.79 ? 7   GLU A CA  1 
ATOM   56  C  C   . GLU A 1 7  ? 7.486   9.360   2.463   1.00 10.59 ? 7   GLU A C   1 
ATOM   57  O  O   . GLU A 1 7  ? 7.903   9.318   1.300   1.00 10.48 ? 7   GLU A O   1 
ATOM   58  C  CB  . GLU A 1 7  ? 8.976   9.941   4.349   1.00 18.15 ? 7   GLU A CB  1 
ATOM   59  C  CG  . GLU A 1 7  ? 9.754   11.019  5.051   1.00 24.99 ? 7   GLU A CG  1 
ATOM   60  C  CD  . GLU A 1 7  ? 10.354  11.998  4.065   1.00 28.62 ? 7   GLU A CD  1 
ATOM   61  O  OE1 . GLU A 1 7  ? 11.125  11.549  3.182   1.00 29.41 ? 7   GLU A OE1 1 
ATOM   62  O  OE2 . GLU A 1 7  ? 10.043  13.205  4.176   1.00 30.35 ? 7   GLU A OE2 1 
ATOM   63  N  N   . VAL A 1 8  ? 6.665   8.450   2.968   1.00 9.62  ? 8   VAL A N   1 
ATOM   64  C  CA  . VAL A 1 8  ? 6.228   7.308   2.171   1.00 9.62  ? 8   VAL A CA  1 
ATOM   65  C  C   . VAL A 1 8  ? 5.413   7.753   0.971   1.00 10.35 ? 8   VAL A C   1 
ATOM   66  O  O   . VAL A 1 8  ? 5.616   7.278   -0.141  1.00 11.35 ? 8   VAL A O   1 
ATOM   67  C  CB  . VAL A 1 8  ? 5.416   6.316   3.030   1.00 11.89 ? 8   VAL A CB  1 
ATOM   68  C  CG1 . VAL A 1 8  ? 4.884   5.179   2.158   1.00 13.40 ? 8   VAL A CG1 1 
ATOM   69  C  CG2 . VAL A 1 8  ? 6.298   5.758   4.148   1.00 10.60 ? 8   VAL A CG2 1 
ATOM   70  N  N   . LEU A 1 9  ? 4.497   8.682   1.190   1.00 9.75  ? 9   LEU A N   1 
ATOM   71  C  CA  . LEU A 1 9  ? 3.676   9.173   0.090   1.00 12.11 ? 9   LEU A CA  1 
ATOM   72  C  C   . LEU A 1 9  ? 4.548   9.979   -0.875  1.00 11.98 ? 9   LEU A C   1 
ATOM   73  O  O   . LEU A 1 9  ? 4.214   10.129  -2.053  1.00 10.69 ? 9   LEU A O   1 
ATOM   74  C  CB  . LEU A 1 9  ? 2.520   10.014  0.637   1.00 11.12 ? 9   LEU A CB  1 
ATOM   75  C  CG  . LEU A 1 9  ? 1.538   9.192   1.475   1.00 12.10 ? 9   LEU A CG  1 
ATOM   76  C  CD1 . LEU A 1 9  ? 0.449   10.094  2.029   1.00 15.89 ? 9   LEU A CD1 1 
ATOM   77  C  CD2 . LEU A 1 9  ? 0.949   8.080   0.616   1.00 13.90 ? 9   LEU A CD2 1 
ATOM   78  N  N   . GLY A 1 10 ? 5.671   10.483  -0.366  1.00 10.89 ? 10  GLY A N   1 
ATOM   79  C  CA  . GLY A 1 10 ? 6.604   11.224  -1.196  1.00 12.52 ? 10  GLY A CA  1 
ATOM   80  C  C   . GLY A 1 10 ? 7.210   10.269  -2.211  1.00 11.77 ? 10  GLY A C   1 
ATOM   81  O  O   . GLY A 1 10 ? 7.326   10.590  -3.395  1.00 10.68 ? 10  GLY A O   1 
ATOM   82  N  N   . LEU A 1 11 ? 7.602   9.086   -1.748  1.00 11.93 ? 11  LEU A N   1 
ATOM   83  C  CA  . LEU A 1 11 ? 8.167   8.075   -2.641  1.00 11.82 ? 11  LEU A CA  1 
ATOM   84  C  C   . LEU A 1 11 ? 7.109   7.674   -3.662  1.00 12.43 ? 11  LEU A C   1 
ATOM   85  O  O   . LEU A 1 11 ? 7.397   7.538   -4.856  1.00 10.87 ? 11  LEU A O   1 
ATOM   86  C  CB  . LEU A 1 11 ? 8.575   6.826   -1.854  1.00 10.76 ? 11  LEU A CB  1 
ATOM   87  C  CG  . LEU A 1 11 ? 9.677   6.986   -0.808  1.00 10.59 ? 11  LEU A CG  1 
ATOM   88  C  CD1 . LEU A 1 11 ? 9.673   5.756   0.098   1.00 11.01 ? 11  LEU A CD1 1 
ATOM   89  C  CD2 . LEU A 1 11 ? 11.034  7.157   -1.495  1.00 11.51 ? 11  LEU A CD2 1 
ATOM   90  N  N   . TRP A 1 12 ? 5.887   7.473   -3.177  1.00 11.90 ? 12  TRP A N   1 
ATOM   91  C  CA  . TRP A 1 12 ? 4.765   7.081   -4.034  1.00 12.11 ? 12  TRP A CA  1 
ATOM   92  C  C   . TRP A 1 12 ? 4.510   8.119   -5.127  1.00 10.66 ? 12  TRP A C   1 
ATOM   93  O  O   . TRP A 1 12 ? 4.299   7.765   -6.292  1.00 10.79 ? 12  TRP A O   1 
ATOM   94  C  CB  . TRP A 1 12 ? 3.505   6.914   -3.189  1.00 10.78 ? 12  TRP A CB  1 
ATOM   95  C  CG  . TRP A 1 12 ? 2.279   6.459   -3.950  1.00 14.67 ? 12  TRP A CG  1 
ATOM   96  C  CD1 . TRP A 1 12 ? 1.527   7.197   -4.828  1.00 15.69 ? 12  TRP A CD1 1 
ATOM   97  C  CD2 . TRP A 1 12 ? 1.647   5.172   -3.871  1.00 13.39 ? 12  TRP A CD2 1 
ATOM   98  N  NE1 . TRP A 1 12 ? 0.470   6.451   -5.295  1.00 15.08 ? 12  TRP A NE1 1 
ATOM   99  C  CE2 . TRP A 1 12 ? 0.519   5.207   -4.722  1.00 14.73 ? 12  TRP A CE2 1 
ATOM   100 C  CE3 . TRP A 1 12 ? 1.924   3.994   -3.163  1.00 15.50 ? 12  TRP A CE3 1 
ATOM   101 C  CZ2 . TRP A 1 12 ? -0.336  4.108   -4.882  1.00 13.93 ? 12  TRP A CZ2 1 
ATOM   102 C  CZ3 . TRP A 1 12 ? 1.068   2.896   -3.325  1.00 13.45 ? 12  TRP A CZ3 1 
ATOM   103 C  CH2 . TRP A 1 12 ? -0.044  2.967   -4.177  1.00 16.30 ? 12  TRP A CH2 1 
ATOM   104 N  N   . ARG A 1 13 ? 4.518   9.390   -4.742  1.00 10.62 ? 13  ARG A N   1 
ATOM   105 C  CA  . ARG A 1 13 ? 4.298   10.485  -5.691  1.00 12.59 ? 13  ARG A CA  1 
ATOM   106 C  C   . ARG A 1 13 ? 5.405   10.540  -6.732  1.00 11.67 ? 13  ARG A C   1 
ATOM   107 O  O   . ARG A 1 13 ? 5.181   10.941  -7.881  1.00 11.89 ? 13  ARG A O   1 
ATOM   108 C  CB  . ARG A 1 13 ? 4.230   11.826  -4.950  1.00 15.50 ? 13  ARG A CB  1 
ATOM   109 C  CG  . ARG A 1 13 ? 2.913   12.067  -4.246  1.00 21.92 ? 13  ARG A CG  1 
ATOM   110 C  CD  . ARG A 1 13 ? 2.854   13.477  -3.707  1.00 26.94 ? 13  ARG A CD  1 
ATOM   111 N  NE  . ARG A 1 13 ? 3.556   13.611  -2.434  1.00 31.80 ? 13  ARG A NE  1 
ATOM   112 C  CZ  . ARG A 1 13 ? 2.983   13.432  -1.248  1.00 32.08 ? 13  ARG A CZ  1 
ATOM   113 N  NH1 . ARG A 1 13 ? 1.694   13.114  -1.177  1.00 34.12 ? 13  ARG A NH1 1 
ATOM   114 N  NH2 . ARG A 1 13 ? 3.699   13.571  -0.137  1.00 34.09 ? 13  ARG A NH2 1 
ATOM   115 N  N   . ALA A 1 14 ? 6.606   10.144  -6.327  1.00 11.09 ? 14  ALA A N   1 
ATOM   116 C  CA  . ALA A 1 14 ? 7.744   10.127  -7.238  1.00 12.80 ? 14  ALA A CA  1 
ATOM   117 C  C   . ALA A 1 14 ? 7.805   8.823   -8.050  1.00 13.16 ? 14  ALA A C   1 
ATOM   118 O  O   . ALA A 1 14 ? 8.767   8.586   -8.790  1.00 13.59 ? 14  ALA A O   1 
ATOM   119 C  CB  . ALA A 1 14 ? 9.041   10.333  -6.466  1.00 11.99 ? 14  ALA A CB  1 
ATOM   120 N  N   . GLY A 1 15 ? 6.783   7.982   -7.906  1.00 12.23 ? 15  GLY A N   1 
ATOM   121 C  CA  . GLY A 1 15 ? 6.734   6.728   -8.649  1.00 13.69 ? 15  GLY A CA  1 
ATOM   122 C  C   . GLY A 1 15 ? 7.695   5.631   -8.207  1.00 13.25 ? 15  GLY A C   1 
ATOM   123 O  O   . GLY A 1 15 ? 7.990   4.698   -8.965  1.00 11.90 ? 15  GLY A O   1 
ATOM   124 N  N   . ARG A 1 16 ? 8.186   5.734   -6.980  1.00 12.22 ? 16  ARG A N   1 
ATOM   125 C  CA  . ARG A 1 16 ? 9.108   4.745   -6.435  1.00 11.28 ? 16  ARG A CA  1 
ATOM   126 C  C   . ARG A 1 16 ? 8.331   3.687   -5.658  1.00 10.67 ? 16  ARG A C   1 
ATOM   127 O  O   . ARG A 1 16 ? 8.488   3.540   -4.449  1.00 9.96  ? 16  ARG A O   1 
ATOM   128 C  CB  . ARG A 1 16 ? 10.127  5.440   -5.534  1.00 11.66 ? 16  ARG A CB  1 
ATOM   129 C  CG  . ARG A 1 16 ? 11.024  6.404   -6.316  1.00 18.10 ? 16  ARG A CG  1 
ATOM   130 C  CD  . ARG A 1 16 ? 12.494  6.077   -6.094  1.00 23.09 ? 16  ARG A CD  1 
ATOM   131 N  NE  . ARG A 1 16 ? 12.981  6.617   -4.832  1.00 25.44 ? 16  ARG A NE  1 
ATOM   132 C  CZ  . ARG A 1 16 ? 14.024  6.137   -4.159  1.00 26.41 ? 16  ARG A CZ  1 
ATOM   133 N  NH1 . ARG A 1 16 ? 14.392  6.708   -3.020  1.00 26.00 ? 16  ARG A NH1 1 
ATOM   134 N  NH2 . ARG A 1 16 ? 14.686  5.075   -4.613  1.00 28.83 ? 16  ARG A NH2 1 
ATOM   135 N  N   . TYR A 1 17 ? 7.490   2.958   -6.377  1.00 9.71  ? 17  TYR A N   1 
ATOM   136 C  CA  . TYR A 1 17 ? 6.641   1.930   -5.784  1.00 10.03 ? 17  TYR A CA  1 
ATOM   137 C  C   . TYR A 1 17 ? 7.380   0.799   -5.090  1.00 11.31 ? 17  TYR A C   1 
ATOM   138 O  O   . TYR A 1 17 ? 6.979   0.362   -4.012  1.00 9.67  ? 17  TYR A O   1 
ATOM   139 C  CB  . TYR A 1 17 ? 5.713   1.348   -6.847  1.00 10.07 ? 17  TYR A CB  1 
ATOM   140 C  CG  . TYR A 1 17 ? 4.869   2.393   -7.534  1.00 12.10 ? 17  TYR A CG  1 
ATOM   141 C  CD1 . TYR A 1 17 ? 4.032   3.247   -6.798  1.00 13.19 ? 17  TYR A CD1 1 
ATOM   142 C  CD2 . TYR A 1 17 ? 4.905   2.536   -8.920  1.00 11.78 ? 17  TYR A CD2 1 
ATOM   143 C  CE1 . TYR A 1 17 ? 3.256   4.217   -7.436  1.00 14.09 ? 17  TYR A CE1 1 
ATOM   144 C  CE2 . TYR A 1 17 ? 4.139   3.499   -9.566  1.00 12.61 ? 17  TYR A CE2 1 
ATOM   145 C  CZ  . TYR A 1 17 ? 3.316   4.331   -8.824  1.00 14.80 ? 17  TYR A CZ  1 
ATOM   146 O  OH  . TYR A 1 17 ? 2.549   5.266   -9.487  1.00 16.70 ? 17  TYR A OH  1 
ATOM   147 N  N   . TYR A 1 18 ? 8.457   0.320   -5.699  1.00 12.54 ? 18  TYR A N   1 
ATOM   148 C  CA  . TYR A 1 18 ? 9.206   -0.770  -5.089  1.00 15.11 ? 18  TYR A CA  1 
ATOM   149 C  C   . TYR A 1 18 ? 9.879   -0.269  -3.801  1.00 14.35 ? 18  TYR A C   1 
ATOM   150 O  O   . TYR A 1 18 ? 9.996   -0.999  -2.819  1.00 12.03 ? 18  TYR A O   1 
ATOM   151 C  CB  . TYR A 1 18 ? 10.236  -1.311  -6.088  1.00 17.29 ? 18  TYR A CB  1 
ATOM   152 C  CG  . TYR A 1 18 ? 10.542  -2.787  -5.917  1.00 20.14 ? 18  TYR A CG  1 
ATOM   153 C  CD1 . TYR A 1 18 ? 11.293  -3.473  -6.868  1.00 19.88 ? 18  TYR A CD1 1 
ATOM   154 C  CD2 . TYR A 1 18 ? 10.077  -3.495  -4.807  1.00 19.91 ? 18  TYR A CD2 1 
ATOM   155 C  CE1 . TYR A 1 18 ? 11.579  -4.833  -6.720  1.00 23.76 ? 18  TYR A CE1 1 
ATOM   156 C  CE2 . TYR A 1 18 ? 10.356  -4.857  -4.647  1.00 22.76 ? 18  TYR A CE2 1 
ATOM   157 C  CZ  . TYR A 1 18 ? 11.107  -5.517  -5.609  1.00 22.92 ? 18  TYR A CZ  1 
ATOM   158 O  OH  . TYR A 1 18 ? 11.384  -6.862  -5.462  1.00 23.82 ? 18  TYR A OH  1 
ATOM   159 N  N   . GLU A 1 19 ? 10.287  0.997   -3.794  1.00 12.67 ? 19  GLU A N   1 
ATOM   160 C  CA  . GLU A 1 19 ? 10.909  1.570   -2.613  1.00 12.02 ? 19  GLU A CA  1 
ATOM   161 C  C   . GLU A 1 19 ? 9.882   1.646   -1.465  1.00 11.05 ? 19  GLU A C   1 
ATOM   162 O  O   . GLU A 1 19 ? 10.217  1.410   -0.308  1.00 10.55 ? 19  GLU A O   1 
ATOM   163 C  CB  . GLU A 1 19 ? 11.438  2.966   -2.929  1.00 17.34 ? 19  GLU A CB  1 
ATOM   164 C  CG  . GLU A 1 19 ? 12.632  3.354   -2.099  1.00 22.83 ? 19  GLU A CG  1 
ATOM   165 C  CD  . GLU A 1 19 ? 13.805  2.415   -2.327  1.00 25.90 ? 19  GLU A CD  1 
ATOM   166 O  OE1 . GLU A 1 19 ? 14.012  1.984   -3.482  1.00 30.42 ? 19  GLU A OE1 1 
ATOM   167 O  OE2 . GLU A 1 19 ? 14.526  2.111   -1.356  1.00 29.84 ? 19  GLU A OE2 1 
ATOM   168 N  N   . VAL A 1 20 ? 8.637   1.981   -1.788  1.00 7.86  ? 20  VAL A N   1 
ATOM   169 C  CA  . VAL A 1 20 ? 7.593   2.044   -0.773  1.00 8.90  ? 20  VAL A CA  1 
ATOM   170 C  C   . VAL A 1 20 ? 7.492   0.667   -0.123  1.00 10.41 ? 20  VAL A C   1 
ATOM   171 O  O   . VAL A 1 20 ? 7.411   0.536   1.103   1.00 10.39 ? 20  VAL A O   1 
ATOM   172 C  CB  . VAL A 1 20 ? 6.214   2.423   -1.392  1.00 7.93  ? 20  VAL A CB  1 
ATOM   173 C  CG1 . VAL A 1 20 ? 5.079   2.079   -0.415  1.00 8.36  ? 20  VAL A CG1 1 
ATOM   174 C  CG2 . VAL A 1 20 ? 6.190   3.916   -1.710  1.00 7.88  ? 20  VAL A CG2 1 
ATOM   175 N  N   . HIS A 1 21 ? 7.521   -0.362  -0.958  1.00 10.41 ? 21  HIS A N   1 
ATOM   176 C  CA  . HIS A 1 21 ? 7.437   -1.734  -0.486  1.00 11.42 ? 21  HIS A CA  1 
ATOM   177 C  C   . HIS A 1 21 ? 8.591   -2.074  0.476   1.00 13.04 ? 21  HIS A C   1 
ATOM   178 O  O   . HIS A 1 21 ? 8.379   -2.607  1.572   1.00 13.07 ? 21  HIS A O   1 
ATOM   179 C  CB  . HIS A 1 21 ? 7.419   -2.664  -1.710  1.00 11.88 ? 21  HIS A CB  1 
ATOM   180 C  CG  . HIS A 1 21 ? 7.156   -4.098  -1.380  1.00 14.59 ? 21  HIS A CG  1 
ATOM   181 N  ND1 . HIS A 1 21 ? 6.643   -4.987  -2.300  1.00 16.11 ? 21  HIS A ND1 1 
ATOM   182 C  CD2 . HIS A 1 21 ? 7.325   -4.797  -0.233  1.00 16.01 ? 21  HIS A CD2 1 
ATOM   183 C  CE1 . HIS A 1 21 ? 6.503   -6.172  -1.732  1.00 15.72 ? 21  HIS A CE1 1 
ATOM   184 N  NE2 . HIS A 1 21 ? 6.911   -6.085  -0.478  1.00 16.15 ? 21  HIS A NE2 1 
ATOM   185 N  N   . GLU A 1 22 ? 9.813   -1.748  0.069   1.00 13.56 ? 22  GLU A N   1 
ATOM   186 C  CA  . GLU A 1 22 ? 11.001  -2.006  0.881   1.00 13.05 ? 22  GLU A CA  1 
ATOM   187 C  C   . GLU A 1 22 ? 11.020  -1.223  2.194   1.00 12.52 ? 22  GLU A C   1 
ATOM   188 O  O   . GLU A 1 22 ? 11.419  -1.755  3.227   1.00 12.35 ? 22  GLU A O   1 
ATOM   189 C  CB  . GLU A 1 22 ? 12.256  -1.658  0.079   1.00 16.61 ? 22  GLU A CB  1 
ATOM   190 C  CG  . GLU A 1 22 ? 13.545  -2.131  0.713   1.00 19.95 ? 22  GLU A CG  1 
ATOM   191 C  CD  . GLU A 1 22 ? 14.756  -1.697  -0.074  1.00 21.84 ? 22  GLU A CD  1 
ATOM   192 O  OE1 . GLU A 1 22 ? 14.716  -1.783  -1.322  1.00 21.90 ? 22  GLU A OE1 1 
ATOM   193 O  OE2 . GLU A 1 22 ? 15.750  -1.277  0.557   1.00 23.85 ? 22  GLU A OE2 1 
ATOM   194 N  N   . VAL A 1 23 ? 10.586  0.037   2.159   1.00 9.16  ? 23  VAL A N   1 
ATOM   195 C  CA  . VAL A 1 23 ? 10.582  0.868   3.357   1.00 9.40  ? 23  VAL A CA  1 
ATOM   196 C  C   . VAL A 1 23 ? 9.558   0.411   4.402   1.00 8.98  ? 23  VAL A C   1 
ATOM   197 O  O   . VAL A 1 23 ? 9.798   0.532   5.602   1.00 8.53  ? 23  VAL A O   1 
ATOM   198 C  CB  . VAL A 1 23 ? 10.351  2.371   2.983   1.00 11.57 ? 23  VAL A CB  1 
ATOM   199 C  CG1 . VAL A 1 23 ? 9.997   3.200   4.210   1.00 14.41 ? 23  VAL A CG1 1 
ATOM   200 C  CG2 . VAL A 1 23 ? 11.618  2.924   2.357   1.00 13.30 ? 23  VAL A CG2 1 
ATOM   201 N  N   . LEU A 1 24 ? 8.439   -0.144  3.948   1.00 8.27  ? 24  LEU A N   1 
ATOM   202 C  CA  . LEU A 1 24 ? 7.396   -0.592  4.866   1.00 7.57  ? 24  LEU A CA  1 
ATOM   203 C  C   . LEU A 1 24 ? 7.580   -2.004  5.423   1.00 8.01  ? 24  LEU A C   1 
ATOM   204 O  O   . LEU A 1 24 ? 6.961   -2.356  6.426   1.00 7.32  ? 24  LEU A O   1 
ATOM   205 C  CB  . LEU A 1 24 ? 6.031   -0.488  4.193   1.00 9.49  ? 24  LEU A CB  1 
ATOM   206 C  CG  . LEU A 1 24 ? 5.566   0.919   3.814   1.00 9.49  ? 24  LEU A CG  1 
ATOM   207 C  CD1 . LEU A 1 24 ? 4.223   0.803   3.108   1.00 10.36 ? 24  LEU A CD1 1 
ATOM   208 C  CD2 . LEU A 1 24 ? 5.435   1.790   5.061   1.00 8.13  ? 24  LEU A CD2 1 
ATOM   209 N  N   . GLU A 1 25 ? 8.419   -2.814  4.785   1.00 7.55  ? 25  GLU A N   1 
ATOM   210 C  CA  . GLU A 1 25 ? 8.626   -4.172  5.270   1.00 9.04  ? 25  GLU A CA  1 
ATOM   211 C  C   . GLU A 1 25 ? 9.000   -4.296  6.750   1.00 9.60  ? 25  GLU A C   1 
ATOM   212 O  O   . GLU A 1 25 ? 8.412   -5.114  7.461   1.00 7.96  ? 25  GLU A O   1 
ATOM   213 C  CB  . GLU A 1 25 ? 9.682   -4.903  4.434   1.00 10.00 ? 25  GLU A CB  1 
ATOM   214 C  CG  . GLU A 1 25 ? 9.813   -6.358  4.838   1.00 9.18  ? 25  GLU A CG  1 
ATOM   215 C  CD  . GLU A 1 25 ? 11.023  -7.037  4.224   1.00 9.52  ? 25  GLU A CD  1 
ATOM   216 O  OE1 . GLU A 1 25 ? 11.966  -6.324  3.827   1.00 10.25 ? 25  GLU A OE1 1 
ATOM   217 O  OE2 . GLU A 1 25 ? 11.032  -8.284  4.151   1.00 11.03 ? 25  GLU A OE2 1 
ATOM   218 N  N   . PRO A 1 26 ? 9.971   -3.486  7.240   1.00 9.79  ? 26  PRO A N   1 
ATOM   219 C  CA  . PRO A 1 26 ? 10.382  -3.555  8.649   1.00 11.73 ? 26  PRO A CA  1 
ATOM   220 C  C   . PRO A 1 26 ? 9.241   -3.255  9.614   1.00 10.69 ? 26  PRO A C   1 
ATOM   221 O  O   . PRO A 1 26 ? 9.178   -3.830  10.698  1.00 10.09 ? 26  PRO A O   1 
ATOM   222 C  CB  . PRO A 1 26 ? 11.498  -2.508  8.757   1.00 11.35 ? 26  PRO A CB  1 
ATOM   223 C  CG  . PRO A 1 26 ? 11.963  -2.300  7.333   1.00 12.28 ? 26  PRO A CG  1 
ATOM   224 C  CD  . PRO A 1 26 ? 10.702  -2.416  6.534   1.00 11.34 ? 26  PRO A CD  1 
ATOM   225 N  N   . TYR A 1 27 ? 8.348   -2.348  9.215   1.00 8.85  ? 27  TYR A N   1 
ATOM   226 C  CA  . TYR A 1 27 ? 7.201   -1.981  10.045  1.00 8.71  ? 27  TYR A CA  1 
ATOM   227 C  C   . TYR A 1 27 ? 6.182   -3.114  10.087  1.00 7.85  ? 27  TYR A C   1 
ATOM   228 O  O   . TYR A 1 27 ? 5.646   -3.442  11.146  1.00 7.51  ? 27  TYR A O   1 
ATOM   229 C  CB  . TYR A 1 27 ? 6.550   -0.711  9.502   1.00 8.63  ? 27  TYR A CB  1 
ATOM   230 C  CG  . TYR A 1 27 ? 7.464   0.475   9.649   1.00 7.73  ? 27  TYR A CG  1 
ATOM   231 C  CD1 . TYR A 1 27 ? 7.695   1.038   10.904  1.00 11.81 ? 27  TYR A CD1 1 
ATOM   232 C  CD2 . TYR A 1 27 ? 8.185   0.967   8.559   1.00 9.97  ? 27  TYR A CD2 1 
ATOM   233 C  CE1 . TYR A 1 27 ? 8.625   2.052   11.077  1.00 12.17 ? 27  TYR A CE1 1 
ATOM   234 C  CE2 . TYR A 1 27 ? 9.127   1.990   8.720   1.00 11.59 ? 27  TYR A CE2 1 
ATOM   235 C  CZ  . TYR A 1 27 ? 9.343   2.520   9.987   1.00 15.23 ? 27  TYR A CZ  1 
ATOM   236 O  OH  . TYR A 1 27 ? 10.308  3.483   10.188  1.00 16.96 ? 27  TYR A OH  1 
ATOM   237 N  N   . TRP A 1 28 ? 5.931   -3.707  8.928   1.00 6.11  ? 28  TRP A N   1 
ATOM   238 C  CA  . TRP A 1 28 ? 4.989   -4.815  8.826   1.00 7.41  ? 28  TRP A CA  1 
ATOM   239 C  C   . TRP A 1 28 ? 5.485   -5.991  9.671   1.00 7.80  ? 28  TRP A C   1 
ATOM   240 O  O   . TRP A 1 28 ? 4.695   -6.681  10.330  1.00 9.09  ? 28  TRP A O   1 
ATOM   241 C  CB  . TRP A 1 28 ? 4.861   -5.239  7.365   1.00 7.76  ? 28  TRP A CB  1 
ATOM   242 C  CG  . TRP A 1 28 ? 4.137   -6.550  7.164   1.00 9.46  ? 28  TRP A CG  1 
ATOM   243 C  CD1 . TRP A 1 28 ? 2.788   -6.771  7.231   1.00 10.09 ? 28  TRP A CD1 1 
ATOM   244 C  CD2 . TRP A 1 28 ? 4.736   -7.816  6.860   1.00 10.88 ? 28  TRP A CD2 1 
ATOM   245 N  NE1 . TRP A 1 28 ? 2.512   -8.101  6.980   1.00 9.92  ? 28  TRP A NE1 1 
ATOM   246 C  CE2 . TRP A 1 28 ? 3.691   -8.760  6.753   1.00 11.52 ? 28  TRP A CE2 1 
ATOM   247 C  CE3 . TRP A 1 28 ? 6.060   -8.244  6.670   1.00 11.00 ? 28  TRP A CE3 1 
ATOM   248 C  CZ2 . TRP A 1 28 ? 3.926   -10.112 6.461   1.00 12.08 ? 28  TRP A CZ2 1 
ATOM   249 C  CZ3 . TRP A 1 28 ? 6.293   -9.574  6.382   1.00 13.74 ? 28  TRP A CZ3 1 
ATOM   250 C  CH2 . TRP A 1 28 ? 5.226   -10.498 6.278   1.00 15.23 ? 28  TRP A CH2 1 
ATOM   251 N  N   . LEU A 1 29 ? 6.795   -6.217  9.659   1.00 6.76  ? 29  LEU A N   1 
ATOM   252 C  CA  . LEU A 1 29 ? 7.370   -7.324  10.422  1.00 9.96  ? 29  LEU A CA  1 
ATOM   253 C  C   . LEU A 1 29 ? 7.154   -7.220  11.927  1.00 11.39 ? 29  LEU A C   1 
ATOM   254 O  O   . LEU A 1 29 ? 7.066   -8.237  12.615  1.00 12.12 ? 29  LEU A O   1 
ATOM   255 C  CB  . LEU A 1 29 ? 8.876   -7.427  10.162  1.00 11.79 ? 29  LEU A CB  1 
ATOM   256 C  CG  . LEU A 1 29 ? 9.300   -8.026  8.821   1.00 13.33 ? 29  LEU A CG  1 
ATOM   257 C  CD1 . LEU A 1 29 ? 10.799  -7.810  8.616   1.00 11.68 ? 29  LEU A CD1 1 
ATOM   258 C  CD2 . LEU A 1 29 ? 8.965   -9.529  8.799   1.00 15.26 ? 29  LEU A CD2 1 
ATOM   259 N  N   . LYS A 1 30 ? 7.088   -5.995  12.430  1.00 9.77  ? 30  LYS A N   1 
ATOM   260 C  CA  . LYS A 1 30 ? 6.907   -5.757  13.863  1.00 11.91 ? 30  LYS A CA  1 
ATOM   261 C  C   . LYS A 1 30 ? 5.454   -5.504  14.242  1.00 11.50 ? 30  LYS A C   1 
ATOM   262 O  O   . LYS A 1 30 ? 5.107   -5.484  15.428  1.00 10.48 ? 30  LYS A O   1 
ATOM   263 C  CB  . LYS A 1 30 ? 7.728   -4.537  14.298  1.00 15.30 ? 30  LYS A CB  1 
ATOM   264 C  CG  . LYS A 1 30 ? 9.236   -4.684  14.127  1.00 19.84 ? 30  LYS A CG  1 
ATOM   265 C  CD  . LYS A 1 30 ? 9.778   -5.848  14.950  1.00 24.16 ? 30  LYS A CD  1 
ATOM   266 C  CE  . LYS A 1 30 ? 11.301  -5.874  14.927  1.00 24.31 ? 30  LYS A CE  1 
ATOM   267 N  NZ  . LYS A 1 30 ? 11.852  -4.612  15.477  1.00 26.39 ? 30  LYS A NZ  1 
ATOM   268 N  N   . ALA A 1 31 ? 4.608   -5.316  13.235  1.00 9.60  ? 31  ALA A N   1 
ATOM   269 C  CA  . ALA A 1 31 ? 3.199   -5.006  13.463  1.00 9.89  ? 31  ALA A CA  1 
ATOM   270 C  C   . ALA A 1 31 ? 2.283   -6.168  13.793  1.00 9.99  ? 31  ALA A C   1 
ATOM   271 O  O   . ALA A 1 31 ? 2.600   -7.335  13.559  1.00 9.57  ? 31  ALA A O   1 
ATOM   272 C  CB  . ALA A 1 31 ? 2.637   -4.254  12.258  1.00 6.31  ? 31  ALA A CB  1 
ATOM   273 N  N   . THR A 1 32 ? 1.127   -5.824  14.347  1.00 11.52 ? 32  THR A N   1 
ATOM   274 C  CA  . THR A 1 32 ? 0.122   -6.817  14.681  1.00 12.47 ? 32  THR A CA  1 
ATOM   275 C  C   . THR A 1 32 ? -1.264  -6.324  14.309  1.00 11.78 ? 32  THR A C   1 
ATOM   276 O  O   . THR A 1 32 ? -1.461  -5.137  14.046  1.00 10.91 ? 32  THR A O   1 
ATOM   277 C  CB  . THR A 1 32 ? 0.123   -7.168  16.183  1.00 15.41 ? 32  THR A CB  1 
ATOM   278 O  OG1 . THR A 1 32 ? -0.819  -8.223  16.403  1.00 19.40 ? 32  THR A OG1 1 
ATOM   279 C  CG2 . THR A 1 32 ? -0.282  -5.960  17.042  1.00 11.99 ? 32  THR A CG2 1 
ATOM   280 N  N   . GLY A 1 33 ? -2.208  -7.265  14.262  1.00 11.83 ? 33  GLY A N   1 
ATOM   281 C  CA  . GLY A 1 33 ? -3.599  -6.962  13.968  1.00 12.16 ? 33  GLY A CA  1 
ATOM   282 C  C   . GLY A 1 33 ? -3.909  -6.007  12.834  1.00 12.09 ? 33  GLY A C   1 
ATOM   283 O  O   . GLY A 1 33 ? -3.452  -6.195  11.704  1.00 13.05 ? 33  GLY A O   1 
ATOM   284 N  N   . GLU A 1 34 ? -4.697  -4.980  13.146  1.00 12.04 ? 34  GLU A N   1 
ATOM   285 C  CA  . GLU A 1 34 ? -5.110  -3.980  12.160  1.00 14.33 ? 34  GLU A CA  1 
ATOM   286 C  C   . GLU A 1 34 ? -3.959  -3.234  11.504  1.00 12.98 ? 34  GLU A C   1 
ATOM   287 O  O   . GLU A 1 34 ? -3.997  -2.953  10.305  1.00 13.73 ? 34  GLU A O   1 
ATOM   288 C  CB  . GLU A 1 34 ? -6.039  -2.962  12.803  1.00 14.60 ? 34  GLU A CB  1 
ATOM   289 C  CG  . GLU A 1 34 ? -7.319  -3.541  13.330  1.00 17.34 ? 34  GLU A CG  1 
ATOM   290 C  CD  . GLU A 1 34 ? -8.057  -2.548  14.195  1.00 20.56 ? 34  GLU A CD  1 
ATOM   291 O  OE1 . GLU A 1 34 ? -7.541  -2.197  15.276  1.00 23.71 ? 34  GLU A OE1 1 
ATOM   292 O  OE2 . GLU A 1 34 ? -9.148  -2.107  13.798  1.00 24.58 ? 34  GLU A OE2 1 
ATOM   293 N  N   . GLU A 1 35 ? -2.966  -2.875  12.309  1.00 12.61 ? 35  GLU A N   1 
ATOM   294 C  CA  . GLU A 1 35 ? -1.787  -2.178  11.817  1.00 13.07 ? 35  GLU A CA  1 
ATOM   295 C  C   . GLU A 1 35 ? -1.025  -3.046  10.813  1.00 13.14 ? 35  GLU A C   1 
ATOM   296 O  O   . GLU A 1 35 ? -0.584  -2.557  9.770   1.00 10.08 ? 35  GLU A O   1 
ATOM   297 C  CB  . GLU A 1 35 ? -0.881  -1.817  12.994  1.00 13.06 ? 35  GLU A CB  1 
ATOM   298 C  CG  . GLU A 1 35 ? -1.449  -0.715  13.886  1.00 16.47 ? 35  GLU A CG  1 
ATOM   299 C  CD  . GLU A 1 35 ? -2.735  -1.117  14.608  1.00 20.57 ? 35  GLU A CD  1 
ATOM   300 O  OE1 . GLU A 1 35 ? -3.638  -0.261  14.708  1.00 22.95 ? 35  GLU A OE1 1 
ATOM   301 O  OE2 . GLU A 1 35 ? -2.849  -2.273  15.080  1.00 20.27 ? 35  GLU A OE2 1 
ATOM   302 N  N   . ARG A 1 36 ? -0.878  -4.335  11.122  1.00 11.38 ? 36  ARG A N   1 
ATOM   303 C  CA  . ARG A 1 36 ? -0.161  -5.239  10.229  1.00 10.15 ? 36  ARG A CA  1 
ATOM   304 C  C   . ARG A 1 36 ? -0.948  -5.378  8.925   1.00 10.39 ? 36  ARG A C   1 
ATOM   305 O  O   . ARG A 1 36 ? -0.373  -5.395  7.837   1.00 9.14  ? 36  ARG A O   1 
ATOM   306 C  CB  . ARG A 1 36 ? 0.055   -6.621  10.892  1.00 10.11 ? 36  ARG A CB  1 
ATOM   307 C  CG  . ARG A 1 36 ? 1.174   -7.468  10.252  1.00 12.44 ? 36  ARG A CG  1 
ATOM   308 C  CD  . ARG A 1 36 ? 1.250   -8.896  10.837  1.00 14.85 ? 36  ARG A CD  1 
ATOM   309 N  NE  . ARG A 1 36 ? 2.284   -9.716  10.197  1.00 17.00 ? 36  ARG A NE  1 
ATOM   310 C  CZ  . ARG A 1 36 ? 3.562   -9.758  10.571  1.00 18.48 ? 36  ARG A CZ  1 
ATOM   311 N  NH1 . ARG A 1 36 ? 3.986   -9.035  11.598  1.00 19.23 ? 36  ARG A NH1 1 
ATOM   312 N  NH2 . ARG A 1 36 ? 4.426   -10.519 9.908   1.00 19.28 ? 36  ARG A NH2 1 
ATOM   313 N  N   . ARG A 1 37 ? -2.273  -5.440  9.025   1.00 9.40  ? 37  ARG A N   1 
ATOM   314 C  CA  . ARG A 1 37 ? -3.088  -5.565  7.825   1.00 10.53 ? 37  ARG A CA  1 
ATOM   315 C  C   . ARG A 1 37 ? -2.938  -4.316  6.955   1.00 10.05 ? 37  ARG A C   1 
ATOM   316 O  O   . ARG A 1 37 ? -2.768  -4.404  5.734   1.00 9.84  ? 37  ARG A O   1 
ATOM   317 C  CB  . ARG A 1 37 ? -4.560  -5.780  8.211   1.00 11.41 ? 37  ARG A CB  1 
ATOM   318 C  CG  . ARG A 1 37 ? -4.873  -7.225  8.609   1.00 14.56 ? 37  ARG A CG  1 
ATOM   319 C  CD  . ARG A 1 37 ? -6.252  -7.322  9.239   1.00 17.86 ? 37  ARG A CD  1 
ATOM   320 N  NE  . ARG A 1 37 ? -7.279  -6.762  8.368   1.00 21.83 ? 37  ARG A NE  1 
ATOM   321 C  CZ  . ARG A 1 37 ? -8.447  -6.308  8.804   1.00 24.21 ? 37  ARG A CZ  1 
ATOM   322 N  NH1 . ARG A 1 37 ? -8.728  -6.354  10.101  1.00 24.99 ? 37  ARG A NH1 1 
ATOM   323 N  NH2 . ARG A 1 37 ? -9.322  -5.795  7.949   1.00 25.70 ? 37  ARG A NH2 1 
ATOM   324 N  N   . LEU A 1 38 ? -2.990  -3.150  7.591   1.00 9.01  ? 38  LEU A N   1 
ATOM   325 C  CA  . LEU A 1 38 ? -2.846  -1.911  6.861   1.00 8.76  ? 38  LEU A CA  1 
ATOM   326 C  C   . LEU A 1 38 ? -1.507  -1.861  6.129   1.00 8.55  ? 38  LEU A C   1 
ATOM   327 O  O   . LEU A 1 38 ? -1.457  -1.536  4.948   1.00 9.05  ? 38  LEU A O   1 
ATOM   328 C  CB  . LEU A 1 38 ? -2.946  -0.724  7.807   1.00 9.52  ? 38  LEU A CB  1 
ATOM   329 C  CG  . LEU A 1 38 ? -2.571  0.595   7.130   1.00 10.58 ? 38  LEU A CG  1 
ATOM   330 C  CD1 . LEU A 1 38 ? -3.679  1.013   6.165   1.00 11.25 ? 38  LEU A CD1 1 
ATOM   331 C  CD2 . LEU A 1 38 ? -2.348  1.637   8.166   1.00 12.40 ? 38  LEU A CD2 1 
ATOM   332 N  N   . LEU A 1 39 ? -0.420  -2.177  6.833   1.00 8.53  ? 39  LEU A N   1 
ATOM   333 C  CA  . LEU A 1 39 ? 0.909   -2.138  6.211   1.00 9.08  ? 39  LEU A CA  1 
ATOM   334 C  C   . LEU A 1 39 ? 1.016   -3.091  5.021   1.00 9.73  ? 39  LEU A C   1 
ATOM   335 O  O   . LEU A 1 39 ? 1.529   -2.718  3.958   1.00 9.18  ? 39  LEU A O   1 
ATOM   336 C  CB  . LEU A 1 39 ? 1.988   -2.434  7.265   1.00 8.88  ? 39  LEU A CB  1 
ATOM   337 C  CG  . LEU A 1 39 ? 2.139   -1.300  8.295   1.00 9.18  ? 39  LEU A CG  1 
ATOM   338 C  CD1 . LEU A 1 39 ? 2.798   -1.819  9.559   1.00 9.50  ? 39  LEU A CD1 1 
ATOM   339 C  CD2 . LEU A 1 39 ? 2.955   -0.155  7.686   1.00 8.62  ? 39  LEU A CD2 1 
ATOM   340 N  N   . GLN A 1 40 ? 0.510   -4.310  5.173   1.00 10.20 ? 40  GLN A N   1 
ATOM   341 C  CA  . GLN A 1 40 ? 0.575   -5.248  4.068   1.00 10.32 ? 40  GLN A CA  1 
ATOM   342 C  C   . GLN A 1 40 ? -0.304  -4.797  2.899   1.00 9.29  ? 40  GLN A C   1 
ATOM   343 O  O   . GLN A 1 40 ? 0.037   -5.029  1.754   1.00 8.01  ? 40  GLN A O   1 
ATOM   344 C  CB  . GLN A 1 40 ? 0.167   -6.644  4.512   1.00 10.57 ? 40  GLN A CB  1 
ATOM   345 C  CG  . GLN A 1 40 ? 0.650   -7.704  3.530   1.00 14.75 ? 40  GLN A CG  1 
ATOM   346 C  CD  . GLN A 1 40 ? 0.560   -9.093  4.102   1.00 16.84 ? 40  GLN A CD  1 
ATOM   347 O  OE1 . GLN A 1 40 ? -0.481  -9.489  4.624   1.00 16.70 ? 40  GLN A OE1 1 
ATOM   348 N  NE2 . GLN A 1 40 ? 1.648   -9.846  4.007   1.00 15.60 ? 40  GLN A NE2 1 
ATOM   349 N  N   . GLY A 1 41 ? -1.429  -4.152  3.199   1.00 9.56  ? 41  GLY A N   1 
ATOM   350 C  CA  . GLY A 1 41 ? -2.315  -3.669  2.153   1.00 9.36  ? 41  GLY A CA  1 
ATOM   351 C  C   . GLY A 1 41 ? -1.633  -2.593  1.320   1.00 9.81  ? 41  GLY A C   1 
ATOM   352 O  O   . GLY A 1 41 ? -1.691  -2.617  0.092   1.00 8.70  ? 41  GLY A O   1 
ATOM   353 N  N   . VAL A 1 42 ? -0.985  -1.642  1.985   1.00 8.36  ? 42  VAL A N   1 
ATOM   354 C  CA  . VAL A 1 42 ? -0.275  -0.569  1.283   1.00 8.31  ? 42  VAL A CA  1 
ATOM   355 C  C   . VAL A 1 42 ? 0.885   -1.179  0.470   1.00 8.15  ? 42  VAL A C   1 
ATOM   356 O  O   . VAL A 1 42 ? 1.149   -0.775  -0.665  1.00 6.10  ? 42  VAL A O   1 
ATOM   357 C  CB  . VAL A 1 42 ? 0.290   0.474   2.282   1.00 8.29  ? 42  VAL A CB  1 
ATOM   358 C  CG1 . VAL A 1 42 ? 1.140   1.520   1.539   1.00 7.66  ? 42  VAL A CG1 1 
ATOM   359 C  CG2 . VAL A 1 42 ? -0.848  1.149   3.018   1.00 8.39  ? 42  VAL A CG2 1 
ATOM   360 N  N   . ILE A 1 43 ? 1.574   -2.151  1.066   1.00 7.95  ? 43  ILE A N   1 
ATOM   361 C  CA  . ILE A 1 43 ? 2.667   -2.827  0.386   1.00 7.45  ? 43  ILE A CA  1 
ATOM   362 C  C   . ILE A 1 43 ? 2.154   -3.493  -0.902  1.00 8.06  ? 43  ILE A C   1 
ATOM   363 O  O   . ILE A 1 43 ? 2.797   -3.407  -1.952  1.00 5.56  ? 43  ILE A O   1 
ATOM   364 C  CB  . ILE A 1 43 ? 3.311   -3.900  1.308   1.00 8.25  ? 43  ILE A CB  1 
ATOM   365 C  CG1 . ILE A 1 43 ? 4.273   -3.231  2.299   1.00 3.41  ? 43  ILE A CG1 1 
ATOM   366 C  CG2 . ILE A 1 43 ? 4.023   -4.961  0.470   1.00 8.42  ? 43  ILE A CG2 1 
ATOM   367 C  CD1 . ILE A 1 43 ? 4.773   -4.172  3.375   1.00 6.19  ? 43  ILE A CD1 1 
ATOM   368 N  N   . LEU A 1 44 ? 0.994   -4.144  -0.820  1.00 6.07  ? 44  LEU A N   1 
ATOM   369 C  CA  . LEU A 1 44 ? 0.426   -4.838  -1.982  1.00 6.29  ? 44  LEU A CA  1 
ATOM   370 C  C   . LEU A 1 44 ? -0.064  -3.875  -3.067  1.00 6.36  ? 44  LEU A C   1 
ATOM   371 O  O   . LEU A 1 44 ? -0.045  -4.212  -4.250  1.00 7.15  ? 44  LEU A O   1 
ATOM   372 C  CB  . LEU A 1 44 ? -0.710  -5.773  -1.525  1.00 7.09  ? 44  LEU A CB  1 
ATOM   373 C  CG  . LEU A 1 44 ? -0.249  -6.999  -0.714  1.00 9.28  ? 44  LEU A CG  1 
ATOM   374 C  CD1 . LEU A 1 44 ? -1.431  -7.621  0.058   1.00 8.45  ? 44  LEU A CD1 1 
ATOM   375 C  CD2 . LEU A 1 44 ? 0.360   -8.015  -1.674  1.00 10.90 ? 44  LEU A CD2 1 
ATOM   376 N  N   . LEU A 1 45 ? -0.513  -2.686  -2.672  1.00 4.58  ? 45  LEU A N   1 
ATOM   377 C  CA  . LEU A 1 45 ? -0.942  -1.692  -3.656  1.00 5.26  ? 45  LEU A CA  1 
ATOM   378 C  C   . LEU A 1 45 ? 0.315   -1.203  -4.383  1.00 7.39  ? 45  LEU A C   1 
ATOM   379 O  O   . LEU A 1 45 ? 0.325   -1.068  -5.615  1.00 6.58  ? 45  LEU A O   1 
ATOM   380 C  CB  . LEU A 1 45 ? -1.625  -0.504  -2.973  1.00 5.14  ? 45  LEU A CB  1 
ATOM   381 C  CG  . LEU A 1 45 ? -2.933  -0.814  -2.241  1.00 6.29  ? 45  LEU A CG  1 
ATOM   382 C  CD1 . LEU A 1 45 ? -3.512  0.483   -1.685  1.00 8.31  ? 45  LEU A CD1 1 
ATOM   383 C  CD2 . LEU A 1 45 ? -3.918  -1.460  -3.195  1.00 7.72  ? 45  LEU A CD2 1 
ATOM   384 N  N   . ALA A 1 46 ? 1.373   -0.931  -3.622  1.00 6.64  ? 46  ALA A N   1 
ATOM   385 C  CA  . ALA A 1 46 ? 2.624   -0.486  -4.237  1.00 7.66  ? 46  ALA A CA  1 
ATOM   386 C  C   . ALA A 1 46 ? 3.117   -1.584  -5.192  1.00 8.87  ? 46  ALA A C   1 
ATOM   387 O  O   . ALA A 1 46 ? 3.521   -1.309  -6.329  1.00 8.44  ? 46  ALA A O   1 
ATOM   388 C  CB  . ALA A 1 46 ? 3.685   -0.195  -3.152  1.00 7.88  ? 46  ALA A CB  1 
ATOM   389 N  N   . ALA A 1 47 ? 3.069   -2.829  -4.725  1.00 7.54  ? 47  ALA A N   1 
ATOM   390 C  CA  . ALA A 1 47 ? 3.517   -3.968  -5.528  1.00 8.02  ? 47  ALA A CA  1 
ATOM   391 C  C   . ALA A 1 47 ? 2.723   -4.095  -6.826  1.00 8.01  ? 47  ALA A C   1 
ATOM   392 O  O   . ALA A 1 47 ? 3.281   -4.440  -7.870  1.00 9.68  ? 47  ALA A O   1 
ATOM   393 C  CB  . ALA A 1 47 ? 3.409   -5.266  -4.697  1.00 9.46  ? 47  ALA A CB  1 
ATOM   394 N  N   . ALA A 1 48 ? 1.423   -3.821  -6.760  1.00 7.79  ? 48  ALA A N   1 
ATOM   395 C  CA  . ALA A 1 48 ? 0.565   -3.901  -7.939  1.00 8.27  ? 48  ALA A CA  1 
ATOM   396 C  C   . ALA A 1 48 ? 1.018   -2.894  -8.992  1.00 9.08  ? 48  ALA A C   1 
ATOM   397 O  O   . ALA A 1 48 ? 1.147   -3.226  -10.168 1.00 6.92  ? 48  ALA A O   1 
ATOM   398 C  CB  . ALA A 1 48 ? -0.882  -3.618  -7.556  1.00 8.98  ? 48  ALA A CB  1 
ATOM   399 N  N   . LEU A 1 49 ? 1.265   -1.659  -8.565  1.00 8.10  ? 49  LEU A N   1 
ATOM   400 C  CA  . LEU A 1 49 ? 1.689   -0.639  -9.510  1.00 8.08  ? 49  LEU A CA  1 
ATOM   401 C  C   . LEU A 1 49 ? 3.072   -0.918  -10.085 1.00 8.80  ? 49  LEU A C   1 
ATOM   402 O  O   . LEU A 1 49 ? 3.329   -0.620  -11.259 1.00 7.34  ? 49  LEU A O   1 
ATOM   403 C  CB  . LEU A 1 49 ? 1.641   0.741   -8.849  1.00 9.53  ? 49  LEU A CB  1 
ATOM   404 C  CG  . LEU A 1 49 ? 0.226   1.118   -8.409  1.00 12.28 ? 49  LEU A CG  1 
ATOM   405 C  CD1 . LEU A 1 49 ? 0.252   2.500   -7.774  1.00 14.53 ? 49  LEU A CD1 1 
ATOM   406 C  CD2 . LEU A 1 49 ? -0.718  1.100   -9.602  1.00 14.52 ? 49  LEU A CD2 1 
ATOM   407 N  N   . HIS A 1 50 ? 3.956   -1.492  -9.266  1.00 6.67  ? 50  HIS A N   1 
ATOM   408 C  CA  . HIS A 1 50 ? 5.301   -1.837  -9.723  1.00 7.50  ? 50  HIS A CA  1 
ATOM   409 C  C   . HIS A 1 50 ? 5.182   -2.919  -10.803 1.00 6.55  ? 50  HIS A C   1 
ATOM   410 O  O   . HIS A 1 50 ? 5.826   -2.836  -11.849 1.00 8.18  ? 50  HIS A O   1 
ATOM   411 C  CB  . HIS A 1 50 ? 6.148   -2.365  -8.564  1.00 8.37  ? 50  HIS A CB  1 
ATOM   412 C  CG  . HIS A 1 50 ? 7.488   -2.889  -8.987  1.00 11.77 ? 50  HIS A CG  1 
ATOM   413 N  ND1 . HIS A 1 50 ? 8.466   -2.086  -9.529  1.00 13.48 ? 50  HIS A ND1 1 
ATOM   414 C  CD2 . HIS A 1 50 ? 7.993   -4.144  -8.980  1.00 12.45 ? 50  HIS A CD2 1 
ATOM   415 C  CE1 . HIS A 1 50 ? 9.518   -2.822  -9.841  1.00 13.74 ? 50  HIS A CE1 1 
ATOM   416 N  NE2 . HIS A 1 50 ? 9.257   -4.076  -9.518  1.00 15.59 ? 50  HIS A NE2 1 
ATOM   417 N  N   . GLN A 1 51 ? 4.356   -3.933  -10.553 1.00 7.97  ? 51  GLN A N   1 
ATOM   418 C  CA  . GLN A 1 51 ? 4.179   -4.994  -11.537 1.00 8.65  ? 51  GLN A CA  1 
ATOM   419 C  C   . GLN A 1 51 ? 3.665   -4.443  -12.854 1.00 8.14  ? 51  GLN A C   1 
ATOM   420 O  O   . GLN A 1 51 ? 4.130   -4.835  -13.914 1.00 7.18  ? 51  GLN A O   1 
ATOM   421 C  CB  . GLN A 1 51 ? 3.212   -6.063  -11.028 1.00 10.49 ? 51  GLN A CB  1 
ATOM   422 C  CG  . GLN A 1 51 ? 3.816   -6.982  -9.965  1.00 11.07 ? 51  GLN A CG  1 
ATOM   423 C  CD  . GLN A 1 51 ? 5.009   -7.767  -10.478 1.00 13.52 ? 51  GLN A CD  1 
ATOM   424 O  OE1 . GLN A 1 51 ? 4.888   -8.548  -11.419 1.00 14.01 ? 51  GLN A OE1 1 
ATOM   425 N  NE2 . GLN A 1 51 ? 6.167   -7.571  -9.853  1.00 12.89 ? 51  GLN A NE2 1 
ATOM   426 N  N   . ARG A 1 52 ? 2.713   -3.521  -12.786 1.00 9.03  ? 52  ARG A N   1 
ATOM   427 C  CA  . ARG A 1 52 ? 2.157   -2.966  -14.009 1.00 10.96 ? 52  ARG A CA  1 
ATOM   428 C  C   . ARG A 1 52 ? 3.162   -2.125  -14.786 1.00 12.74 ? 52  ARG A C   1 
ATOM   429 O  O   . ARG A 1 52 ? 3.104   -2.056  -16.013 1.00 13.32 ? 52  ARG A O   1 
ATOM   430 C  CB  . ARG A 1 52 ? 0.864   -2.208  -13.683 1.00 11.19 ? 52  ARG A CB  1 
ATOM   431 C  CG  . ARG A 1 52 ? -0.279  -3.216  -13.457 1.00 12.32 ? 52  ARG A CG  1 
ATOM   432 C  CD  . ARG A 1 52 ? -0.814  -3.717  -14.812 1.00 14.69 ? 52  ARG A CD  1 
ATOM   433 N  NE  . ARG A 1 52 ? -1.427  -2.580  -15.472 1.00 16.38 ? 52  ARG A NE  1 
ATOM   434 C  CZ  . ARG A 1 52 ? -2.694  -2.211  -15.314 1.00 13.68 ? 52  ARG A CZ  1 
ATOM   435 N  NH1 . ARG A 1 52 ? -3.130  -1.128  -15.927 1.00 16.16 ? 52  ARG A NH1 1 
ATOM   436 N  NH2 . ARG A 1 52 ? -3.544  -2.954  -14.620 1.00 14.98 ? 52  ARG A NH2 1 
ATOM   437 N  N   . ARG A 1 53 ? 4.108   -1.521  -14.082 1.00 12.49 ? 53  ARG A N   1 
ATOM   438 C  CA  . ARG A 1 53 ? 5.143   -0.734  -14.743 1.00 16.80 ? 53  ARG A CA  1 
ATOM   439 C  C   . ARG A 1 53 ? 6.031   -1.653  -15.574 1.00 15.98 ? 53  ARG A C   1 
ATOM   440 O  O   . ARG A 1 53 ? 6.651   -1.226  -16.561 1.00 15.33 ? 53  ARG A O   1 
ATOM   441 C  CB  . ARG A 1 53 ? 6.005   -0.012  -13.712 1.00 19.70 ? 53  ARG A CB  1 
ATOM   442 C  CG  . ARG A 1 53 ? 5.573   1.397   -13.408 1.00 26.86 ? 53  ARG A CG  1 
ATOM   443 C  CD  . ARG A 1 53 ? 6.687   2.081   -12.640 1.00 31.16 ? 53  ARG A CD  1 
ATOM   444 N  NE  . ARG A 1 53 ? 6.398   3.481   -12.367 1.00 36.16 ? 53  ARG A NE  1 
ATOM   445 C  CZ  . ARG A 1 53 ? 7.239   4.297   -11.745 1.00 36.61 ? 53  ARG A CZ  1 
ATOM   446 N  NH1 . ARG A 1 53 ? 8.419   3.845   -11.338 1.00 38.18 ? 53  ARG A NH1 1 
ATOM   447 N  NH2 . ARG A 1 53 ? 6.904   5.563   -11.528 1.00 39.07 ? 53  ARG A NH2 1 
ATOM   448 N  N   . LEU A 1 54 ? 6.098   -2.917  -15.170 1.00 14.08 ? 54  LEU A N   1 
ATOM   449 C  CA  . LEU A 1 54 ? 6.900   -3.903  -15.889 1.00 14.48 ? 54  LEU A CA  1 
ATOM   450 C  C   . LEU A 1 54 ? 6.058   -4.638  -16.933 1.00 12.44 ? 54  LEU A C   1 
ATOM   451 O  O   . LEU A 1 54 ? 6.525   -5.598  -17.547 1.00 11.38 ? 54  LEU A O   1 
ATOM   452 C  CB  . LEU A 1 54 ? 7.498   -4.921  -14.901 1.00 15.90 ? 54  LEU A CB  1 
ATOM   453 C  CG  . LEU A 1 54 ? 8.396   -4.318  -13.817 1.00 17.68 ? 54  LEU A CG  1 
ATOM   454 C  CD1 . LEU A 1 54 ? 8.780   -5.380  -12.817 1.00 20.11 ? 54  LEU A CD1 1 
ATOM   455 C  CD2 . LEU A 1 54 ? 9.627   -3.710  -14.462 1.00 19.06 ? 54  LEU A CD2 1 
ATOM   456 N  N   . GLY A 1 55 ? 4.823   -4.179  -17.130 1.00 11.93 ? 55  GLY A N   1 
ATOM   457 C  CA  . GLY A 1 55 ? 3.925   -4.804  -18.086 1.00 13.14 ? 55  GLY A CA  1 
ATOM   458 C  C   . GLY A 1 55 ? 3.392   -6.141  -17.595 1.00 13.69 ? 55  GLY A C   1 
ATOM   459 O  O   . GLY A 1 55 ? 3.042   -7.021  -18.387 1.00 12.54 ? 55  GLY A O   1 
ATOM   460 N  N   . ARG A 1 56 ? 3.337   -6.298  -16.276 1.00 11.44 ? 56  ARG A N   1 
ATOM   461 C  CA  . ARG A 1 56 ? 2.864   -7.534  -15.657 1.00 12.19 ? 56  ARG A CA  1 
ATOM   462 C  C   . ARG A 1 56 ? 1.571   -7.264  -14.886 1.00 10.76 ? 56  ARG A C   1 
ATOM   463 O  O   . ARG A 1 56 ? 1.298   -6.133  -14.504 1.00 10.52 ? 56  ARG A O   1 
ATOM   464 C  CB  . ARG A 1 56 ? 3.957   -8.088  -14.734 1.00 13.60 ? 56  ARG A CB  1 
ATOM   465 C  CG  . ARG A 1 56 ? 5.235   -8.466  -15.495 1.00 14.06 ? 56  ARG A CG  1 
ATOM   466 C  CD  . ARG A 1 56 ? 6.414   -8.748  -14.561 1.00 16.00 ? 56  ARG A CD  1 
ATOM   467 N  NE  . ARG A 1 56 ? 6.131   -9.813  -13.599 1.00 18.04 ? 56  ARG A NE  1 
ATOM   468 C  CZ  . ARG A 1 56 ? 6.391   -11.102 -13.801 1.00 22.20 ? 56  ARG A CZ  1 
ATOM   469 N  NH1 . ARG A 1 56 ? 6.092   -11.997 -12.864 1.00 22.35 ? 56  ARG A NH1 1 
ATOM   470 N  NH2 . ARG A 1 56 ? 6.966   -11.496 -14.933 1.00 22.04 ? 56  ARG A NH2 1 
ATOM   471 N  N   . PRO A 1 57 ? 0.750   -8.302  -14.660 1.00 11.21 ? 57  PRO A N   1 
ATOM   472 C  CA  . PRO A 1 57 ? -0.530  -8.186  -13.943 1.00 10.78 ? 57  PRO A CA  1 
ATOM   473 C  C   . PRO A 1 57 ? -0.449  -7.593  -12.539 1.00 8.81  ? 57  PRO A C   1 
ATOM   474 O  O   . PRO A 1 57 ? 0.418   -7.976  -11.745 1.00 9.25  ? 57  PRO A O   1 
ATOM   475 C  CB  . PRO A 1 57 ? -1.034  -9.627  -13.899 1.00 11.61 ? 57  PRO A CB  1 
ATOM   476 C  CG  . PRO A 1 57 ? -0.411  -10.248 -15.102 1.00 13.89 ? 57  PRO A CG  1 
ATOM   477 C  CD  . PRO A 1 57 ? 0.982   -9.692  -15.087 1.00 13.37 ? 57  PRO A CD  1 
ATOM   478 N  N   . GLY A 1 58 ? -1.368  -6.679  -12.244 1.00 8.47  ? 58  GLY A N   1 
ATOM   479 C  CA  . GLY A 1 58 ? -1.421  -6.055  -10.932 1.00 10.05 ? 58  GLY A CA  1 
ATOM   480 C  C   . GLY A 1 58 ? -2.698  -6.341  -10.155 1.00 10.16 ? 58  GLY A C   1 
ATOM   481 O  O   . GLY A 1 58 ? -2.772  -6.087  -8.951  1.00 9.60  ? 58  GLY A O   1 
ATOM   482 N  N   . LEU A 1 59 ? -3.715  -6.879  -10.827 1.00 10.94 ? 59  LEU A N   1 
ATOM   483 C  CA  . LEU A 1 59 ? -4.986  -7.149  -10.158 1.00 12.61 ? 59  LEU A CA  1 
ATOM   484 C  C   . LEU A 1 59 ? -4.937  -8.173  -9.040  1.00 10.89 ? 59  LEU A C   1 
ATOM   485 O  O   . LEU A 1 59 ? -5.727  -8.086  -8.106  1.00 11.57 ? 59  LEU A O   1 
ATOM   486 C  CB  . LEU A 1 59 ? -6.058  -7.562  -11.172 1.00 14.63 ? 59  LEU A CB  1 
ATOM   487 C  CG  . LEU A 1 59 ? -6.984  -6.443  -11.651 1.00 20.58 ? 59  LEU A CG  1 
ATOM   488 C  CD1 . LEU A 1 59 ? -7.819  -5.941  -10.490 1.00 21.03 ? 59  LEU A CD1 1 
ATOM   489 C  CD2 . LEU A 1 59 ? -6.170  -5.322  -12.249 1.00 20.86 ? 59  LEU A CD2 1 
ATOM   490 N  N   . ARG A 1 60 ? -4.036  -9.148  -9.131  1.00 11.05 ? 60  ARG A N   1 
ATOM   491 C  CA  . ARG A 1 60 ? -3.937  -10.149 -8.068  1.00 13.96 ? 60  ARG A CA  1 
ATOM   492 C  C   . ARG A 1 60 ? -3.494  -9.438  -6.779  1.00 13.69 ? 60  ARG A C   1 
ATOM   493 O  O   . ARG A 1 60 ? -4.053  -9.667  -5.699  1.00 12.19 ? 60  ARG A O   1 
ATOM   494 C  CB  . ARG A 1 60 ? -2.942  -11.251 -8.460  1.00 17.34 ? 60  ARG A CB  1 
ATOM   495 C  CG  . ARG A 1 60 ? -2.877  -12.408 -7.467  1.00 24.54 ? 60  ARG A CG  1 
ATOM   496 C  CD  . ARG A 1 60 ? -2.023  -13.566 -7.999  1.00 29.55 ? 60  ARG A CD  1 
ATOM   497 N  NE  . ARG A 1 60 ? -2.120  -14.750 -7.143  1.00 32.88 ? 60  ARG A NE  1 
ATOM   498 C  CZ  . ARG A 1 60 ? -1.486  -15.897 -7.375  1.00 34.86 ? 60  ARG A CZ  1 
ATOM   499 N  NH1 . ARG A 1 60 ? -0.701  -16.023 -8.441  1.00 36.60 ? 60  ARG A NH1 1 
ATOM   500 N  NH2 . ARG A 1 60 ? -1.633  -16.922 -6.539  1.00 35.21 ? 60  ARG A NH2 1 
ATOM   501 N  N   . ASN A 1 61 ? -2.497  -8.566  -6.905  1.00 10.24 ? 61  ASN A N   1 
ATOM   502 C  CA  . ASN A 1 61 ? -2.012  -7.790  -5.772  1.00 11.14 ? 61  ASN A CA  1 
ATOM   503 C  C   . ASN A 1 61 ? -3.106  -6.837  -5.261  1.00 10.28 ? 61  ASN A C   1 
ATOM   504 O  O   . ASN A 1 61 ? -3.302  -6.716  -4.054  1.00 9.35  ? 61  ASN A O   1 
ATOM   505 C  CB  . ASN A 1 61 ? -0.747  -7.013  -6.169  1.00 11.88 ? 61  ASN A CB  1 
ATOM   506 C  CG  . ASN A 1 61 ? 0.510   -7.881  -6.137  1.00 15.74 ? 61  ASN A CG  1 
ATOM   507 O  OD1 . ASN A 1 61 ? 1.564   -7.499  -6.662  1.00 17.57 ? 61  ASN A OD1 1 
ATOM   508 N  ND2 . ASN A 1 61 ? 0.407   -9.042  -5.514  1.00 15.82 ? 61  ASN A ND2 1 
ATOM   509 N  N   . LEU A 1 62 ? -3.833  -6.175  -6.165  1.00 9.64  ? 62  LEU A N   1 
ATOM   510 C  CA  . LEU A 1 62 ? -4.907  -5.273  -5.732  1.00 10.23 ? 62  LEU A CA  1 
ATOM   511 C  C   . LEU A 1 62 ? -5.955  -6.056  -4.936  1.00 10.44 ? 62  LEU A C   1 
ATOM   512 O  O   . LEU A 1 62 ? -6.418  -5.594  -3.889  1.00 9.28  ? 62  LEU A O   1 
ATOM   513 C  CB  . LEU A 1 62 ? -5.591  -4.595  -6.927  1.00 8.27  ? 62  LEU A CB  1 
ATOM   514 C  CG  . LEU A 1 62 ? -6.832  -3.771  -6.572  1.00 9.53  ? 62  LEU A CG  1 
ATOM   515 C  CD1 . LEU A 1 62 ? -6.458  -2.661  -5.610  1.00 9.03  ? 62  LEU A CD1 1 
ATOM   516 C  CD2 . LEU A 1 62 ? -7.453  -3.201  -7.834  1.00 11.43 ? 62  LEU A CD2 1 
ATOM   517 N  N   . ARG A 1 63 ? -6.318  -7.244  -5.429  1.00 9.06  ? 63  ARG A N   1 
ATOM   518 C  CA  . ARG A 1 63 ? -7.302  -8.093  -4.755  1.00 10.84 ? 63  ARG A CA  1 
ATOM   519 C  C   . ARG A 1 63 ? -6.829  -8.466  -3.344  1.00 11.38 ? 63  ARG A C   1 
ATOM   520 O  O   . ARG A 1 63 ? -7.604  -8.408  -2.377  1.00 12.23 ? 63  ARG A O   1 
ATOM   521 C  CB  . ARG A 1 63 ? -7.562  -9.384  -5.560  1.00 14.43 ? 63  ARG A CB  1 
ATOM   522 C  CG  . ARG A 1 63 ? -8.179  -10.515 -4.725  1.00 18.49 ? 63  ARG A CG  1 
ATOM   523 C  CD  . ARG A 1 63 ? -8.658  -11.703 -5.568  1.00 20.87 ? 63  ARG A CD  1 
ATOM   524 N  NE  . ARG A 1 63 ? -7.676  -12.168 -6.547  1.00 19.38 ? 63  ARG A NE  1 
ATOM   525 C  CZ  . ARG A 1 63 ? -6.467  -12.646 -6.253  1.00 21.97 ? 63  ARG A CZ  1 
ATOM   526 N  NH1 . ARG A 1 63 ? -6.059  -12.729 -4.991  1.00 19.05 ? 63  ARG A NH1 1 
ATOM   527 N  NH2 . ARG A 1 63 ? -5.670  -13.065 -7.231  1.00 21.28 ? 63  ARG A NH2 1 
ATOM   528 N  N   . LYS A 1 64 ? -5.563  -8.852  -3.220  1.00 8.16  ? 64  LYS A N   1 
ATOM   529 C  CA  . LYS A 1 64 ? -5.026  -9.213  -1.904  1.00 9.32  ? 64  LYS A CA  1 
ATOM   530 C  C   . LYS A 1 64 ? -5.009  -7.992  -0.986  1.00 8.54  ? 64  LYS A C   1 
ATOM   531 O  O   . LYS A 1 64 ? -5.297  -8.094  0.212   1.00 9.67  ? 64  LYS A O   1 
ATOM   532 C  CB  . LYS A 1 64 ? -3.622  -9.788  -2.060  1.00 9.38  ? 64  LYS A CB  1 
ATOM   533 C  CG  . LYS A 1 64 ? -3.627  -11.117 -2.804  1.00 15.13 ? 64  LYS A CG  1 
ATOM   534 C  CD  . LYS A 1 64 ? -2.238  -11.499 -3.272  1.00 20.42 ? 64  LYS A CD  1 
ATOM   535 C  CE  . LYS A 1 64 ? -1.319  -11.796 -2.121  1.00 23.58 ? 64  LYS A CE  1 
ATOM   536 N  NZ  . LYS A 1 64 ? 0.024   -12.225 -2.635  1.00 27.71 ? 64  LYS A NZ  1 
ATOM   537 N  N   . ALA A 1 65 ? -4.662  -6.835  -1.544  1.00 8.87  ? 65  ALA A N   1 
ATOM   538 C  CA  . ALA A 1 65 ? -4.650  -5.607  -0.757  1.00 8.70  ? 65  ALA A CA  1 
ATOM   539 C  C   . ALA A 1 65 ? -6.055  -5.295  -0.237  1.00 9.76  ? 65  ALA A C   1 
ATOM   540 O  O   . ALA A 1 65 ? -6.236  -4.933  0.926   1.00 8.56  ? 65  ALA A O   1 
ATOM   541 C  CB  . ALA A 1 65 ? -4.143  -4.444  -1.598  1.00 11.02 ? 65  ALA A CB  1 
ATOM   542 N  N   . GLU A 1 66 ? -7.054  -5.422  -1.106  1.00 11.13 ? 66  GLU A N   1 
ATOM   543 C  CA  . GLU A 1 66 ? -8.429  -5.146  -0.707  1.00 11.75 ? 66  GLU A CA  1 
ATOM   544 C  C   . GLU A 1 66 ? -8.857  -6.087  0.412   1.00 12.09 ? 66  GLU A C   1 
ATOM   545 O  O   . GLU A 1 66 ? -9.538  -5.670  1.352   1.00 11.31 ? 66  GLU A O   1 
ATOM   546 C  CB  . GLU A 1 66 ? -9.360  -5.266  -1.917  1.00 15.15 ? 66  GLU A CB  1 
ATOM   547 C  CG  . GLU A 1 66 ? -9.040  -4.216  -2.999  1.00 16.79 ? 66  GLU A CG  1 
ATOM   548 C  CD  . GLU A 1 66 ? -9.866  -4.359  -4.269  1.00 20.40 ? 66  GLU A CD  1 
ATOM   549 O  OE1 . GLU A 1 66 ? -10.025 -5.496  -4.761  1.00 20.90 ? 66  GLU A OE1 1 
ATOM   550 O  OE2 . GLU A 1 66 ? -10.329 -3.317  -4.784  1.00 20.85 ? 66  GLU A OE2 1 
ATOM   551 N  N   . ALA A 1 67 ? -8.441  -7.346  0.323   1.00 11.85 ? 67  ALA A N   1 
ATOM   552 C  CA  . ALA A 1 67 ? -8.783  -8.332  1.340   1.00 14.47 ? 67  ALA A CA  1 
ATOM   553 C  C   . ALA A 1 67 ? -8.227  -7.922  2.705   1.00 14.93 ? 67  ALA A C   1 
ATOM   554 O  O   . ALA A 1 67 ? -8.874  -8.108  3.739   1.00 16.72 ? 67  ALA A O   1 
ATOM   555 C  CB  . ALA A 1 67 ? -8.234  -9.696  0.941   1.00 16.56 ? 67  ALA A CB  1 
ATOM   556 N  N   . ARG A 1 68 ? -7.029  -7.357  2.708   1.00 12.58 ? 68  ARG A N   1 
ATOM   557 C  CA  . ARG A 1 68 ? -6.401  -6.932  3.950   1.00 12.36 ? 68  ARG A CA  1 
ATOM   558 C  C   . ARG A 1 68 ? -6.999  -5.639  4.507   1.00 12.07 ? 68  ARG A C   1 
ATOM   559 O  O   . ARG A 1 68 ? -7.125  -5.478  5.728   1.00 13.32 ? 68  ARG A O   1 
ATOM   560 C  CB  . ARG A 1 68 ? -4.903  -6.697  3.730   1.00 13.99 ? 68  ARG A CB  1 
ATOM   561 C  CG  . ARG A 1 68 ? -4.132  -7.844  3.089   1.00 18.40 ? 68  ARG A CG  1 
ATOM   562 C  CD  . ARG A 1 68 ? -3.686  -8.890  4.087   1.00 23.53 ? 68  ARG A CD  1 
ATOM   563 N  NE  . ARG A 1 68 ? -2.851  -9.906  3.441   1.00 24.06 ? 68  ARG A NE  1 
ATOM   564 C  CZ  . ARG A 1 68 ? -3.312  -10.826 2.599   1.00 26.95 ? 68  ARG A CZ  1 
ATOM   565 N  NH1 . ARG A 1 68 ? -4.605  -10.865 2.300   1.00 27.87 ? 68  ARG A NH1 1 
ATOM   566 N  NH2 . ARG A 1 68 ? -2.481  -11.702 2.051   1.00 24.33 ? 68  ARG A NH2 1 
ATOM   567 N  N   . LEU A 1 69 ? -7.346  -4.710  3.618   1.00 11.27 ? 69  LEU A N   1 
ATOM   568 C  CA  . LEU A 1 69 ? -7.865  -3.402  4.033   1.00 11.04 ? 69  LEU A CA  1 
ATOM   569 C  C   . LEU A 1 69 ? -9.339  -3.405  4.394   1.00 13.56 ? 69  LEU A C   1 
ATOM   570 O  O   . LEU A 1 69 ? -9.823  -2.531  5.120   1.00 12.12 ? 69  LEU A O   1 
ATOM   571 C  CB  . LEU A 1 69 ? -7.605  -2.373  2.926   1.00 11.59 ? 69  LEU A CB  1 
ATOM   572 C  CG  . LEU A 1 69 ? -6.119  -2.188  2.582   1.00 9.48  ? 69  LEU A CG  1 
ATOM   573 C  CD1 . LEU A 1 69 ? -5.971  -1.464  1.264   1.00 13.07 ? 69  LEU A CD1 1 
ATOM   574 C  CD2 . LEU A 1 69 ? -5.420  -1.424  3.717   1.00 8.66  ? 69  LEU A CD2 1 
ATOM   575 N  N   . GLU A 1 70 ? -10.047 -4.404  3.892   1.00 17.15 ? 70  GLU A N   1 
ATOM   576 C  CA  . GLU A 1 70 ? -11.472 -4.525  4.144   1.00 20.42 ? 70  GLU A CA  1 
ATOM   577 C  C   . GLU A 1 70 ? -11.828 -4.520  5.619   1.00 18.73 ? 70  GLU A C   1 
ATOM   578 O  O   . GLU A 1 70 ? -11.348 -5.357  6.379   1.00 18.96 ? 70  GLU A O   1 
ATOM   579 C  CB  . GLU A 1 70 ? -12.005 -5.813  3.518   1.00 24.18 ? 70  GLU A CB  1 
ATOM   580 C  CG  . GLU A 1 70 ? -13.500 -6.009  3.729   1.00 29.67 ? 70  GLU A CG  1 
ATOM   581 C  CD  . GLU A 1 70 ? -14.333 -5.002  2.955   1.00 33.66 ? 70  GLU A CD  1 
ATOM   582 O  OE1 . GLU A 1 70 ? -14.079 -3.782  3.079   1.00 35.99 ? 70  GLU A OE1 1 
ATOM   583 O  OE2 . GLU A 1 70 ? -15.248 -5.435  2.221   1.00 37.52 ? 70  GLU A OE2 1 
ATOM   584 N  N   . GLY A 1 71 ? -12.672 -3.570  6.016   1.00 17.10 ? 71  GLY A N   1 
ATOM   585 C  CA  . GLY A 1 71 ? -13.117 -3.506  7.397   1.00 16.01 ? 71  GLY A CA  1 
ATOM   586 C  C   . GLY A 1 71 ? -12.245 -2.723  8.358   1.00 16.10 ? 71  GLY A C   1 
ATOM   587 O  O   . GLY A 1 71 ? -12.583 -2.598  9.538   1.00 16.34 ? 71  GLY A O   1 
ATOM   588 N  N   . LEU A 1 72 ? -11.120 -2.200  7.881   1.00 12.95 ? 72  LEU A N   1 
ATOM   589 C  CA  . LEU A 1 72 ? -10.250 -1.428  8.757   1.00 12.87 ? 72  LEU A CA  1 
ATOM   590 C  C   . LEU A 1 72 ? -10.815 -0.029  8.957   1.00 12.55 ? 72  LEU A C   1 
ATOM   591 O  O   . LEU A 1 72 ? -11.535 0.495   8.097   1.00 12.47 ? 72  LEU A O   1 
ATOM   592 C  CB  . LEU A 1 72 ? -8.846  -1.286  8.154   1.00 11.46 ? 72  LEU A CB  1 
ATOM   593 C  CG  . LEU A 1 72 ? -7.917  -2.498  8.085   1.00 10.36 ? 72  LEU A CG  1 
ATOM   594 C  CD1 . LEU A 1 72 ? -6.604  -2.068  7.427   1.00 9.89  ? 72  LEU A CD1 1 
ATOM   595 C  CD2 . LEU A 1 72 ? -7.658  -3.058  9.499   1.00 11.10 ? 72  LEU A CD2 1 
ATOM   596 N  N   . PRO A 1 73 ? -10.523 0.590   10.109  1.00 13.26 ? 73  PRO A N   1 
ATOM   597 C  CA  . PRO A 1 73 ? -11.044 1.943   10.289  1.00 14.04 ? 73  PRO A CA  1 
ATOM   598 C  C   . PRO A 1 73 ? -10.169 2.850   9.416   1.00 14.23 ? 73  PRO A C   1 
ATOM   599 O  O   . PRO A 1 73 ? -9.065  2.451   9.036   1.00 11.39 ? 73  PRO A O   1 
ATOM   600 C  CB  . PRO A 1 73 ? -10.844 2.195   11.783  1.00 16.42 ? 73  PRO A CB  1 
ATOM   601 C  CG  . PRO A 1 73 ? -9.687  1.322   12.137  1.00 16.24 ? 73  PRO A CG  1 
ATOM   602 C  CD  . PRO A 1 73 ? -9.955  0.065   11.364  1.00 11.93 ? 73  PRO A CD  1 
ATOM   603 N  N   . CYS A 1 74 ? -10.662 4.037   9.073   1.00 12.47 ? 74  CYS A N   1 
ATOM   604 C  CA  . CYS A 1 74 ? -9.881  4.978   8.264   1.00 14.25 ? 74  CYS A CA  1 
ATOM   605 C  C   . CYS A 1 74 ? -10.112 6.391   8.794   1.00 14.42 ? 74  CYS A C   1 
ATOM   606 O  O   . CYS A 1 74 ? -11.250 6.797   9.010   1.00 15.10 ? 74  CYS A O   1 
ATOM   607 C  CB  . CYS A 1 74 ? -10.289 4.909   6.781   1.00 13.47 ? 74  CYS A CB  1 
ATOM   608 S  SG  . CYS A 1 74 ? -9.249  5.902   5.640   1.00 14.86 ? 74  CYS A SG  1 
ATOM   609 N  N   . PRO A 1 75 ? -9.030  7.156   9.021   1.00 15.39 ? 75  PRO A N   1 
ATOM   610 C  CA  . PRO A 1 75 ? -7.655  6.712   8.790   1.00 14.55 ? 75  PRO A CA  1 
ATOM   611 C  C   . PRO A 1 75 ? -7.168  5.727   9.841   1.00 14.36 ? 75  PRO A C   1 
ATOM   612 O  O   . PRO A 1 75 ? -7.857  5.450   10.832  1.00 13.20 ? 75  PRO A O   1 
ATOM   613 C  CB  . PRO A 1 75 ? -6.868  8.017   8.811   1.00 15.52 ? 75  PRO A CB  1 
ATOM   614 C  CG  . PRO A 1 75 ? -7.624  8.845   9.819   1.00 16.71 ? 75  PRO A CG  1 
ATOM   615 C  CD  . PRO A 1 75 ? -9.066  8.581   9.405   1.00 16.21 ? 75  PRO A CD  1 
ATOM   616 N  N   . LEU A 1 76 ? -5.978  5.187   9.606   1.00 11.90 ? 76  LEU A N   1 
ATOM   617 C  CA  . LEU A 1 76 ? -5.351  4.255   10.531  1.00 12.80 ? 76  LEU A CA  1 
ATOM   618 C  C   . LEU A 1 76 ? -3.855  4.516   10.433  1.00 12.25 ? 76  LEU A C   1 
ATOM   619 O  O   . LEU A 1 76 ? -3.312  4.673   9.332   1.00 13.44 ? 76  LEU A O   1 
ATOM   620 C  CB  . LEU A 1 76 ? -5.672  2.807   10.157  1.00 14.37 ? 76  LEU A CB  1 
ATOM   621 C  CG  . LEU A 1 76 ? -5.163  1.736   11.116  1.00 15.62 ? 76  LEU A CG  1 
ATOM   622 C  CD1 . LEU A 1 76 ? -5.787  1.940   12.497  1.00 18.03 ? 76  LEU A CD1 1 
ATOM   623 C  CD2 . LEU A 1 76 ? -5.499  0.364   10.565  1.00 16.34 ? 76  LEU A CD2 1 
HETATM 624 N  N   . MSE A 1 77 ? -3.199  4.584   11.588  1.00 11.49 ? 77  MSE A N   1 
HETATM 625 C  CA  . MSE A 1 77 ? -1.760  4.845   11.660  1.00 13.85 ? 77  MSE A CA  1 
HETATM 626 C  C   . MSE A 1 77 ? -1.404  6.209   11.075  1.00 14.20 ? 77  MSE A C   1 
HETATM 627 O  O   . MSE A 1 77 ? -0.256  6.445   10.716  1.00 14.61 ? 77  MSE A O   1 
HETATM 628 C  CB  . MSE A 1 77 ? -0.971  3.758   10.915  1.00 15.54 ? 77  MSE A CB  1 
HETATM 629 C  CG  . MSE A 1 77 ? -1.140  2.356   11.452  1.00 19.10 ? 77  MSE A CG  1 
HETATM 630 SE SE  . MSE A 1 77 ? 0.245   1.179   10.740  1.00 22.98 ? 77  MSE A SE  1 
HETATM 631 C  CE  . MSE A 1 77 ? 1.703   1.738   11.880  1.00 23.90 ? 77  MSE A CE  1 
ATOM   632 N  N   . GLY A 1 78 ? -2.394  7.095   10.977  1.00 15.13 ? 78  GLY A N   1 
ATOM   633 C  CA  . GLY A 1 78 ? -2.168  8.426   10.437  1.00 15.63 ? 78  GLY A CA  1 
ATOM   634 C  C   . GLY A 1 78 ? -2.253  8.490   8.922   1.00 15.34 ? 78  GLY A C   1 
ATOM   635 O  O   . GLY A 1 78 ? -1.865  9.493   8.314   1.00 16.30 ? 78  GLY A O   1 
ATOM   636 N  N   . LEU A 1 79 ? -2.780  7.430   8.314   1.00 11.73 ? 79  LEU A N   1 
ATOM   637 C  CA  . LEU A 1 79 ? -2.912  7.339   6.860   1.00 12.18 ? 79  LEU A CA  1 
ATOM   638 C  C   . LEU A 1 79 ? -4.356  7.217   6.350   1.00 11.19 ? 79  LEU A C   1 
ATOM   639 O  O   . LEU A 1 79 ? -5.135  6.406   6.846   1.00 10.77 ? 79  LEU A O   1 
ATOM   640 C  CB  . LEU A 1 79 ? -2.126  6.123   6.339   1.00 10.45 ? 79  LEU A CB  1 
ATOM   641 C  CG  . LEU A 1 79 ? -2.295  5.825   4.842   1.00 11.19 ? 79  LEU A CG  1 
ATOM   642 C  CD1 . LEU A 1 79 ? -1.652  6.940   4.023   1.00 12.06 ? 79  LEU A CD1 1 
ATOM   643 C  CD2 . LEU A 1 79 ? -1.668  4.477   4.516   1.00 9.37  ? 79  LEU A CD2 1 
ATOM   644 N  N   . ASP A 1 80 ? -4.706  8.029   5.359   1.00 10.66 ? 80  ASP A N   1 
ATOM   645 C  CA  . ASP A 1 80 ? -6.030  7.940   4.743   1.00 11.85 ? 80  ASP A CA  1 
ATOM   646 C  C   . ASP A 1 80 ? -5.873  6.891   3.636   1.00 12.03 ? 80  ASP A C   1 
ATOM   647 O  O   . ASP A 1 80 ? -5.710  7.225   2.460   1.00 10.63 ? 80  ASP A O   1 
ATOM   648 C  CB  . ASP A 1 80 ? -6.424  9.288   4.135   1.00 13.77 ? 80  ASP A CB  1 
ATOM   649 C  CG  . ASP A 1 80 ? -7.788  9.254   3.458   1.00 15.99 ? 80  ASP A CG  1 
ATOM   650 O  OD1 . ASP A 1 80 ? -8.391  8.160   3.352   1.00 14.95 ? 80  ASP A OD1 1 
ATOM   651 O  OD2 . ASP A 1 80 ? -8.251  10.334  3.026   1.00 15.82 ? 80  ASP A OD2 1 
ATOM   652 N  N   . TRP A 1 81 ? -5.922  5.616   4.011   1.00 10.98 ? 81  TRP A N   1 
ATOM   653 C  CA  . TRP A 1 81 ? -5.734  4.553   3.031   1.00 11.13 ? 81  TRP A CA  1 
ATOM   654 C  C   . TRP A 1 81 ? -6.840  4.433   1.987   1.00 10.18 ? 81  TRP A C   1 
ATOM   655 O  O   . TRP A 1 81 ? -6.605  3.917   0.891   1.00 8.58  ? 81  TRP A O   1 
ATOM   656 C  CB  . TRP A 1 81 ? -5.518  3.206   3.731   1.00 11.49 ? 81  TRP A CB  1 
ATOM   657 C  CG  . TRP A 1 81 ? -6.646  2.756   4.572   1.00 11.88 ? 81  TRP A CG  1 
ATOM   658 C  CD1 . TRP A 1 81 ? -6.797  2.936   5.924   1.00 14.16 ? 81  TRP A CD1 1 
ATOM   659 C  CD2 . TRP A 1 81 ? -7.804  2.061   4.126   1.00 11.68 ? 81  TRP A CD2 1 
ATOM   660 N  NE1 . TRP A 1 81 ? -7.986  2.390   6.343   1.00 12.33 ? 81  TRP A NE1 1 
ATOM   661 C  CE2 . TRP A 1 81 ? -8.627  1.847   5.260   1.00 13.26 ? 81  TRP A CE2 1 
ATOM   662 C  CE3 . TRP A 1 81 ? -8.234  1.597   2.877   1.00 11.64 ? 81  TRP A CE3 1 
ATOM   663 C  CZ2 . TRP A 1 81 ? -9.858  1.187   5.179   1.00 11.63 ? 81  TRP A CZ2 1 
ATOM   664 C  CZ3 . TRP A 1 81 ? -9.455  0.942   2.792   1.00 11.99 ? 81  TRP A CZ3 1 
ATOM   665 C  CH2 . TRP A 1 81 ? -10.257 0.743   3.940   1.00 12.44 ? 81  TRP A CH2 1 
ATOM   666 N  N   . ARG A 1 82 ? -8.051  4.881   2.320   1.00 9.72  ? 82  ARG A N   1 
ATOM   667 C  CA  . ARG A 1 82 ? -9.144  4.833   1.348   1.00 10.97 ? 82  ARG A CA  1 
ATOM   668 C  C   . ARG A 1 82 ? -8.756  5.627   0.107   1.00 9.78  ? 82  ARG A C   1 
ATOM   669 O  O   . ARG A 1 82 ? -9.039  5.212   -1.015  1.00 9.62  ? 82  ARG A O   1 
ATOM   670 C  CB  . ARG A 1 82 ? -10.428 5.410   1.951   1.00 12.02 ? 82  ARG A CB  1 
ATOM   671 C  CG  . ARG A 1 82 ? -11.097 4.506   2.954   1.00 16.37 ? 82  ARG A CG  1 
ATOM   672 C  CD  . ARG A 1 82 ? -11.786 3.347   2.259   1.00 22.38 ? 82  ARG A CD  1 
ATOM   673 N  NE  . ARG A 1 82 ? -12.702 2.655   3.162   1.00 26.87 ? 82  ARG A NE  1 
ATOM   674 C  CZ  . ARG A 1 82 ? -13.312 1.510   2.873   1.00 29.04 ? 82  ARG A CZ  1 
ATOM   675 N  NH1 . ARG A 1 82 ? -13.108 0.920   1.700   1.00 29.98 ? 82  ARG A NH1 1 
ATOM   676 N  NH2 . ARG A 1 82 ? -14.117 0.950   3.766   1.00 31.77 ? 82  ARG A NH2 1 
ATOM   677 N  N   . SER A 1 83 ? -8.099  6.767   0.306   1.00 10.72 ? 83  SER A N   1 
ATOM   678 C  CA  . SER A 1 83 ? -7.664  7.604   -0.812  1.00 10.06 ? 83  SER A CA  1 
ATOM   679 C  C   . SER A 1 83 ? -6.571  6.919   -1.626  1.00 9.48  ? 83  SER A C   1 
ATOM   680 O  O   . SER A 1 83 ? -6.583  6.950   -2.865  1.00 8.36  ? 83  SER A O   1 
ATOM   681 C  CB  . SER A 1 83 ? -7.142  8.950   -0.294  1.00 12.34 ? 83  SER A CB  1 
ATOM   682 O  OG  . SER A 1 83 ? -6.559  9.705   -1.341  1.00 14.88 ? 83  SER A OG  1 
ATOM   683 N  N   . LEU A 1 84 ? -5.622  6.302   -0.925  1.00 7.50  ? 84  LEU A N   1 
ATOM   684 C  CA  . LEU A 1 84 ? -4.522  5.608   -1.584  1.00 8.45  ? 84  LEU A CA  1 
ATOM   685 C  C   . LEU A 1 84 ? -5.049  4.431   -2.401  1.00 9.30  ? 84  LEU A C   1 
ATOM   686 O  O   . LEU A 1 84 ? -4.600  4.183   -3.512  1.00 10.16 ? 84  LEU A O   1 
ATOM   687 C  CB  . LEU A 1 84 ? -3.521  5.105   -0.542  1.00 10.27 ? 84  LEU A CB  1 
ATOM   688 C  CG  . LEU A 1 84 ? -2.207  4.532   -1.064  1.00 13.25 ? 84  LEU A CG  1 
ATOM   689 C  CD1 . LEU A 1 84 ? -1.507  5.551   -1.968  1.00 14.89 ? 84  LEU A CD1 1 
ATOM   690 C  CD2 . LEU A 1 84 ? -1.316  4.182   0.137   1.00 15.27 ? 84  LEU A CD2 1 
ATOM   691 N  N   . LEU A 1 85 ? -5.996  3.695   -1.834  1.00 8.42  ? 85  LEU A N   1 
ATOM   692 C  CA  . LEU A 1 85 ? -6.590  2.553   -2.528  1.00 7.32  ? 85  LEU A CA  1 
ATOM   693 C  C   . LEU A 1 85 ? -7.358  3.066   -3.747  1.00 6.82  ? 85  LEU A C   1 
ATOM   694 O  O   . LEU A 1 85 ? -7.329  2.445   -4.812  1.00 6.30  ? 85  LEU A O   1 
ATOM   695 C  CB  . LEU A 1 85 ? -7.527  1.803   -1.581  1.00 6.87  ? 85  LEU A CB  1 
ATOM   696 C  CG  . LEU A 1 85 ? -8.426  0.707   -2.162  1.00 6.19  ? 85  LEU A CG  1 
ATOM   697 C  CD1 . LEU A 1 85 ? -7.606  -0.433  -2.713  1.00 6.73  ? 85  LEU A CD1 1 
ATOM   698 C  CD2 . LEU A 1 85 ? -9.341  0.197   -1.056  1.00 8.36  ? 85  LEU A CD2 1 
ATOM   699 N  N   . GLN A 1 86 ? -8.048  4.195   -3.588  1.00 7.04  ? 86  GLN A N   1 
ATOM   700 C  CA  . GLN A 1 86 ? -8.795  4.796   -4.699  1.00 7.73  ? 86  GLN A CA  1 
ATOM   701 C  C   . GLN A 1 86 ? -7.836  5.139   -5.834  1.00 9.28  ? 86  GLN A C   1 
ATOM   702 O  O   . GLN A 1 86 ? -8.124  4.861   -7.001  1.00 7.30  ? 86  GLN A O   1 
ATOM   703 C  CB  . GLN A 1 86 ? -9.509  6.067   -4.236  1.00 9.66  ? 86  GLN A CB  1 
ATOM   704 C  CG  . GLN A 1 86 ? -10.231 6.840   -5.348  1.00 11.03 ? 86  GLN A CG  1 
ATOM   705 C  CD  . GLN A 1 86 ? -10.994 8.030   -4.800  1.00 12.56 ? 86  GLN A CD  1 
ATOM   706 O  OE1 . GLN A 1 86 ? -10.399 9.018   -4.369  1.00 17.50 ? 86  GLN A OE1 1 
ATOM   707 N  NE2 . GLN A 1 86 ? -12.312 7.932   -4.791  1.00 13.54 ? 86  GLN A NE2 1 
ATOM   708 N  N   . GLU A 1 87 ? -6.691  5.731   -5.494  1.00 9.12  ? 87  GLU A N   1 
ATOM   709 C  CA  . GLU A 1 87 ? -5.713  6.097   -6.513  1.00 11.18 ? 87  GLU A CA  1 
ATOM   710 C  C   . GLU A 1 87 ? -5.156  4.854   -7.209  1.00 10.07 ? 87  GLU A C   1 
ATOM   711 O  O   . GLU A 1 87 ? -5.077  4.804   -8.441  1.00 8.64  ? 87  GLU A O   1 
ATOM   712 C  CB  . GLU A 1 87 ? -4.555  6.916   -5.923  1.00 11.00 ? 87  GLU A CB  1 
ATOM   713 C  CG  . GLU A 1 87 ? -3.521  7.325   -7.004  1.00 15.42 ? 87  GLU A CG  1 
ATOM   714 C  CD  . GLU A 1 87 ? -2.261  7.971   -6.443  1.00 19.21 ? 87  GLU A CD  1 
ATOM   715 O  OE1 . GLU A 1 87 ? -1.214  7.918   -7.127  1.00 19.84 ? 87  GLU A OE1 1 
ATOM   716 O  OE2 . GLU A 1 87 ? -2.310  8.541   -5.327  1.00 23.24 ? 87  GLU A OE2 1 
ATOM   717 N  N   . ALA A 1 88 ? -4.769  3.852   -6.422  1.00 10.71 ? 88  ALA A N   1 
ATOM   718 C  CA  . ALA A 1 88 ? -4.237  2.614   -6.995  1.00 10.46 ? 88  ALA A CA  1 
ATOM   719 C  C   . ALA A 1 88 ? -5.244  2.002   -7.961  1.00 9.01  ? 88  ALA A C   1 
ATOM   720 O  O   . ALA A 1 88 ? -4.886  1.588   -9.071  1.00 9.42  ? 88  ALA A O   1 
ATOM   721 C  CB  . ALA A 1 88 ? -3.917  1.614   -5.891  1.00 10.43 ? 88  ALA A CB  1 
ATOM   722 N  N   . ARG A 1 89 ? -6.501  1.925   -7.535  1.00 9.29  ? 89  ARG A N   1 
ATOM   723 C  CA  . ARG A 1 89 ? -7.543  1.363   -8.384  1.00 9.78  ? 89  ARG A CA  1 
ATOM   724 C  C   . ARG A 1 89 ? -7.631  2.109   -9.707  1.00 9.37  ? 89  ARG A C   1 
ATOM   725 O  O   . ARG A 1 89 ? -7.693  1.496   -10.772 1.00 10.83 ? 89  ARG A O   1 
ATOM   726 C  CB  . ARG A 1 89 ? -8.893  1.407   -7.671  1.00 10.92 ? 89  ARG A CB  1 
ATOM   727 C  CG  . ARG A 1 89 ? -9.096  0.291   -6.661  1.00 11.41 ? 89  ARG A CG  1 
ATOM   728 C  CD  . ARG A 1 89 ? -10.330 0.559   -5.804  1.00 15.55 ? 89  ARG A CD  1 
ATOM   729 N  NE  . ARG A 1 89 ? -10.650 -0.578  -4.944  1.00 19.14 ? 89  ARG A NE  1 
ATOM   730 C  CZ  . ARG A 1 89 ? -11.485 -0.528  -3.912  1.00 19.89 ? 89  ARG A CZ  1 
ATOM   731 N  NH1 . ARG A 1 89 ? -12.087 0.611   -3.598  1.00 20.55 ? 89  ARG A NH1 1 
ATOM   732 N  NH2 . ARG A 1 89 ? -11.738 -1.622  -3.205  1.00 21.56 ? 89  ARG A NH2 1 
ATOM   733 N  N   . ARG A 1 90 ? -7.626  3.432   -9.654  1.00 11.38 ? 90  ARG A N   1 
ATOM   734 C  CA  . ARG A 1 90 ? -7.709  4.204   -10.885 1.00 13.19 ? 90  ARG A CA  1 
ATOM   735 C  C   . ARG A 1 90 ? -6.504  3.971   -11.780 1.00 13.36 ? 90  ARG A C   1 
ATOM   736 O  O   . ARG A 1 90 ? -6.664  3.765   -12.991 1.00 13.52 ? 90  ARG A O   1 
ATOM   737 C  CB  . ARG A 1 90 ? -7.888  5.685   -10.563 1.00 14.53 ? 90  ARG A CB  1 
ATOM   738 C  CG  . ARG A 1 90 ? -9.278  5.965   -10.070 1.00 19.33 ? 90  ARG A CG  1 
ATOM   739 C  CD  . ARG A 1 90 ? -9.455  7.389   -9.593  1.00 23.08 ? 90  ARG A CD  1 
ATOM   740 N  NE  . ARG A 1 90 ? -10.832 7.618   -9.161  1.00 23.61 ? 90  ARG A NE  1 
ATOM   741 C  CZ  . ARG A 1 90 ? -11.194 8.632   -8.387  1.00 26.21 ? 90  ARG A CZ  1 
ATOM   742 N  NH1 . ARG A 1 90 ? -10.280 9.495   -7.972  1.00 25.14 ? 90  ARG A NH1 1 
ATOM   743 N  NH2 . ARG A 1 90 ? -12.458 8.776   -8.018  1.00 26.55 ? 90  ARG A NH2 1 
ATOM   744 N  N   . ARG A 1 91 ? -5.306  3.960   -11.198 1.00 12.59 ? 91  ARG A N   1 
ATOM   745 C  CA  . ARG A 1 91 ? -4.101  3.718   -11.987 1.00 14.15 ? 91  ARG A CA  1 
ATOM   746 C  C   . ARG A 1 91 ? -4.097  2.330   -12.636 1.00 14.35 ? 91  ARG A C   1 
ATOM   747 O  O   . ARG A 1 91 ? -3.507  2.139   -13.699 1.00 15.39 ? 91  ARG A O   1 
ATOM   748 C  CB  . ARG A 1 91 ? -2.845  3.883   -11.129 1.00 14.58 ? 91  ARG A CB  1 
ATOM   749 C  CG  . ARG A 1 91 ? -2.512  5.340   -10.806 1.00 16.64 ? 91  ARG A CG  1 
ATOM   750 C  CD  . ARG A 1 91 ? -1.214  5.469   -10.019 1.00 17.71 ? 91  ARG A CD  1 
ATOM   751 N  NE  . ARG A 1 91 ? -0.898  6.867   -9.733  1.00 18.79 ? 91  ARG A NE  1 
ATOM   752 C  CZ  . ARG A 1 91 ? -0.404  7.718   -10.624 1.00 20.32 ? 91  ARG A CZ  1 
ATOM   753 N  NH1 . ARG A 1 91 ? -0.155  7.315   -11.861 1.00 19.79 ? 91  ARG A NH1 1 
ATOM   754 N  NH2 . ARG A 1 91 ? -0.169  8.981   -10.278 1.00 22.01 ? 91  ARG A NH2 1 
ATOM   755 N  N   . LEU A 1 92 ? -4.748  1.367   -11.992 1.00 14.74 ? 92  LEU A N   1 
ATOM   756 C  CA  . LEU A 1 92 ? -4.804  0.008   -12.511 1.00 13.38 ? 92  LEU A CA  1 
ATOM   757 C  C   . LEU A 1 92 ? -5.978  -0.215  -13.447 1.00 14.87 ? 92  LEU A C   1 
ATOM   758 O  O   . LEU A 1 92 ? -6.080  -1.265  -14.089 1.00 14.55 ? 92  LEU A O   1 
ATOM   759 C  CB  . LEU A 1 92 ? -4.876  -0.994  -11.356 1.00 12.41 ? 92  LEU A CB  1 
ATOM   760 C  CG  . LEU A 1 92 ? -3.650  -1.026  -10.442 1.00 13.59 ? 92  LEU A CG  1 
ATOM   761 C  CD1 . LEU A 1 92 ? -3.903  -1.950  -9.249  1.00 13.90 ? 92  LEU A CD1 1 
ATOM   762 C  CD2 . LEU A 1 92 ? -2.444  -1.479  -11.231 1.00 14.57 ? 92  LEU A CD2 1 
ATOM   763 N  N   . GLY A 1 93 ? -6.859  0.772   -13.529 1.00 16.01 ? 93  GLY A N   1 
ATOM   764 C  CA  . GLY A 1 93 ? -8.035  0.651   -14.374 1.00 21.07 ? 93  GLY A CA  1 
ATOM   765 C  C   . GLY A 1 93 ? -9.040  -0.285  -13.731 1.00 23.87 ? 93  GLY A C   1 
ATOM   766 O  O   . GLY A 1 93 ? -9.901  -0.847  -14.407 1.00 24.61 ? 93  GLY A O   1 
ATOM   767 N  N   . ALA A 1 94 ? -8.931  -0.442  -12.415 1.00 27.14 ? 94  ALA A N   1 
ATOM   768 C  CA  . ALA A 1 94 ? -9.810  -1.325  -11.654 1.00 30.66 ? 94  ALA A CA  1 
ATOM   769 C  C   . ALA A 1 94 ? -11.013 -0.596  -11.055 1.00 33.13 ? 94  ALA A C   1 
ATOM   770 O  O   . ALA A 1 94 ? -12.131 -0.782  -11.580 1.00 35.10 ? 94  ALA A O   1 
ATOM   771 C  CB  . ALA A 1 94 ? -9.013  -2.005  -10.549 1.00 30.93 ? 94  ALA A CB  1 
ATOM   772 O  OXT . ALA A 1 94 ? -10.828 0.157   -10.071 1.00 36.76 ? 94  ALA A OXT 1 
HETATM 773 O  O   . HOH B 2 .  ? -7.389  9.059   -4.529  1.00 11.12 ? 95  HOH A O   1 
HETATM 774 O  O   . HOH B 2 .  ? -0.659  0.230   -16.723 1.00 17.73 ? 96  HOH A O   1 
HETATM 775 O  O   . HOH B 2 .  ? -0.613  -8.841  -9.116  1.00 13.10 ? 97  HOH A O   1 
HETATM 776 O  O   . HOH B 2 .  ? 0.031   -9.334  6.984   1.00 18.15 ? 98  HOH A O   1 
HETATM 777 O  O   . HOH B 2 .  ? 7.646   13.208  -3.955  1.00 12.11 ? 99  HOH A O   1 
HETATM 778 O  O   . HOH B 2 .  ? 2.435   -9.771  -11.774 1.00 15.64 ? 100 HOH A O   1 
HETATM 779 O  O   . HOH B 2 .  ? 13.081  -3.834  3.838   1.00 10.45 ? 101 HOH A O   1 
HETATM 780 O  O   . HOH B 2 .  ? 11.076  2.145   -6.650  1.00 17.03 ? 102 HOH A O   1 
HETATM 781 O  O   . HOH B 2 .  ? -14.416 -0.040  -11.253 1.00 15.54 ? 103 HOH A O   1 
HETATM 782 O  O   . HOH B 2 .  ? -1.021  10.689  5.887   1.00 26.80 ? 104 HOH A O   1 
HETATM 783 O  O   . HOH B 2 .  ? -9.498  3.777   -14.058 1.00 26.31 ? 105 HOH A O   1 
HETATM 784 O  O   . HOH B 2 .  ? 8.469   -9.084  -10.526 1.00 22.29 ? 106 HOH A O   1 
HETATM 785 O  O   . HOH B 2 .  ? 1.101   -3.107  15.658  1.00 11.12 ? 107 HOH A O   1 
HETATM 786 O  O   . HOH B 2 .  ? 1.046   -1.512  -17.824 1.00 25.07 ? 108 HOH A O   1 
HETATM 787 O  O   . HOH B 2 .  ? -3.207  10.253  4.478   1.00 19.69 ? 109 HOH A O   1 
HETATM 788 O  O   . HOH B 2 .  ? -10.143 -9.349  -2.146  1.00 18.64 ? 110 HOH A O   1 
HETATM 789 O  O   . HOH B 2 .  ? 12.212  1.444   6.730   1.00 11.71 ? 111 HOH A O   1 
HETATM 790 O  O   . HOH B 2 .  ? -2.892  -8.794  11.206  1.00 18.23 ? 112 HOH A O   1 
HETATM 791 O  O   . HOH B 2 .  ? -2.194  13.839  6.302   1.00 23.60 ? 113 HOH A O   1 
HETATM 792 O  O   . HOH B 2 .  ? -0.138  4.908   -13.411 1.00 29.50 ? 114 HOH A O   1 
HETATM 793 O  O   . HOH B 2 .  ? 6.804   -11.005 -9.723  1.00 24.89 ? 115 HOH A O   1 
HETATM 794 O  O   . HOH B 2 .  ? -11.463 -7.977  -4.071  1.00 30.58 ? 116 HOH A O   1 
HETATM 795 O  O   . HOH B 2 .  ? 9.365   12.723  10.655  1.00 13.14 ? 117 HOH A O   1 
HETATM 796 O  O   . HOH B 2 .  ? -10.981 4.484   -8.161  1.00 18.55 ? 118 HOH A O   1 
HETATM 797 O  O   . HOH B 2 .  ? 4.459   -8.875  2.689   1.00 23.26 ? 119 HOH A O   1 
HETATM 798 O  O   . HOH B 2 .  ? 2.650   7.651   -8.395  1.00 17.47 ? 120 HOH A O   1 
HETATM 799 O  O   . HOH B 2 .  ? -10.718 10.308  1.871   1.00 20.25 ? 121 HOH A O   1 
HETATM 800 O  O   . HOH B 2 .  ? 8.102   14.261  7.190   1.00 29.01 ? 122 HOH A O   1 
HETATM 801 O  O   . HOH B 2 .  ? 8.632   0.886   -8.865  1.00 19.02 ? 123 HOH A O   1 
HETATM 802 O  O   . HOH B 2 .  ? -14.339 9.695   -4.542  1.00 12.61 ? 124 HOH A O   1 
HETATM 803 O  O   . HOH B 2 .  ? 13.231  10.352  -6.538  1.00 19.64 ? 125 HOH A O   1 
HETATM 804 O  O   . HOH B 2 .  ? 2.102   1.246   -12.656 1.00 16.73 ? 126 HOH A O   1 
HETATM 805 O  O   . HOH B 2 .  ? -13.288 4.339   10.134  1.00 19.32 ? 127 HOH A O   1 
HETATM 806 O  O   . HOH B 2 .  ? 4.951   -1.419  12.961  1.00 19.80 ? 128 HOH A O   1 
HETATM 807 O  O   . HOH B 2 .  ? -14.450 2.178   -9.855  1.00 30.06 ? 129 HOH A O   1 
HETATM 808 O  O   . HOH B 2 .  ? -3.214  -14.607 -4.727  1.00 26.08 ? 130 HOH A O   1 
HETATM 809 O  O   . HOH B 2 .  ? -4.985  -3.922  16.090  1.00 14.82 ? 131 HOH A O   1 
HETATM 810 O  O   . HOH B 2 .  ? -12.026 -10.725 1.412   1.00 32.52 ? 132 HOH A O   1 
HETATM 811 O  O   . HOH B 2 .  ? 4.746   13.353  8.803   1.00 21.17 ? 133 HOH A O   1 
HETATM 812 O  O   . HOH B 2 .  ? -12.985 2.859   7.133   1.00 31.12 ? 134 HOH A O   1 
HETATM 813 O  O   . HOH B 2 .  ? 11.758  -5.088  11.083  1.00 23.54 ? 135 HOH A O   1 
HETATM 814 O  O   . HOH B 2 .  ? 10.139  10.812  0.291   1.00 18.91 ? 136 HOH A O   1 
HETATM 815 O  O   . HOH B 2 .  ? -10.002 -0.757  -17.021 1.00 25.85 ? 137 HOH A O   1 
HETATM 816 O  O   . HOH B 2 .  ? 16.465  2.830   -3.008  1.00 31.07 ? 138 HOH A O   1 
HETATM 817 O  O   . HOH B 2 .  ? -10.730 -3.292  12.356  1.00 27.32 ? 139 HOH A O   1 
HETATM 818 O  O   . HOH B 2 .  ? -13.415 -0.225  6.197   1.00 26.29 ? 140 HOH A O   1 
HETATM 819 O  O   . HOH B 2 .  ? 5.836   -6.114  -7.125  1.00 18.74 ? 141 HOH A O   1 
HETATM 820 O  O   . HOH B 2 .  ? 7.523   -0.734  14.413  1.00 26.25 ? 142 HOH A O   1 
HETATM 821 O  O   . HOH B 2 .  ? 13.415  -1.055  -3.639  1.00 25.49 ? 143 HOH A O   1 
HETATM 822 O  O   . HOH B 2 .  ? -5.195  7.428   12.105  1.00 15.73 ? 144 HOH A O   1 
HETATM 823 O  O   . HOH B 2 .  ? -11.332 2.578   -10.279 1.00 30.37 ? 145 HOH A O   1 
HETATM 824 O  O   . HOH B 2 .  ? 15.860  -0.782  3.392   1.00 31.12 ? 146 HOH A O   1 
HETATM 825 O  O   . HOH B 2 .  ? -12.547 -1.697  13.739  1.00 43.06 ? 147 HOH A O   1 
HETATM 826 O  O   . HOH B 2 .  ? 2.400   -0.863  14.132  1.00 25.65 ? 148 HOH A O   1 
HETATM 827 O  O   . HOH B 2 .  ? 9.777   -9.340  -13.375 1.00 23.94 ? 149 HOH A O   1 
HETATM 828 O  O   . HOH B 2 .  ? -13.693 -1.764  16.822  1.00 28.39 ? 150 HOH A O   1 
HETATM 829 O  O   . HOH B 2 .  ? 7.076   -4.673  -5.266  1.00 22.08 ? 151 HOH A O   1 
HETATM 830 O  O   . HOH B 2 .  ? 13.380  -0.954  -5.988  1.00 27.80 ? 152 HOH A O   1 
HETATM 831 O  O   . HOH B 2 .  ? 15.287  -2.652  4.961   1.00 29.07 ? 153 HOH A O   1 
HETATM 832 O  O   . HOH B 2 .  ? 13.868  3.022   5.475   1.00 19.75 ? 154 HOH A O   1 
HETATM 833 O  O   . HOH B 2 .  ? 2.995   -4.167  17.263  1.00 41.46 ? 155 HOH A O   1 
HETATM 834 O  O   . HOH B 2 .  ? 2.341   -5.823  19.704  1.00 24.32 ? 156 HOH A O   1 
HETATM 835 O  O   . HOH B 2 .  ? -1.161  -2.540  16.962  1.00 32.24 ? 157 HOH A O   1 
HETATM 836 O  O   . HOH B 2 .  ? 1.789   4.075   -11.925 1.00 26.18 ? 158 HOH A O   1 
HETATM 837 O  O   . HOH B 2 .  ? -10.600 -9.920  3.928   1.00 20.86 ? 159 HOH A O   1 
HETATM 838 O  O   . HOH B 2 .  ? -9.990  9.594   6.368   1.00 22.67 ? 160 HOH A O   1 
HETATM 839 O  O   . HOH B 2 .  ? -12.381 3.712   -6.366  1.00 22.47 ? 161 HOH A O   1 
HETATM 840 O  O   . HOH B 2 .  ? -7.191  9.052   -7.584  1.00 14.86 ? 162 HOH A O   1 
HETATM 841 O  O   . HOH B 2 .  ? 6.641   -8.229  1.913   1.00 19.63 ? 163 HOH A O   1 
HETATM 842 O  O   . HOH B 2 .  ? -6.987  -7.573  12.406  1.00 29.50 ? 164 HOH A O   1 
HETATM 843 O  O   . HOH B 2 .  ? 2.436   -10.497 -3.938  1.00 33.71 ? 165 HOH A O   1 
HETATM 844 O  O   . HOH B 2 .  ? 6.365   -7.646  -19.785 1.00 29.03 ? 166 HOH A O   1 
HETATM 845 O  O   . HOH B 2 .  ? 7.498   -10.162 -17.627 1.00 24.48 ? 167 HOH A O   1 
HETATM 846 O  O   . HOH B 2 .  ? 2.384   -12.242 -12.805 1.00 28.35 ? 168 HOH A O   1 
HETATM 847 O  O   . HOH B 2 .  ? 1.303   -10.974 -9.010  1.00 29.67 ? 169 HOH A O   1 
HETATM 848 O  O   . HOH B 2 .  ? 3.441   -14.331 -10.653 1.00 28.92 ? 170 HOH A O   1 
HETATM 849 O  O   . HOH B 2 .  ? -9.164  -7.519  -6.924  1.00 32.10 ? 171 HOH A O   1 
HETATM 850 O  O   . HOH B 2 .  ? -10.577 -9.391  -7.288  1.00 33.85 ? 172 HOH A O   1 
HETATM 851 O  O   . HOH B 2 .  ? -4.870  10.826  7.956   1.00 18.92 ? 173 HOH A O   1 
HETATM 852 O  O   . HOH B 2 .  ? -4.317  4.513   14.260  1.00 17.88 ? 174 HOH A O   1 
HETATM 853 O  O   . HOH B 2 .  ? -11.261 8.803   3.820   1.00 27.91 ? 175 HOH A O   1 
HETATM 854 O  O   . HOH B 2 .  ? -4.695  12.483  4.158   1.00 25.43 ? 176 HOH A O   1 
HETATM 855 O  O   . HOH B 2 .  ? -5.639  8.568   -10.657 1.00 45.31 ? 177 HOH A O   1 
HETATM 856 O  O   . HOH B 2 .  ? -5.133  -9.753  12.379  1.00 37.56 ? 178 HOH A O   1 
HETATM 857 O  O   . HOH B 2 .  ? 5.947   14.861  -2.332  1.00 33.20 ? 179 HOH A O   1 
HETATM 858 O  O   . HOH B 2 .  ? 10.424  6.842   -10.327 1.00 27.57 ? 180 HOH A O   1 
HETATM 859 O  O   . HOH B 2 .  ? 4.423   -1.934  18.371  1.00 36.15 ? 181 HOH A O   1 
HETATM 860 O  O   . HOH B 2 .  ? -2.202  -10.008 8.884   1.00 33.33 ? 182 HOH A O   1 
HETATM 861 O  O   . HOH B 2 .  ? -9.847  6.217   12.479  1.00 29.23 ? 183 HOH A O   1 
HETATM 862 O  O   . HOH B 2 .  ? -13.723 5.885   -5.677  1.00 23.90 ? 184 HOH A O   1 
HETATM 863 O  O   . HOH B 2 .  ? -5.227  10.776  11.098  1.00 38.85 ? 185 HOH A O   1 
HETATM 864 O  O   . HOH B 2 .  ? 0.942   9.764   -7.102  1.00 35.48 ? 186 HOH A O   1 
HETATM 865 O  O   . HOH B 2 .  ? 12.217  8.817   2.180   1.00 38.78 ? 187 HOH A O   1 
HETATM 866 O  O   . HOH B 2 .  ? 10.656  11.037  -2.193  1.00 35.39 ? 188 HOH A O   1 
HETATM 867 O  O   . HOH B 2 .  ? 12.098  9.126   -8.622  1.00 12.96 ? 189 HOH A O   1 
HETATM 868 O  O   . HOH B 2 .  ? 11.592  4.295   -9.371  1.00 28.21 ? 190 HOH A O   1 
HETATM 869 O  O   . HOH B 2 .  ? 14.987  2.930   1.192   1.00 33.87 ? 191 HOH A O   1 
HETATM 870 O  O   . HOH B 2 .  ? 14.542  1.537   3.310   1.00 25.96 ? 192 HOH A O   1 
HETATM 871 O  O   . HOH B 2 .  ? -3.198  2.112   15.269  1.00 33.65 ? 193 HOH A O   1 
HETATM 872 O  O   . HOH B 2 .  ? 11.060  -0.105  13.535  1.00 40.15 ? 194 HOH A O   1 
HETATM 873 O  O   . HOH B 2 .  ? 7.827   13.908  12.409  1.00 35.26 ? 195 HOH A O   1 
HETATM 874 O  O   . HOH B 2 .  ? 1.225   -12.936 5.153   1.00 32.37 ? 196 HOH A O   1 
HETATM 875 O  O   . HOH B 2 .  ? -1.040  14.194  2.596   1.00 40.05 ? 197 HOH A O   1 
HETATM 876 O  O   . HOH B 2 .  ? -5.772  -0.843  15.666  1.00 32.47 ? 198 HOH A O   1 
HETATM 877 O  O   . HOH B 2 .  ? 3.553   -3.791  21.740  1.00 31.38 ? 199 HOH A O   1 
HETATM 878 O  O   . HOH B 2 .  ? -12.706 -1.481  1.158   1.00 40.67 ? 200 HOH A O   1 
HETATM 879 O  O   . HOH B 2 .  ? -4.514  1.362   -16.822 1.00 32.35 ? 201 HOH A O   1 
# 
